data_1EKR
# 
_entry.id   1EKR 
# 
_audit_conform.dict_name       mmcif_pdbx.dic 
_audit_conform.dict_version    5.385 
_audit_conform.dict_location   http://mmcif.pdb.org/dictionaries/ascii/mmcif_pdbx.dic 
# 
loop_
_database_2.database_id 
_database_2.database_code 
_database_2.pdbx_database_accession 
_database_2.pdbx_DOI 
PDB   1EKR         pdb_00001ekr 10.2210/pdb1ekr/pdb 
RCSB  RCSB010683   ?            ?                   
WWPDB D_1000010683 ?            ?                   
# 
loop_
_pdbx_audit_revision_history.ordinal 
_pdbx_audit_revision_history.data_content_type 
_pdbx_audit_revision_history.major_revision 
_pdbx_audit_revision_history.minor_revision 
_pdbx_audit_revision_history.revision_date 
1 'Structure model' 1 0 2000-09-20 
2 'Structure model' 1 1 2008-04-27 
3 'Structure model' 1 2 2011-07-13 
4 'Structure model' 1 3 2018-01-31 
5 'Structure model' 1 4 2021-11-03 
6 'Structure model' 1 5 2024-02-07 
# 
_pdbx_audit_revision_details.ordinal             1 
_pdbx_audit_revision_details.revision_ordinal    1 
_pdbx_audit_revision_details.data_content_type   'Structure model' 
_pdbx_audit_revision_details.provider            repository 
_pdbx_audit_revision_details.type                'Initial release' 
_pdbx_audit_revision_details.description         ? 
_pdbx_audit_revision_details.details             ? 
# 
loop_
_pdbx_audit_revision_group.ordinal 
_pdbx_audit_revision_group.revision_ordinal 
_pdbx_audit_revision_group.data_content_type 
_pdbx_audit_revision_group.group 
1 2 'Structure model' 'Version format compliance' 
2 3 'Structure model' 'Derived calculations'      
3 3 'Structure model' 'Version format compliance' 
4 4 'Structure model' 'Experimental preparation'  
5 5 'Structure model' 'Database references'       
6 6 'Structure model' 'Data collection'           
# 
loop_
_pdbx_audit_revision_category.ordinal 
_pdbx_audit_revision_category.revision_ordinal 
_pdbx_audit_revision_category.data_content_type 
_pdbx_audit_revision_category.category 
1 4 'Structure model' exptl_crystal_grow 
2 5 'Structure model' database_2         
3 5 'Structure model' struct_ref_seq_dif 
4 6 'Structure model' chem_comp_atom     
5 6 'Structure model' chem_comp_bond     
# 
loop_
_pdbx_audit_revision_item.ordinal 
_pdbx_audit_revision_item.revision_ordinal 
_pdbx_audit_revision_item.data_content_type 
_pdbx_audit_revision_item.item 
1 4 'Structure model' '_exptl_crystal_grow.temp'            
2 5 'Structure model' '_database_2.pdbx_DOI'                
3 5 'Structure model' '_database_2.pdbx_database_accession' 
4 5 'Structure model' '_struct_ref_seq_dif.details'         
# 
_pdbx_database_status.status_code                     REL 
_pdbx_database_status.entry_id                        1EKR 
_pdbx_database_status.recvd_initial_deposition_date   2000-03-09 
_pdbx_database_status.deposit_site                    RCSB 
_pdbx_database_status.process_site                    RCSB 
_pdbx_database_status.SG_entry                        . 
_pdbx_database_status.pdb_format_compatible           Y 
_pdbx_database_status.status_code_mr                  ? 
_pdbx_database_status.status_code_sf                  ? 
_pdbx_database_status.status_code_cs                  ? 
_pdbx_database_status.methods_development_category    ? 
_pdbx_database_status.status_code_nmr_data            ? 
# 
_pdbx_database_related.db_name        PDB 
_pdbx_database_related.db_id          1EKS 
_pdbx_database_related.details        'ASP128ALA VARIANT OF MOAC PROTEIN FROM E. COLI' 
_pdbx_database_related.content_type   unspecified 
# 
loop_
_audit_author.name 
_audit_author.pdbx_ordinal 
'Schindelin, H.'    1 
'Liu, M.T.W.'       2 
'Wuebbens, M.M.'    3 
'Rajagopalan, K.V.' 4 
# 
_citation.id                        primary 
_citation.title                     
;Insights into molybdenum cofactor deficiency provided by the crystal structure of the molybdenum cofactor biosynthesis protein MoaC.
;
_citation.journal_abbrev            'Structure Fold.Des.' 
_citation.journal_volume            8 
_citation.page_first                709 
_citation.page_last                 717 
_citation.year                      2000 
_citation.journal_id_ASTM           FODEFH 
_citation.country                   UK 
_citation.journal_id_ISSN           0969-2126 
_citation.journal_id_CSD            1263 
_citation.book_publisher            ? 
_citation.pdbx_database_id_PubMed   10903949 
_citation.pdbx_database_id_DOI      '10.1016/S0969-2126(00)00157-X' 
# 
loop_
_citation_author.citation_id 
_citation_author.name 
_citation_author.ordinal 
_citation_author.identifier_ORCID 
primary 'Wuebbens, M.M.'  1 ? 
primary 'Liu, M.T.'       2 ? 
primary 'Rajagopalan, K.' 3 ? 
primary 'Schindelin, H.'  4 ? 
# 
loop_
_entity.id 
_entity.type 
_entity.src_method 
_entity.pdbx_description 
_entity.formula_weight 
_entity.pdbx_number_of_molecules 
_entity.pdbx_ec 
_entity.pdbx_mutation 
_entity.pdbx_fragment 
_entity.details 
1 polymer man 'MOLYBDENUM COFACTOR BIOSYNTHESIS PROTEIN C' 17477.277 1  ? S2A ? ? 
2 water   nat water                                        18.015    41 ? ?   ? ? 
# 
_entity_poly.entity_id                      1 
_entity_poly.type                           'polypeptide(L)' 
_entity_poly.nstd_linkage                   no 
_entity_poly.nstd_monomer                   no 
_entity_poly.pdbx_seq_one_letter_code       
;MAQLTHINAAGEAHMVDVSAKAETVREARAEAFVTMRSETLAMIIDGRHHKGDVFATARIAGIQAAKRTWDLIPLCHPLM
LSKVEVNLQAEPEHNRVRIETLCRLTGKTGVEMEALTAASVAALTIYDMCKAVQKDMVIGPVRLLAKSGGKSGDFKVEAD
D
;
_entity_poly.pdbx_seq_one_letter_code_can   
;MAQLTHINAAGEAHMVDVSAKAETVREARAEAFVTMRSETLAMIIDGRHHKGDVFATARIAGIQAAKRTWDLIPLCHPLM
LSKVEVNLQAEPEHNRVRIETLCRLTGKTGVEMEALTAASVAALTIYDMCKAVQKDMVIGPVRLLAKSGGKSGDFKVEAD
D
;
_entity_poly.pdbx_strand_id                 A 
_entity_poly.pdbx_target_identifier         ? 
# 
_pdbx_entity_nonpoly.entity_id   2 
_pdbx_entity_nonpoly.name        water 
_pdbx_entity_nonpoly.comp_id     HOH 
# 
loop_
_entity_poly_seq.entity_id 
_entity_poly_seq.num 
_entity_poly_seq.mon_id 
_entity_poly_seq.hetero 
1 1   MET n 
1 2   ALA n 
1 3   GLN n 
1 4   LEU n 
1 5   THR n 
1 6   HIS n 
1 7   ILE n 
1 8   ASN n 
1 9   ALA n 
1 10  ALA n 
1 11  GLY n 
1 12  GLU n 
1 13  ALA n 
1 14  HIS n 
1 15  MET n 
1 16  VAL n 
1 17  ASP n 
1 18  VAL n 
1 19  SER n 
1 20  ALA n 
1 21  LYS n 
1 22  ALA n 
1 23  GLU n 
1 24  THR n 
1 25  VAL n 
1 26  ARG n 
1 27  GLU n 
1 28  ALA n 
1 29  ARG n 
1 30  ALA n 
1 31  GLU n 
1 32  ALA n 
1 33  PHE n 
1 34  VAL n 
1 35  THR n 
1 36  MET n 
1 37  ARG n 
1 38  SER n 
1 39  GLU n 
1 40  THR n 
1 41  LEU n 
1 42  ALA n 
1 43  MET n 
1 44  ILE n 
1 45  ILE n 
1 46  ASP n 
1 47  GLY n 
1 48  ARG n 
1 49  HIS n 
1 50  HIS n 
1 51  LYS n 
1 52  GLY n 
1 53  ASP n 
1 54  VAL n 
1 55  PHE n 
1 56  ALA n 
1 57  THR n 
1 58  ALA n 
1 59  ARG n 
1 60  ILE n 
1 61  ALA n 
1 62  GLY n 
1 63  ILE n 
1 64  GLN n 
1 65  ALA n 
1 66  ALA n 
1 67  LYS n 
1 68  ARG n 
1 69  THR n 
1 70  TRP n 
1 71  ASP n 
1 72  LEU n 
1 73  ILE n 
1 74  PRO n 
1 75  LEU n 
1 76  CYS n 
1 77  HIS n 
1 78  PRO n 
1 79  LEU n 
1 80  MET n 
1 81  LEU n 
1 82  SER n 
1 83  LYS n 
1 84  VAL n 
1 85  GLU n 
1 86  VAL n 
1 87  ASN n 
1 88  LEU n 
1 89  GLN n 
1 90  ALA n 
1 91  GLU n 
1 92  PRO n 
1 93  GLU n 
1 94  HIS n 
1 95  ASN n 
1 96  ARG n 
1 97  VAL n 
1 98  ARG n 
1 99  ILE n 
1 100 GLU n 
1 101 THR n 
1 102 LEU n 
1 103 CYS n 
1 104 ARG n 
1 105 LEU n 
1 106 THR n 
1 107 GLY n 
1 108 LYS n 
1 109 THR n 
1 110 GLY n 
1 111 VAL n 
1 112 GLU n 
1 113 MET n 
1 114 GLU n 
1 115 ALA n 
1 116 LEU n 
1 117 THR n 
1 118 ALA n 
1 119 ALA n 
1 120 SER n 
1 121 VAL n 
1 122 ALA n 
1 123 ALA n 
1 124 LEU n 
1 125 THR n 
1 126 ILE n 
1 127 TYR n 
1 128 ASP n 
1 129 MET n 
1 130 CYS n 
1 131 LYS n 
1 132 ALA n 
1 133 VAL n 
1 134 GLN n 
1 135 LYS n 
1 136 ASP n 
1 137 MET n 
1 138 VAL n 
1 139 ILE n 
1 140 GLY n 
1 141 PRO n 
1 142 VAL n 
1 143 ARG n 
1 144 LEU n 
1 145 LEU n 
1 146 ALA n 
1 147 LYS n 
1 148 SER n 
1 149 GLY n 
1 150 GLY n 
1 151 LYS n 
1 152 SER n 
1 153 GLY n 
1 154 ASP n 
1 155 PHE n 
1 156 LYS n 
1 157 VAL n 
1 158 GLU n 
1 159 ALA n 
1 160 ASP n 
1 161 ASP n 
# 
_entity_src_gen.entity_id                          1 
_entity_src_gen.pdbx_src_id                        1 
_entity_src_gen.pdbx_alt_source_flag               sample 
_entity_src_gen.pdbx_seq_type                      ? 
_entity_src_gen.pdbx_beg_seq_num                   ? 
_entity_src_gen.pdbx_end_seq_num                   ? 
_entity_src_gen.gene_src_common_name               ? 
_entity_src_gen.gene_src_genus                     Escherichia 
_entity_src_gen.pdbx_gene_src_gene                 ? 
_entity_src_gen.gene_src_species                   ? 
_entity_src_gen.gene_src_strain                    ? 
_entity_src_gen.gene_src_tissue                    ? 
_entity_src_gen.gene_src_tissue_fraction           ? 
_entity_src_gen.gene_src_details                   ? 
_entity_src_gen.pdbx_gene_src_fragment             ? 
_entity_src_gen.pdbx_gene_src_scientific_name      'Escherichia coli' 
_entity_src_gen.pdbx_gene_src_ncbi_taxonomy_id     562 
_entity_src_gen.pdbx_gene_src_variant              ? 
_entity_src_gen.pdbx_gene_src_cell_line            ? 
_entity_src_gen.pdbx_gene_src_atcc                 ? 
_entity_src_gen.pdbx_gene_src_organ                ? 
_entity_src_gen.pdbx_gene_src_organelle            ? 
_entity_src_gen.pdbx_gene_src_cell                 ? 
_entity_src_gen.pdbx_gene_src_cellular_location    ? 
_entity_src_gen.host_org_common_name               ? 
_entity_src_gen.pdbx_host_org_scientific_name      'Escherichia coli' 
_entity_src_gen.pdbx_host_org_ncbi_taxonomy_id     562 
_entity_src_gen.host_org_genus                     Escherichia 
_entity_src_gen.pdbx_host_org_gene                 ? 
_entity_src_gen.pdbx_host_org_organ                ? 
_entity_src_gen.host_org_species                   ? 
_entity_src_gen.pdbx_host_org_tissue               ? 
_entity_src_gen.pdbx_host_org_tissue_fraction      ? 
_entity_src_gen.pdbx_host_org_strain               ? 
_entity_src_gen.pdbx_host_org_variant              ? 
_entity_src_gen.pdbx_host_org_cell_line            ? 
_entity_src_gen.pdbx_host_org_atcc                 ? 
_entity_src_gen.pdbx_host_org_culture_collection   ? 
_entity_src_gen.pdbx_host_org_cell                 ? 
_entity_src_gen.pdbx_host_org_organelle            ? 
_entity_src_gen.pdbx_host_org_cellular_location    CYTOSOL 
_entity_src_gen.pdbx_host_org_vector_type          PLASMID 
_entity_src_gen.pdbx_host_org_vector               ? 
_entity_src_gen.host_org_details                   ? 
_entity_src_gen.expression_system_id               ? 
_entity_src_gen.plasmid_name                       'PET 15B' 
_entity_src_gen.plasmid_details                    ? 
_entity_src_gen.pdbx_description                   ? 
# 
loop_
_chem_comp.id 
_chem_comp.type 
_chem_comp.mon_nstd_flag 
_chem_comp.name 
_chem_comp.pdbx_synonyms 
_chem_comp.formula 
_chem_comp.formula_weight 
ALA 'L-peptide linking' y ALANINE         ? 'C3 H7 N O2'     89.093  
ARG 'L-peptide linking' y ARGININE        ? 'C6 H15 N4 O2 1' 175.209 
ASN 'L-peptide linking' y ASPARAGINE      ? 'C4 H8 N2 O3'    132.118 
ASP 'L-peptide linking' y 'ASPARTIC ACID' ? 'C4 H7 N O4'     133.103 
CYS 'L-peptide linking' y CYSTEINE        ? 'C3 H7 N O2 S'   121.158 
GLN 'L-peptide linking' y GLUTAMINE       ? 'C5 H10 N2 O3'   146.144 
GLU 'L-peptide linking' y 'GLUTAMIC ACID' ? 'C5 H9 N O4'     147.129 
GLY 'peptide linking'   y GLYCINE         ? 'C2 H5 N O2'     75.067  
HIS 'L-peptide linking' y HISTIDINE       ? 'C6 H10 N3 O2 1' 156.162 
HOH non-polymer         . WATER           ? 'H2 O'           18.015  
ILE 'L-peptide linking' y ISOLEUCINE      ? 'C6 H13 N O2'    131.173 
LEU 'L-peptide linking' y LEUCINE         ? 'C6 H13 N O2'    131.173 
LYS 'L-peptide linking' y LYSINE          ? 'C6 H15 N2 O2 1' 147.195 
MET 'L-peptide linking' y METHIONINE      ? 'C5 H11 N O2 S'  149.211 
PHE 'L-peptide linking' y PHENYLALANINE   ? 'C9 H11 N O2'    165.189 
PRO 'L-peptide linking' y PROLINE         ? 'C5 H9 N O2'     115.130 
SER 'L-peptide linking' y SERINE          ? 'C3 H7 N O3'     105.093 
THR 'L-peptide linking' y THREONINE       ? 'C4 H9 N O3'     119.119 
TRP 'L-peptide linking' y TRYPTOPHAN      ? 'C11 H12 N2 O2'  204.225 
TYR 'L-peptide linking' y TYROSINE        ? 'C9 H11 N O3'    181.189 
VAL 'L-peptide linking' y VALINE          ? 'C5 H11 N O2'    117.146 
# 
loop_
_pdbx_poly_seq_scheme.asym_id 
_pdbx_poly_seq_scheme.entity_id 
_pdbx_poly_seq_scheme.seq_id 
_pdbx_poly_seq_scheme.mon_id 
_pdbx_poly_seq_scheme.ndb_seq_num 
_pdbx_poly_seq_scheme.pdb_seq_num 
_pdbx_poly_seq_scheme.auth_seq_num 
_pdbx_poly_seq_scheme.pdb_mon_id 
_pdbx_poly_seq_scheme.auth_mon_id 
_pdbx_poly_seq_scheme.pdb_strand_id 
_pdbx_poly_seq_scheme.pdb_ins_code 
_pdbx_poly_seq_scheme.hetero 
A 1 1   MET 1   1   ?   ?   ?   A . n 
A 1 2   ALA 2   2   ?   ?   ?   A . n 
A 1 3   GLN 3   3   ?   ?   ?   A . n 
A 1 4   LEU 4   4   ?   ?   ?   A . n 
A 1 5   THR 5   5   ?   ?   ?   A . n 
A 1 6   HIS 6   6   ?   ?   ?   A . n 
A 1 7   ILE 7   7   ?   ?   ?   A . n 
A 1 8   ASN 8   8   ?   ?   ?   A . n 
A 1 9   ALA 9   9   ?   ?   ?   A . n 
A 1 10  ALA 10  10  ?   ?   ?   A . n 
A 1 11  GLY 11  11  11  GLY GLY A . n 
A 1 12  GLU 12  12  12  GLU GLU A . n 
A 1 13  ALA 13  13  13  ALA ALA A . n 
A 1 14  HIS 14  14  14  HIS HIS A . n 
A 1 15  MET 15  15  15  MET MET A . n 
A 1 16  VAL 16  16  16  VAL VAL A . n 
A 1 17  ASP 17  17  17  ASP ASN A . n 
A 1 18  VAL 18  18  18  VAL VAL A . n 
A 1 19  SER 19  19  19  SER SER A . n 
A 1 20  ALA 20  20  20  ALA ALA A . n 
A 1 21  LYS 21  21  21  LYS LYS A . n 
A 1 22  ALA 22  22  22  ALA ALA A . n 
A 1 23  GLU 23  23  23  GLU GLU A . n 
A 1 24  THR 24  24  24  THR THR A . n 
A 1 25  VAL 25  25  25  VAL VAL A . n 
A 1 26  ARG 26  26  26  ARG ARG A . n 
A 1 27  GLU 27  27  27  GLU GLU A . n 
A 1 28  ALA 28  28  28  ALA ALA A . n 
A 1 29  ARG 29  29  29  ARG ARG A . n 
A 1 30  ALA 30  30  30  ALA ALA A . n 
A 1 31  GLU 31  31  31  GLU GLU A . n 
A 1 32  ALA 32  32  32  ALA ALA A . n 
A 1 33  PHE 33  33  33  PHE PHE A . n 
A 1 34  VAL 34  34  34  VAL VAL A . n 
A 1 35  THR 35  35  35  THR THR A . n 
A 1 36  MET 36  36  36  MET MET A . n 
A 1 37  ARG 37  37  37  ARG ARG A . n 
A 1 38  SER 38  38  38  SER SER A . n 
A 1 39  GLU 39  39  39  GLU GLU A . n 
A 1 40  THR 40  40  40  THR THR A . n 
A 1 41  LEU 41  41  41  LEU LEU A . n 
A 1 42  ALA 42  42  42  ALA ALA A . n 
A 1 43  MET 43  43  43  MET MET A . n 
A 1 44  ILE 44  44  44  ILE ILE A . n 
A 1 45  ILE 45  45  45  ILE ILE A . n 
A 1 46  ASP 46  46  46  ASP ASP A . n 
A 1 47  GLY 47  47  47  GLY GLY A . n 
A 1 48  ARG 48  48  48  ARG ARG A . n 
A 1 49  HIS 49  49  49  HIS HIS A . n 
A 1 50  HIS 50  50  50  HIS HIS A . n 
A 1 51  LYS 51  51  51  LYS LYS A . n 
A 1 52  GLY 52  52  52  GLY GLY A . n 
A 1 53  ASP 53  53  53  ASP ASP A . n 
A 1 54  VAL 54  54  54  VAL VAL A . n 
A 1 55  PHE 55  55  55  PHE PHE A . n 
A 1 56  ALA 56  56  56  ALA ALA A . n 
A 1 57  THR 57  57  57  THR THR A . n 
A 1 58  ALA 58  58  58  ALA ALA A . n 
A 1 59  ARG 59  59  59  ARG ARG A . n 
A 1 60  ILE 60  60  60  ILE ILE A . n 
A 1 61  ALA 61  61  61  ALA ALA A . n 
A 1 62  GLY 62  62  62  GLY GLY A . n 
A 1 63  ILE 63  63  63  ILE ILE A . n 
A 1 64  GLN 64  64  64  GLN GLN A . n 
A 1 65  ALA 65  65  65  ALA ALA A . n 
A 1 66  ALA 66  66  66  ALA ALA A . n 
A 1 67  LYS 67  67  67  LYS LYS A . n 
A 1 68  ARG 68  68  68  ARG ARG A . n 
A 1 69  THR 69  69  69  THR THR A . n 
A 1 70  TRP 70  70  70  TRP TRP A . n 
A 1 71  ASP 71  71  71  ASP ASP A . n 
A 1 72  LEU 72  72  72  LEU LEU A . n 
A 1 73  ILE 73  73  73  ILE ILE A . n 
A 1 74  PRO 74  74  74  PRO PRO A . n 
A 1 75  LEU 75  75  75  LEU LEU A . n 
A 1 76  CYS 76  76  76  CYS CYS A . n 
A 1 77  HIS 77  77  77  HIS HIS A . n 
A 1 78  PRO 78  78  78  PRO PRO A . n 
A 1 79  LEU 79  79  79  LEU LEU A . n 
A 1 80  MET 80  80  80  MET MET A . n 
A 1 81  LEU 81  81  81  LEU LEU A . n 
A 1 82  SER 82  82  82  SER SER A . n 
A 1 83  LYS 83  83  83  LYS LYS A . n 
A 1 84  VAL 84  84  84  VAL VAL A . n 
A 1 85  GLU 85  85  85  GLU GLU A . n 
A 1 86  VAL 86  86  86  VAL VAL A . n 
A 1 87  ASN 87  87  87  ASN ASN A . n 
A 1 88  LEU 88  88  88  LEU LEU A . n 
A 1 89  GLN 89  89  89  GLN GLN A . n 
A 1 90  ALA 90  90  90  ALA ALA A . n 
A 1 91  GLU 91  91  91  GLU GLU A . n 
A 1 92  PRO 92  92  92  PRO PRO A . n 
A 1 93  GLU 93  93  93  GLU GLU A . n 
A 1 94  HIS 94  94  94  HIS HIS A . n 
A 1 95  ASN 95  95  95  ASN ASN A . n 
A 1 96  ARG 96  96  96  ARG ARG A . n 
A 1 97  VAL 97  97  97  VAL VAL A . n 
A 1 98  ARG 98  98  98  ARG ARG A . n 
A 1 99  ILE 99  99  99  ILE ILE A . n 
A 1 100 GLU 100 100 100 GLU GLU A . n 
A 1 101 THR 101 101 101 THR THR A . n 
A 1 102 LEU 102 102 102 LEU LEU A . n 
A 1 103 CYS 103 103 103 CYS CYS A . n 
A 1 104 ARG 104 104 104 ARG ARG A . n 
A 1 105 LEU 105 105 105 LEU LEU A . n 
A 1 106 THR 106 106 106 THR THR A . n 
A 1 107 GLY 107 107 107 GLY GLY A . n 
A 1 108 LYS 108 108 108 LYS ALA A . n 
A 1 109 THR 109 109 109 THR THR A . n 
A 1 110 GLY 110 110 110 GLY GLY A . n 
A 1 111 VAL 111 111 111 VAL VAL A . n 
A 1 112 GLU 112 112 112 GLU GLU A . n 
A 1 113 MET 113 113 113 MET MET A . n 
A 1 114 GLU 114 114 114 GLU GLU A . n 
A 1 115 ALA 115 115 115 ALA ALA A . n 
A 1 116 LEU 116 116 116 LEU LEU A . n 
A 1 117 THR 117 117 117 THR THR A . n 
A 1 118 ALA 118 118 118 ALA ALA A . n 
A 1 119 ALA 119 119 119 ALA ALA A . n 
A 1 120 SER 120 120 120 SER SER A . n 
A 1 121 VAL 121 121 121 VAL VAL A . n 
A 1 122 ALA 122 122 122 ALA ALA A . n 
A 1 123 ALA 123 123 123 ALA ALA A . n 
A 1 124 LEU 124 124 124 LEU LEU A . n 
A 1 125 THR 125 125 125 THR THR A . n 
A 1 126 ILE 126 126 126 ILE ILE A . n 
A 1 127 TYR 127 127 127 TYR TYR A . n 
A 1 128 ASP 128 128 128 ASP ASP A . n 
A 1 129 MET 129 129 129 MET MET A . n 
A 1 130 CYS 130 130 130 CYS CYS A . n 
A 1 131 LYS 131 131 131 LYS LYS A . n 
A 1 132 ALA 132 132 132 ALA ALA A . n 
A 1 133 VAL 133 133 133 VAL VAL A . n 
A 1 134 GLN 134 134 134 GLN GLN A . n 
A 1 135 LYS 135 135 135 LYS LYS A . n 
A 1 136 ASP 136 136 136 ASP ASP A . n 
A 1 137 MET 137 137 137 MET MET A . n 
A 1 138 VAL 138 138 138 VAL VAL A . n 
A 1 139 ILE 139 139 139 ILE ILE A . n 
A 1 140 GLY 140 140 140 GLY GLY A . n 
A 1 141 PRO 141 141 141 PRO PRO A . n 
A 1 142 VAL 142 142 142 VAL VAL A . n 
A 1 143 ARG 143 143 143 ARG ARG A . n 
A 1 144 LEU 144 144 144 LEU LEU A . n 
A 1 145 LEU 145 145 145 LEU LEU A . n 
A 1 146 ALA 146 146 146 ALA ALA A . n 
A 1 147 LYS 147 147 147 LYS LYS A . n 
A 1 148 SER 148 148 148 SER SER A . n 
A 1 149 GLY 149 149 ?   ?   ?   A . n 
A 1 150 GLY 150 150 ?   ?   ?   A . n 
A 1 151 LYS 151 151 ?   ?   ?   A . n 
A 1 152 SER 152 152 152 SER SER A . n 
A 1 153 GLY 153 153 153 GLY GLY A . n 
A 1 154 ASP 154 154 154 ASP ASP A . n 
A 1 155 PHE 155 155 155 PHE PHE A . n 
A 1 156 LYS 156 156 156 LYS ALA A . n 
A 1 157 VAL 157 157 ?   ?   ?   A . n 
A 1 158 GLU 158 158 ?   ?   ?   A . n 
A 1 159 ALA 159 159 ?   ?   ?   A . n 
A 1 160 ASP 160 160 ?   ?   ?   A . n 
A 1 161 ASP 161 161 ?   ?   ?   A . n 
# 
loop_
_pdbx_nonpoly_scheme.asym_id 
_pdbx_nonpoly_scheme.entity_id 
_pdbx_nonpoly_scheme.mon_id 
_pdbx_nonpoly_scheme.ndb_seq_num 
_pdbx_nonpoly_scheme.pdb_seq_num 
_pdbx_nonpoly_scheme.auth_seq_num 
_pdbx_nonpoly_scheme.pdb_mon_id 
_pdbx_nonpoly_scheme.auth_mon_id 
_pdbx_nonpoly_scheme.pdb_strand_id 
_pdbx_nonpoly_scheme.pdb_ins_code 
B 2 HOH 1  162 1  HOH WAT A . 
B 2 HOH 2  163 2  HOH WAT A . 
B 2 HOH 3  164 3  HOH WAT A . 
B 2 HOH 4  165 4  HOH WAT A . 
B 2 HOH 5  166 5  HOH WAT A . 
B 2 HOH 6  167 6  HOH WAT A . 
B 2 HOH 7  168 7  HOH WAT A . 
B 2 HOH 8  169 8  HOH WAT A . 
B 2 HOH 9  170 9  HOH WAT A . 
B 2 HOH 10 171 10 HOH WAT A . 
B 2 HOH 11 172 11 HOH WAT A . 
B 2 HOH 12 173 12 HOH WAT A . 
B 2 HOH 13 174 13 HOH WAT A . 
B 2 HOH 14 175 14 HOH WAT A . 
B 2 HOH 15 176 15 HOH WAT A . 
B 2 HOH 16 177 16 HOH WAT A . 
B 2 HOH 17 178 17 HOH WAT A . 
B 2 HOH 18 179 18 HOH WAT A . 
B 2 HOH 19 180 19 HOH WAT A . 
B 2 HOH 20 181 20 HOH WAT A . 
B 2 HOH 21 182 21 HOH WAT A . 
B 2 HOH 22 183 22 HOH WAT A . 
B 2 HOH 23 184 23 HOH WAT A . 
B 2 HOH 24 185 24 HOH WAT A . 
B 2 HOH 25 186 25 HOH WAT A . 
B 2 HOH 26 187 26 HOH WAT A . 
B 2 HOH 27 188 27 HOH WAT A . 
B 2 HOH 28 189 28 HOH WAT A . 
B 2 HOH 29 190 29 HOH WAT A . 
B 2 HOH 30 191 30 HOH WAT A . 
B 2 HOH 31 192 31 HOH WAT A . 
B 2 HOH 32 193 32 HOH WAT A . 
B 2 HOH 33 194 33 HOH WAT A . 
B 2 HOH 34 195 34 HOH WAT A . 
B 2 HOH 35 196 35 HOH WAT A . 
B 2 HOH 36 197 36 HOH WAT A . 
B 2 HOH 37 198 37 HOH WAT A . 
B 2 HOH 38 199 38 HOH WAT A . 
B 2 HOH 39 200 39 HOH WAT A . 
B 2 HOH 40 201 40 HOH WAT A . 
B 2 HOH 41 202 41 HOH WAT A . 
# 
loop_
_pdbx_unobs_or_zero_occ_atoms.id 
_pdbx_unobs_or_zero_occ_atoms.PDB_model_num 
_pdbx_unobs_or_zero_occ_atoms.polymer_flag 
_pdbx_unobs_or_zero_occ_atoms.occupancy_flag 
_pdbx_unobs_or_zero_occ_atoms.auth_asym_id 
_pdbx_unobs_or_zero_occ_atoms.auth_comp_id 
_pdbx_unobs_or_zero_occ_atoms.auth_seq_id 
_pdbx_unobs_or_zero_occ_atoms.PDB_ins_code 
_pdbx_unobs_or_zero_occ_atoms.auth_atom_id 
_pdbx_unobs_or_zero_occ_atoms.label_alt_id 
_pdbx_unobs_or_zero_occ_atoms.label_asym_id 
_pdbx_unobs_or_zero_occ_atoms.label_comp_id 
_pdbx_unobs_or_zero_occ_atoms.label_seq_id 
_pdbx_unobs_or_zero_occ_atoms.label_atom_id 
1 1 Y 1 A LYS 108 ? CG ? A LYS 108 CG 
2 1 Y 1 A LYS 108 ? CD ? A LYS 108 CD 
3 1 Y 1 A LYS 108 ? CE ? A LYS 108 CE 
4 1 Y 1 A LYS 108 ? NZ ? A LYS 108 NZ 
5 1 Y 1 A LYS 156 ? CG ? A LYS 156 CG 
6 1 Y 1 A LYS 156 ? CD ? A LYS 156 CD 
7 1 Y 1 A LYS 156 ? CE ? A LYS 156 CE 
8 1 Y 1 A LYS 156 ? NZ ? A LYS 156 NZ 
# 
loop_
_software.name 
_software.classification 
_software.version 
_software.citation_id 
_software.pdbx_ordinal 
SHARP     phasing          . ? 1 
REFMAC    refinement       . ? 2 
DENZO     'data reduction' . ? 3 
SCALEPACK 'data scaling'   . ? 4 
# 
_cell.entry_id           1EKR 
_cell.length_a           91.117 
_cell.length_b           91.117 
_cell.length_c           62.722 
_cell.angle_alpha        90.00 
_cell.angle_beta         90.00 
_cell.angle_gamma        120.00 
_cell.Z_PDB              12 
_cell.pdbx_unique_axis   ? 
# 
_symmetry.entry_id                         1EKR 
_symmetry.space_group_name_H-M             'P 63 2 2' 
_symmetry.pdbx_full_space_group_name_H-M   ? 
_symmetry.cell_setting                     ? 
_symmetry.Int_Tables_number                182 
# 
_exptl.entry_id          1EKR 
_exptl.method            'X-RAY DIFFRACTION' 
_exptl.crystals_number   1 
# 
_exptl_crystal.id                    1 
_exptl_crystal.density_meas          ? 
_exptl_crystal.density_percent_sol   42.78 
_exptl_crystal.density_Matthews      2.15 
_exptl_crystal.description           ? 
# 
_exptl_crystal_grow.crystal_id      1 
_exptl_crystal_grow.method          'VAPOR DIFFUSION, SITTING DROP' 
_exptl_crystal_grow.pH              7.5 
_exptl_crystal_grow.temp            295.0 
_exptl_crystal_grow.temp_details    ? 
_exptl_crystal_grow.pdbx_details    'PEG 400, CALCIUM CHLORIDE, HEPES, pH 7.5, VAPOR DIFFUSION, SITTING DROP, temperature 22K' 
_exptl_crystal_grow.pdbx_pH_range   . 
# 
_diffrn.id                     1 
_diffrn.ambient_temp           95 
_diffrn.ambient_temp_details   ? 
_diffrn.crystal_id             1 
# 
_diffrn_detector.diffrn_id              1 
_diffrn_detector.detector               CCD 
_diffrn_detector.type                   'ADSC QUANTUM 4' 
_diffrn_detector.pdbx_collection_date   1998-03-15 
_diffrn_detector.details                ? 
# 
_diffrn_radiation.diffrn_id                        1 
_diffrn_radiation.wavelength_id                    1 
_diffrn_radiation.monochromator                    ? 
_diffrn_radiation.pdbx_monochromatic_or_laue_m_l   M 
_diffrn_radiation.pdbx_diffrn_protocol             'SINGLE WAVELENGTH' 
_diffrn_radiation.pdbx_scattering_type             x-ray 
# 
_diffrn_radiation_wavelength.id           1 
_diffrn_radiation_wavelength.wavelength   1.1 
_diffrn_radiation_wavelength.wt           1.0 
# 
_diffrn_source.diffrn_id                   1 
_diffrn_source.source                      SYNCHROTRON 
_diffrn_source.type                        'NSLS BEAMLINE X26C' 
_diffrn_source.pdbx_wavelength             1.1 
_diffrn_source.pdbx_synchrotron_site       NSLS 
_diffrn_source.pdbx_synchrotron_beamline   X26C 
_diffrn_source.pdbx_wavelength_list        ? 
# 
_reflns.entry_id                     1EKR 
_reflns.observed_criterion_sigma_I   0.0 
_reflns.observed_criterion_sigma_F   0.0 
_reflns.d_resolution_low             20.0 
_reflns.d_resolution_high            1.95 
_reflns.number_obs                   11190 
_reflns.number_all                   57577 
_reflns.percent_possible_obs         95.7 
_reflns.pdbx_Rmerge_I_obs            0.0630000 
_reflns.pdbx_Rsym_value              ? 
_reflns.pdbx_netI_over_sigmaI        29.1 
_reflns.B_iso_Wilson_estimate        48 
_reflns.pdbx_redundancy              5.1 
_reflns.R_free_details               ? 
_reflns.limit_h_max                  ? 
_reflns.limit_h_min                  ? 
_reflns.limit_k_max                  ? 
_reflns.limit_k_min                  ? 
_reflns.limit_l_max                  ? 
_reflns.limit_l_min                  ? 
_reflns.observed_criterion_F_max     ? 
_reflns.observed_criterion_F_min     ? 
_reflns.pdbx_ordinal                 1 
_reflns.pdbx_diffrn_id               1 
# 
_reflns_shell.d_res_high             1.95 
_reflns_shell.d_res_low              2.02 
_reflns_shell.percent_possible_obs   ? 
_reflns_shell.percent_possible_all   95.7 
_reflns_shell.Rmerge_I_obs           0.4970000 
_reflns_shell.meanI_over_sigI_obs    ? 
_reflns_shell.pdbx_Rsym_value        ? 
_reflns_shell.pdbx_redundancy        3.9 
_reflns_shell.number_unique_all      1083 
_reflns_shell.pdbx_ordinal           1 
_reflns_shell.pdbx_diffrn_id         1 
# 
_refine.entry_id                                 1EKR 
_refine.ls_number_reflns_obs                     9352 
_refine.ls_number_reflns_all                     10368 
_refine.pdbx_ls_sigma_I                          0.0 
_refine.pdbx_ls_sigma_F                          0.0 
_refine.pdbx_data_cutoff_high_absF               ? 
_refine.pdbx_data_cutoff_low_absF                ? 
_refine.ls_d_res_low                             20.0 
_refine.ls_d_res_high                            2.0 
_refine.ls_percent_reflns_obs                    ? 
_refine.ls_R_factor_obs                          ? 
_refine.ls_R_factor_all                          ? 
_refine.ls_R_factor_R_work                       0.2193000 
_refine.ls_R_factor_R_free                       0.2516000 
_refine.ls_R_factor_R_free_error                 ? 
_refine.ls_R_factor_R_free_error_details         ? 
_refine.ls_percent_reflns_R_free                 ? 
_refine.ls_number_reflns_R_free                  1016 
_refine.ls_number_parameters                     ? 
_refine.ls_number_restraints                     ? 
_refine.occupancy_min                            ? 
_refine.occupancy_max                            ? 
_refine.B_iso_mean                               ? 
_refine.aniso_B[1][1]                            ? 
_refine.aniso_B[2][2]                            ? 
_refine.aniso_B[3][3]                            ? 
_refine.aniso_B[1][2]                            ? 
_refine.aniso_B[1][3]                            ? 
_refine.aniso_B[2][3]                            ? 
_refine.solvent_model_details                    ? 
_refine.solvent_model_param_ksol                 ? 
_refine.solvent_model_param_bsol                 ? 
_refine.pdbx_ls_cross_valid_method               ? 
_refine.details                                  
'Partial structure factors for bulk solvent were calculated in XPLOR and incorporated into REFMAC' 
_refine.pdbx_starting_model                      ? 
_refine.pdbx_method_to_determine_struct          ? 
_refine.pdbx_isotropic_thermal_model             ? 
_refine.pdbx_stereochemistry_target_values       Lamzin 
_refine.pdbx_stereochem_target_val_spec_case     ? 
_refine.pdbx_R_Free_selection_details            Random 
_refine.pdbx_overall_ESU_R_Free                  ? 
_refine.overall_SU_B                             ? 
_refine.ls_redundancy_reflns_obs                 ? 
_refine.B_iso_min                                ? 
_refine.B_iso_max                                ? 
_refine.overall_SU_ML                            ? 
_refine.pdbx_overall_ESU_R                       ? 
_refine.pdbx_data_cutoff_high_rms_absF           ? 
_refine.pdbx_refine_id                           'X-RAY DIFFRACTION' 
_refine.pdbx_diffrn_id                           1 
_refine.pdbx_TLS_residual_ADP_flag               ? 
_refine.correlation_coeff_Fo_to_Fc               ? 
_refine.correlation_coeff_Fo_to_Fc_free          ? 
_refine.pdbx_solvent_vdw_probe_radii             ? 
_refine.pdbx_solvent_ion_probe_radii             ? 
_refine.pdbx_solvent_shrinkage_radii             ? 
_refine.pdbx_overall_phase_error                 ? 
_refine.overall_SU_R_Cruickshank_DPI             ? 
_refine.pdbx_overall_SU_R_free_Cruickshank_DPI   ? 
_refine.pdbx_overall_SU_R_Blow_DPI               ? 
_refine.pdbx_overall_SU_R_free_Blow_DPI          ? 
# 
_refine_hist.pdbx_refine_id                   'X-RAY DIFFRACTION' 
_refine_hist.cycle_id                         LAST 
_refine_hist.pdbx_number_atoms_protein        1081 
_refine_hist.pdbx_number_atoms_nucleic_acid   0 
_refine_hist.pdbx_number_atoms_ligand         0 
_refine_hist.number_atoms_solvent             41 
_refine_hist.number_atoms_total               1122 
_refine_hist.d_res_high                       2.0 
_refine_hist.d_res_low                        20.0 
# 
loop_
_refine_ls_restr.type 
_refine_ls_restr.dev_ideal 
_refine_ls_restr.dev_ideal_target 
_refine_ls_restr.weight 
_refine_ls_restr.number 
_refine_ls_restr.pdbx_refine_id 
_refine_ls_restr.pdbx_restraint_function 
p_bond_d                       0.007  ? ? ? 'X-RAY DIFFRACTION' ? 
p_angle_d                      0.025  ? ? ? 'X-RAY DIFFRACTION' ? 
'planar groups (peptides)'     0.0154 ? ? ? 'X-RAY DIFFRACTION' ? 
'planar groups (aromatics)'    0.0053 ? ? ? 'X-RAY DIFFRACTION' ? 
'chiral volumes'               0.099  ? ? ? 'X-RAY DIFFRACTION' ? 
'torsion angles (planar)'      3.4    ? ? ? 'X-RAY DIFFRACTION' ? 
'torsion angles (staggered)'   19.6   ? ? ? 'X-RAY DIFFRACTION' ? 
'torsion angles (orthonormal)' 36.7   ? ? ? 'X-RAY DIFFRACTION' ? 
'B-factors (main chain bond)'  4.00   ? ? ? 'X-RAY DIFFRACTION' ? 
'B-factors (main chain angle)' 5.38   ? ? ? 'X-RAY DIFFRACTION' ? 
'B-factors (side chain bond)'  4.52   ? ? ? 'X-RAY DIFFRACTION' ? 
'B-factors (side chain angle)' 5.95   ? ? ? 'X-RAY DIFFRACTION' ? 
# 
_struct.entry_id                  1EKR 
_struct.title                     'MOAC PROTEIN FROM E. COLI' 
_struct.pdbx_model_details        ? 
_struct.pdbx_CASP_flag            ? 
_struct.pdbx_model_type_details   ? 
# 
_struct_keywords.entry_id        1EKR 
_struct_keywords.pdbx_keywords   TRANSLATION 
_struct_keywords.text            'MoaC, Molybdenum cofactor (Moco), Moco biosynthesis, Moco deficiency, TRANSLATION' 
# 
loop_
_struct_asym.id 
_struct_asym.pdbx_blank_PDB_chainid_flag 
_struct_asym.pdbx_modified 
_struct_asym.entity_id 
_struct_asym.details 
A N N 1 ? 
B N N 2 ? 
# 
_struct_ref.id                         1 
_struct_ref.db_code                    MOAC_ECOLI 
_struct_ref.db_name                    UNP 
_struct_ref.entity_id                  1 
_struct_ref.pdbx_db_accession          P0A738 
_struct_ref.pdbx_align_begin           1 
_struct_ref.pdbx_seq_one_letter_code   
;MSQLTHINAAGEAHMVDVSAKAETVREARAEAFVTMRSETLAMIIDGRHHKGDVFATARIAGIQAAKRTWDLIPLCHPLM
LSKVEVNLQAEPEHNRVRIETLCRLTGKTGVEMEALTAASVAALTIYDMCKAVQKDMVIGPVRLLAKSGGKSGDFKVEAD
D
;
_struct_ref.pdbx_db_isoform            ? 
# 
_struct_ref_seq.align_id                      1 
_struct_ref_seq.ref_id                        1 
_struct_ref_seq.pdbx_PDB_id_code              1EKR 
_struct_ref_seq.pdbx_strand_id                A 
_struct_ref_seq.seq_align_beg                 1 
_struct_ref_seq.pdbx_seq_align_beg_ins_code   ? 
_struct_ref_seq.seq_align_end                 161 
_struct_ref_seq.pdbx_seq_align_end_ins_code   ? 
_struct_ref_seq.pdbx_db_accession             P0A738 
_struct_ref_seq.db_align_beg                  1 
_struct_ref_seq.pdbx_db_align_beg_ins_code    ? 
_struct_ref_seq.db_align_end                  161 
_struct_ref_seq.pdbx_db_align_end_ins_code    ? 
_struct_ref_seq.pdbx_auth_seq_align_beg       1 
_struct_ref_seq.pdbx_auth_seq_align_end       161 
# 
_struct_ref_seq_dif.align_id                     1 
_struct_ref_seq_dif.pdbx_pdb_id_code             1EKR 
_struct_ref_seq_dif.mon_id                       ALA 
_struct_ref_seq_dif.pdbx_pdb_strand_id           A 
_struct_ref_seq_dif.seq_num                      2 
_struct_ref_seq_dif.pdbx_pdb_ins_code            ? 
_struct_ref_seq_dif.pdbx_seq_db_name             UNP 
_struct_ref_seq_dif.pdbx_seq_db_accession_code   P0A738 
_struct_ref_seq_dif.db_mon_id                    SER 
_struct_ref_seq_dif.pdbx_seq_db_seq_num          2 
_struct_ref_seq_dif.details                      'engineered mutation' 
_struct_ref_seq_dif.pdbx_auth_seq_num            2 
_struct_ref_seq_dif.pdbx_ordinal                 1 
# 
_pdbx_struct_assembly.id                   1 
_pdbx_struct_assembly.details              author_and_software_defined_assembly 
_pdbx_struct_assembly.method_details       PISA,PQS 
_pdbx_struct_assembly.oligomeric_details   hexameric 
_pdbx_struct_assembly.oligomeric_count     6 
# 
loop_
_pdbx_struct_assembly_prop.biol_id 
_pdbx_struct_assembly_prop.type 
_pdbx_struct_assembly_prop.value 
_pdbx_struct_assembly_prop.details 
1 'ABSA (A^2)' 20290 ? 
1 MORE         -134  ? 
1 'SSA (A^2)'  28520 ? 
# 
_pdbx_struct_assembly_gen.assembly_id       1 
_pdbx_struct_assembly_gen.oper_expression   1,2,3,4,5,6 
_pdbx_struct_assembly_gen.asym_id_list      A,B 
# 
loop_
_pdbx_struct_oper_list.id 
_pdbx_struct_oper_list.type 
_pdbx_struct_oper_list.name 
_pdbx_struct_oper_list.symmetry_operation 
_pdbx_struct_oper_list.matrix[1][1] 
_pdbx_struct_oper_list.matrix[1][2] 
_pdbx_struct_oper_list.matrix[1][3] 
_pdbx_struct_oper_list.vector[1] 
_pdbx_struct_oper_list.matrix[2][1] 
_pdbx_struct_oper_list.matrix[2][2] 
_pdbx_struct_oper_list.matrix[2][3] 
_pdbx_struct_oper_list.vector[2] 
_pdbx_struct_oper_list.matrix[3][1] 
_pdbx_struct_oper_list.matrix[3][2] 
_pdbx_struct_oper_list.matrix[3][3] 
_pdbx_struct_oper_list.vector[3] 
1 'identity operation'         1_555  x,y,z            1.0000000000  0.0000000000  0.0000000000  0.0000000000   0.0000000000  1.0000000000  0.0000000000  0.0000000000  0.0000000000  0.0000000000  1.0000000000  0.0000000000  
2 'crystal symmetry operation' 2_655  -y+1,x-y,z       0.9047345248  -0.1224194428 0.4080060290  -6.2233956594  -0.4171894835 -0.4481792132 0.7906252765  -3.9493935240 0.0860719152  -0.8855218083 -0.4565553116 31.0746708449 
3 'crystal symmetry operation' 3_665  -x+y+1,-x+1,z    0.9047345248  -0.4171894835 0.0860719152  1.3082190357   -0.1224194428 -0.4481792132 -0.8855218083 24.9853980053 0.4080060290  0.7906252765  -0.4565553116 19.8489793250 
4 'crystal symmetry operation' 10_666 -y+1,-x+1,-z+3/2 -0.9994680183 -0.0204746154 -0.0253864220 -13.4395778667 -0.0204746154 -0.2119843347 0.9770585612  -6.0577834291 -0.0253864220 0.9770585612  0.2114523531  4.6040823239  
5 'crystal symmetry operation' 11_656 -x+y+1,y,-z+3/2  -0.8978964863 0.1540108453  -0.4123864199 -7.9275053355  0.1540108453  -0.7676932005 -0.6220352156 25.2686209454 -0.4123864199 -0.6220352156 0.6655896869  7.4740955897  
6 'crystal symmetry operation' 12_556 x,x-y,-z+3/2     -0.9121045448 0.4060726964  -0.0563051023 -15.7625619350 0.4060726964  0.8760359616  -0.2601268138 8.0125334957  -0.0563051023 -0.2601268138 -0.9639314168 33.1801817343 
# 
_struct_biol.id                    1 
_struct_biol.details               
'The biological assembly is a hexamer with 32 symmetry generated from chain A by crystallographic symmetry operations' 
_struct_biol.pdbx_parent_biol_id   ? 
# 
loop_
_struct_conf.conf_type_id 
_struct_conf.id 
_struct_conf.pdbx_PDB_helix_id 
_struct_conf.beg_label_comp_id 
_struct_conf.beg_label_asym_id 
_struct_conf.beg_label_seq_id 
_struct_conf.pdbx_beg_PDB_ins_code 
_struct_conf.end_label_comp_id 
_struct_conf.end_label_asym_id 
_struct_conf.end_label_seq_id 
_struct_conf.pdbx_end_PDB_ins_code 
_struct_conf.beg_auth_comp_id 
_struct_conf.beg_auth_asym_id 
_struct_conf.beg_auth_seq_id 
_struct_conf.end_auth_comp_id 
_struct_conf.end_auth_asym_id 
_struct_conf.end_auth_seq_id 
_struct_conf.pdbx_PDB_helix_class 
_struct_conf.details 
_struct_conf.pdbx_PDB_helix_length 
HELX_P HELX_P1 1 ARG A 37  ? ASP A 46  ? ARG A 37  ASP A 46  1 ? 10 
HELX_P HELX_P2 2 ASP A 53  ? ARG A 68  ? ASP A 53  ARG A 68  1 ? 16 
HELX_P HELX_P3 3 ARG A 68  ? ILE A 73  ? ARG A 68  ILE A 73  1 ? 6  
HELX_P HELX_P4 4 PRO A 92  ? HIS A 94  ? PRO A 92  HIS A 94  5 ? 3  
HELX_P HELX_P5 5 VAL A 111 ? LYS A 131 ? VAL A 111 LYS A 131 1 ? 21 
HELX_P HELX_P6 6 ALA A 132 ? GLN A 134 ? ALA A 132 GLN A 134 5 ? 3  
# 
_struct_conf_type.id          HELX_P 
_struct_conf_type.criteria    ? 
_struct_conf_type.reference   ? 
# 
loop_
_struct_mon_prot_cis.pdbx_id 
_struct_mon_prot_cis.label_comp_id 
_struct_mon_prot_cis.label_seq_id 
_struct_mon_prot_cis.label_asym_id 
_struct_mon_prot_cis.label_alt_id 
_struct_mon_prot_cis.pdbx_PDB_ins_code 
_struct_mon_prot_cis.auth_comp_id 
_struct_mon_prot_cis.auth_seq_id 
_struct_mon_prot_cis.auth_asym_id 
_struct_mon_prot_cis.pdbx_label_comp_id_2 
_struct_mon_prot_cis.pdbx_label_seq_id_2 
_struct_mon_prot_cis.pdbx_label_asym_id_2 
_struct_mon_prot_cis.pdbx_PDB_ins_code_2 
_struct_mon_prot_cis.pdbx_auth_comp_id_2 
_struct_mon_prot_cis.pdbx_auth_seq_id_2 
_struct_mon_prot_cis.pdbx_auth_asym_id_2 
_struct_mon_prot_cis.pdbx_PDB_model_num 
_struct_mon_prot_cis.pdbx_omega_angle 
1 ASP 46  A . ? ASP 46  A GLY 47  A ? GLY 47  A 1 -0.45 
2 GLY 140 A . ? GLY 140 A PRO 141 A ? PRO 141 A 1 0.92  
# 
_struct_sheet.id               A 
_struct_sheet.type             ? 
_struct_sheet.number_strands   4 
_struct_sheet.details          ? 
# 
loop_
_struct_sheet_order.sheet_id 
_struct_sheet_order.range_id_1 
_struct_sheet_order.range_id_2 
_struct_sheet_order.offset 
_struct_sheet_order.sense 
A 1 2 ? anti-parallel 
A 2 3 ? anti-parallel 
A 3 4 ? anti-parallel 
# 
loop_
_struct_sheet_range.sheet_id 
_struct_sheet_range.id 
_struct_sheet_range.beg_label_comp_id 
_struct_sheet_range.beg_label_asym_id 
_struct_sheet_range.beg_label_seq_id 
_struct_sheet_range.pdbx_beg_PDB_ins_code 
_struct_sheet_range.end_label_comp_id 
_struct_sheet_range.end_label_asym_id 
_struct_sheet_range.end_label_seq_id 
_struct_sheet_range.pdbx_end_PDB_ins_code 
_struct_sheet_range.beg_auth_comp_id 
_struct_sheet_range.beg_auth_asym_id 
_struct_sheet_range.beg_auth_seq_id 
_struct_sheet_range.end_auth_comp_id 
_struct_sheet_range.end_auth_asym_id 
_struct_sheet_range.end_auth_seq_id 
A 1 LYS A 83  ? GLU A 91  ? LYS A 83  GLU A 91  
A 2 ARG A 96  ? GLY A 107 ? ARG A 96  GLY A 107 
A 3 THR A 24  ? THR A 35  ? THR A 24  THR A 35  
A 4 VAL A 138 ? LYS A 147 ? VAL A 138 LYS A 147 
# 
loop_
_pdbx_struct_sheet_hbond.sheet_id 
_pdbx_struct_sheet_hbond.range_id_1 
_pdbx_struct_sheet_hbond.range_id_2 
_pdbx_struct_sheet_hbond.range_1_label_atom_id 
_pdbx_struct_sheet_hbond.range_1_label_comp_id 
_pdbx_struct_sheet_hbond.range_1_label_asym_id 
_pdbx_struct_sheet_hbond.range_1_label_seq_id 
_pdbx_struct_sheet_hbond.range_1_PDB_ins_code 
_pdbx_struct_sheet_hbond.range_1_auth_atom_id 
_pdbx_struct_sheet_hbond.range_1_auth_comp_id 
_pdbx_struct_sheet_hbond.range_1_auth_asym_id 
_pdbx_struct_sheet_hbond.range_1_auth_seq_id 
_pdbx_struct_sheet_hbond.range_2_label_atom_id 
_pdbx_struct_sheet_hbond.range_2_label_comp_id 
_pdbx_struct_sheet_hbond.range_2_label_asym_id 
_pdbx_struct_sheet_hbond.range_2_label_seq_id 
_pdbx_struct_sheet_hbond.range_2_PDB_ins_code 
_pdbx_struct_sheet_hbond.range_2_auth_atom_id 
_pdbx_struct_sheet_hbond.range_2_auth_comp_id 
_pdbx_struct_sheet_hbond.range_2_auth_asym_id 
_pdbx_struct_sheet_hbond.range_2_auth_seq_id 
A 1 2 N GLU A 91  ? N GLU A 91  O ARG A 96  ? O ARG A 96  
A 2 3 N GLY A 107 ? N GLY A 107 O THR A 24  ? O THR A 24  
A 3 4 N THR A 35  ? N THR A 35  O VAL A 138 ? O VAL A 138 
# 
_pdbx_validate_rmsd_bond.id                        1 
_pdbx_validate_rmsd_bond.PDB_model_num             1 
_pdbx_validate_rmsd_bond.auth_atom_id_1            CG 
_pdbx_validate_rmsd_bond.auth_asym_id_1            A 
_pdbx_validate_rmsd_bond.auth_comp_id_1            GLN 
_pdbx_validate_rmsd_bond.auth_seq_id_1             64 
_pdbx_validate_rmsd_bond.PDB_ins_code_1            ? 
_pdbx_validate_rmsd_bond.label_alt_id_1            A 
_pdbx_validate_rmsd_bond.auth_atom_id_2            CD 
_pdbx_validate_rmsd_bond.auth_asym_id_2            A 
_pdbx_validate_rmsd_bond.auth_comp_id_2            GLN 
_pdbx_validate_rmsd_bond.auth_seq_id_2             64 
_pdbx_validate_rmsd_bond.PDB_ins_code_2            ? 
_pdbx_validate_rmsd_bond.label_alt_id_2            A 
_pdbx_validate_rmsd_bond.bond_value                1.354 
_pdbx_validate_rmsd_bond.bond_target_value         1.506 
_pdbx_validate_rmsd_bond.bond_deviation            -0.152 
_pdbx_validate_rmsd_bond.bond_standard_deviation   0.023 
_pdbx_validate_rmsd_bond.linker_flag               N 
# 
loop_
_pdbx_validate_rmsd_angle.id 
_pdbx_validate_rmsd_angle.PDB_model_num 
_pdbx_validate_rmsd_angle.auth_atom_id_1 
_pdbx_validate_rmsd_angle.auth_asym_id_1 
_pdbx_validate_rmsd_angle.auth_comp_id_1 
_pdbx_validate_rmsd_angle.auth_seq_id_1 
_pdbx_validate_rmsd_angle.PDB_ins_code_1 
_pdbx_validate_rmsd_angle.label_alt_id_1 
_pdbx_validate_rmsd_angle.auth_atom_id_2 
_pdbx_validate_rmsd_angle.auth_asym_id_2 
_pdbx_validate_rmsd_angle.auth_comp_id_2 
_pdbx_validate_rmsd_angle.auth_seq_id_2 
_pdbx_validate_rmsd_angle.PDB_ins_code_2 
_pdbx_validate_rmsd_angle.label_alt_id_2 
_pdbx_validate_rmsd_angle.auth_atom_id_3 
_pdbx_validate_rmsd_angle.auth_asym_id_3 
_pdbx_validate_rmsd_angle.auth_comp_id_3 
_pdbx_validate_rmsd_angle.auth_seq_id_3 
_pdbx_validate_rmsd_angle.PDB_ins_code_3 
_pdbx_validate_rmsd_angle.label_alt_id_3 
_pdbx_validate_rmsd_angle.angle_value 
_pdbx_validate_rmsd_angle.angle_target_value 
_pdbx_validate_rmsd_angle.angle_deviation 
_pdbx_validate_rmsd_angle.angle_standard_deviation 
_pdbx_validate_rmsd_angle.linker_flag 
1 1 NE A ARG 37 ? ? CZ A ARG 37 ? ? NH2 A ARG 37 ? ? 115.57 120.30 -4.73  0.50 N 
2 1 N  A ASP 46 ? ? CA A ASP 46 ? ? C   A ASP 46 ? ? 140.28 111.00 29.28  2.70 N 
3 1 CA A ASP 46 ? ? C  A ASP 46 ? ? N   A GLY 47 ? ? 130.65 116.20 14.45  2.00 Y 
4 1 CA A GLY 47 ? ? C  A GLY 47 ? ? O   A GLY 47 ? ? 132.75 120.60 12.15  1.80 N 
5 1 CB A GLN 64 ? A CG A GLN 64 ? A CD  A GLN 64 ? A 129.39 111.60 17.79  2.60 N 
6 1 CG A GLN 64 ? A CD A GLN 64 ? A NE2 A GLN 64 ? A 92.42  116.70 -24.28 2.40 N 
# 
loop_
_pdbx_validate_torsion.id 
_pdbx_validate_torsion.PDB_model_num 
_pdbx_validate_torsion.auth_comp_id 
_pdbx_validate_torsion.auth_asym_id 
_pdbx_validate_torsion.auth_seq_id 
_pdbx_validate_torsion.PDB_ins_code 
_pdbx_validate_torsion.label_alt_id 
_pdbx_validate_torsion.phi 
_pdbx_validate_torsion.psi 
1 1 HIS A 14 ? ? -166.44 104.34 
2 1 LYS A 21 ? ? -145.26 -13.00 
3 1 ALA A 22 ? ? 70.27   156.55 
4 1 ARG A 48 ? ? 54.16   178.99 
5 1 ASP A 53 ? ? -69.60  98.57  
# 
_pdbx_validate_planes.id              1 
_pdbx_validate_planes.PDB_model_num   1 
_pdbx_validate_planes.auth_comp_id    GLN 
_pdbx_validate_planes.auth_asym_id    A 
_pdbx_validate_planes.auth_seq_id     64 
_pdbx_validate_planes.PDB_ins_code    ? 
_pdbx_validate_planes.label_alt_id    ? 
_pdbx_validate_planes.rmsd            0.106 
_pdbx_validate_planes.type            'SIDE CHAIN' 
# 
loop_
_pdbx_validate_main_chain_plane.id 
_pdbx_validate_main_chain_plane.PDB_model_num 
_pdbx_validate_main_chain_plane.auth_comp_id 
_pdbx_validate_main_chain_plane.auth_asym_id 
_pdbx_validate_main_chain_plane.auth_seq_id 
_pdbx_validate_main_chain_plane.PDB_ins_code 
_pdbx_validate_main_chain_plane.label_alt_id 
_pdbx_validate_main_chain_plane.improper_torsion_angle 
1 1 ILE A 45 ? ? -11.05 
2 1 LEU A 79 ? ? 13.35  
# 
loop_
_pdbx_unobs_or_zero_occ_residues.id 
_pdbx_unobs_or_zero_occ_residues.PDB_model_num 
_pdbx_unobs_or_zero_occ_residues.polymer_flag 
_pdbx_unobs_or_zero_occ_residues.occupancy_flag 
_pdbx_unobs_or_zero_occ_residues.auth_asym_id 
_pdbx_unobs_or_zero_occ_residues.auth_comp_id 
_pdbx_unobs_or_zero_occ_residues.auth_seq_id 
_pdbx_unobs_or_zero_occ_residues.PDB_ins_code 
_pdbx_unobs_or_zero_occ_residues.label_asym_id 
_pdbx_unobs_or_zero_occ_residues.label_comp_id 
_pdbx_unobs_or_zero_occ_residues.label_seq_id 
1  1 Y 1 A MET 1   ? A MET 1   
2  1 Y 1 A ALA 2   ? A ALA 2   
3  1 Y 1 A GLN 3   ? A GLN 3   
4  1 Y 1 A LEU 4   ? A LEU 4   
5  1 Y 1 A THR 5   ? A THR 5   
6  1 Y 1 A HIS 6   ? A HIS 6   
7  1 Y 1 A ILE 7   ? A ILE 7   
8  1 Y 1 A ASN 8   ? A ASN 8   
9  1 Y 1 A ALA 9   ? A ALA 9   
10 1 Y 1 A ALA 10  ? A ALA 10  
11 1 Y 1 A GLY 149 ? A GLY 149 
12 1 Y 1 A GLY 150 ? A GLY 150 
13 1 Y 1 A LYS 151 ? A LYS 151 
14 1 Y 1 A VAL 157 ? A VAL 157 
15 1 Y 1 A GLU 158 ? A GLU 158 
16 1 Y 1 A ALA 159 ? A ALA 159 
17 1 Y 1 A ASP 160 ? A ASP 160 
18 1 Y 1 A ASP 161 ? A ASP 161 
# 
loop_
_chem_comp_atom.comp_id 
_chem_comp_atom.atom_id 
_chem_comp_atom.type_symbol 
_chem_comp_atom.pdbx_aromatic_flag 
_chem_comp_atom.pdbx_stereo_config 
_chem_comp_atom.pdbx_ordinal 
ALA N    N N N 1   
ALA CA   C N S 2   
ALA C    C N N 3   
ALA O    O N N 4   
ALA CB   C N N 5   
ALA OXT  O N N 6   
ALA H    H N N 7   
ALA H2   H N N 8   
ALA HA   H N N 9   
ALA HB1  H N N 10  
ALA HB2  H N N 11  
ALA HB3  H N N 12  
ALA HXT  H N N 13  
ARG N    N N N 14  
ARG CA   C N S 15  
ARG C    C N N 16  
ARG O    O N N 17  
ARG CB   C N N 18  
ARG CG   C N N 19  
ARG CD   C N N 20  
ARG NE   N N N 21  
ARG CZ   C N N 22  
ARG NH1  N N N 23  
ARG NH2  N N N 24  
ARG OXT  O N N 25  
ARG H    H N N 26  
ARG H2   H N N 27  
ARG HA   H N N 28  
ARG HB2  H N N 29  
ARG HB3  H N N 30  
ARG HG2  H N N 31  
ARG HG3  H N N 32  
ARG HD2  H N N 33  
ARG HD3  H N N 34  
ARG HE   H N N 35  
ARG HH11 H N N 36  
ARG HH12 H N N 37  
ARG HH21 H N N 38  
ARG HH22 H N N 39  
ARG HXT  H N N 40  
ASN N    N N N 41  
ASN CA   C N S 42  
ASN C    C N N 43  
ASN O    O N N 44  
ASN CB   C N N 45  
ASN CG   C N N 46  
ASN OD1  O N N 47  
ASN ND2  N N N 48  
ASN OXT  O N N 49  
ASN H    H N N 50  
ASN H2   H N N 51  
ASN HA   H N N 52  
ASN HB2  H N N 53  
ASN HB3  H N N 54  
ASN HD21 H N N 55  
ASN HD22 H N N 56  
ASN HXT  H N N 57  
ASP N    N N N 58  
ASP CA   C N S 59  
ASP C    C N N 60  
ASP O    O N N 61  
ASP CB   C N N 62  
ASP CG   C N N 63  
ASP OD1  O N N 64  
ASP OD2  O N N 65  
ASP OXT  O N N 66  
ASP H    H N N 67  
ASP H2   H N N 68  
ASP HA   H N N 69  
ASP HB2  H N N 70  
ASP HB3  H N N 71  
ASP HD2  H N N 72  
ASP HXT  H N N 73  
CYS N    N N N 74  
CYS CA   C N R 75  
CYS C    C N N 76  
CYS O    O N N 77  
CYS CB   C N N 78  
CYS SG   S N N 79  
CYS OXT  O N N 80  
CYS H    H N N 81  
CYS H2   H N N 82  
CYS HA   H N N 83  
CYS HB2  H N N 84  
CYS HB3  H N N 85  
CYS HG   H N N 86  
CYS HXT  H N N 87  
GLN N    N N N 88  
GLN CA   C N S 89  
GLN C    C N N 90  
GLN O    O N N 91  
GLN CB   C N N 92  
GLN CG   C N N 93  
GLN CD   C N N 94  
GLN OE1  O N N 95  
GLN NE2  N N N 96  
GLN OXT  O N N 97  
GLN H    H N N 98  
GLN H2   H N N 99  
GLN HA   H N N 100 
GLN HB2  H N N 101 
GLN HB3  H N N 102 
GLN HG2  H N N 103 
GLN HG3  H N N 104 
GLN HE21 H N N 105 
GLN HE22 H N N 106 
GLN HXT  H N N 107 
GLU N    N N N 108 
GLU CA   C N S 109 
GLU C    C N N 110 
GLU O    O N N 111 
GLU CB   C N N 112 
GLU CG   C N N 113 
GLU CD   C N N 114 
GLU OE1  O N N 115 
GLU OE2  O N N 116 
GLU OXT  O N N 117 
GLU H    H N N 118 
GLU H2   H N N 119 
GLU HA   H N N 120 
GLU HB2  H N N 121 
GLU HB3  H N N 122 
GLU HG2  H N N 123 
GLU HG3  H N N 124 
GLU HE2  H N N 125 
GLU HXT  H N N 126 
GLY N    N N N 127 
GLY CA   C N N 128 
GLY C    C N N 129 
GLY O    O N N 130 
GLY OXT  O N N 131 
GLY H    H N N 132 
GLY H2   H N N 133 
GLY HA2  H N N 134 
GLY HA3  H N N 135 
GLY HXT  H N N 136 
HIS N    N N N 137 
HIS CA   C N S 138 
HIS C    C N N 139 
HIS O    O N N 140 
HIS CB   C N N 141 
HIS CG   C Y N 142 
HIS ND1  N Y N 143 
HIS CD2  C Y N 144 
HIS CE1  C Y N 145 
HIS NE2  N Y N 146 
HIS OXT  O N N 147 
HIS H    H N N 148 
HIS H2   H N N 149 
HIS HA   H N N 150 
HIS HB2  H N N 151 
HIS HB3  H N N 152 
HIS HD1  H N N 153 
HIS HD2  H N N 154 
HIS HE1  H N N 155 
HIS HE2  H N N 156 
HIS HXT  H N N 157 
HOH O    O N N 158 
HOH H1   H N N 159 
HOH H2   H N N 160 
ILE N    N N N 161 
ILE CA   C N S 162 
ILE C    C N N 163 
ILE O    O N N 164 
ILE CB   C N S 165 
ILE CG1  C N N 166 
ILE CG2  C N N 167 
ILE CD1  C N N 168 
ILE OXT  O N N 169 
ILE H    H N N 170 
ILE H2   H N N 171 
ILE HA   H N N 172 
ILE HB   H N N 173 
ILE HG12 H N N 174 
ILE HG13 H N N 175 
ILE HG21 H N N 176 
ILE HG22 H N N 177 
ILE HG23 H N N 178 
ILE HD11 H N N 179 
ILE HD12 H N N 180 
ILE HD13 H N N 181 
ILE HXT  H N N 182 
LEU N    N N N 183 
LEU CA   C N S 184 
LEU C    C N N 185 
LEU O    O N N 186 
LEU CB   C N N 187 
LEU CG   C N N 188 
LEU CD1  C N N 189 
LEU CD2  C N N 190 
LEU OXT  O N N 191 
LEU H    H N N 192 
LEU H2   H N N 193 
LEU HA   H N N 194 
LEU HB2  H N N 195 
LEU HB3  H N N 196 
LEU HG   H N N 197 
LEU HD11 H N N 198 
LEU HD12 H N N 199 
LEU HD13 H N N 200 
LEU HD21 H N N 201 
LEU HD22 H N N 202 
LEU HD23 H N N 203 
LEU HXT  H N N 204 
LYS N    N N N 205 
LYS CA   C N S 206 
LYS C    C N N 207 
LYS O    O N N 208 
LYS CB   C N N 209 
LYS CG   C N N 210 
LYS CD   C N N 211 
LYS CE   C N N 212 
LYS NZ   N N N 213 
LYS OXT  O N N 214 
LYS H    H N N 215 
LYS H2   H N N 216 
LYS HA   H N N 217 
LYS HB2  H N N 218 
LYS HB3  H N N 219 
LYS HG2  H N N 220 
LYS HG3  H N N 221 
LYS HD2  H N N 222 
LYS HD3  H N N 223 
LYS HE2  H N N 224 
LYS HE3  H N N 225 
LYS HZ1  H N N 226 
LYS HZ2  H N N 227 
LYS HZ3  H N N 228 
LYS HXT  H N N 229 
MET N    N N N 230 
MET CA   C N S 231 
MET C    C N N 232 
MET O    O N N 233 
MET CB   C N N 234 
MET CG   C N N 235 
MET SD   S N N 236 
MET CE   C N N 237 
MET OXT  O N N 238 
MET H    H N N 239 
MET H2   H N N 240 
MET HA   H N N 241 
MET HB2  H N N 242 
MET HB3  H N N 243 
MET HG2  H N N 244 
MET HG3  H N N 245 
MET HE1  H N N 246 
MET HE2  H N N 247 
MET HE3  H N N 248 
MET HXT  H N N 249 
PHE N    N N N 250 
PHE CA   C N S 251 
PHE C    C N N 252 
PHE O    O N N 253 
PHE CB   C N N 254 
PHE CG   C Y N 255 
PHE CD1  C Y N 256 
PHE CD2  C Y N 257 
PHE CE1  C Y N 258 
PHE CE2  C Y N 259 
PHE CZ   C Y N 260 
PHE OXT  O N N 261 
PHE H    H N N 262 
PHE H2   H N N 263 
PHE HA   H N N 264 
PHE HB2  H N N 265 
PHE HB3  H N N 266 
PHE HD1  H N N 267 
PHE HD2  H N N 268 
PHE HE1  H N N 269 
PHE HE2  H N N 270 
PHE HZ   H N N 271 
PHE HXT  H N N 272 
PRO N    N N N 273 
PRO CA   C N S 274 
PRO C    C N N 275 
PRO O    O N N 276 
PRO CB   C N N 277 
PRO CG   C N N 278 
PRO CD   C N N 279 
PRO OXT  O N N 280 
PRO H    H N N 281 
PRO HA   H N N 282 
PRO HB2  H N N 283 
PRO HB3  H N N 284 
PRO HG2  H N N 285 
PRO HG3  H N N 286 
PRO HD2  H N N 287 
PRO HD3  H N N 288 
PRO HXT  H N N 289 
SER N    N N N 290 
SER CA   C N S 291 
SER C    C N N 292 
SER O    O N N 293 
SER CB   C N N 294 
SER OG   O N N 295 
SER OXT  O N N 296 
SER H    H N N 297 
SER H2   H N N 298 
SER HA   H N N 299 
SER HB2  H N N 300 
SER HB3  H N N 301 
SER HG   H N N 302 
SER HXT  H N N 303 
THR N    N N N 304 
THR CA   C N S 305 
THR C    C N N 306 
THR O    O N N 307 
THR CB   C N R 308 
THR OG1  O N N 309 
THR CG2  C N N 310 
THR OXT  O N N 311 
THR H    H N N 312 
THR H2   H N N 313 
THR HA   H N N 314 
THR HB   H N N 315 
THR HG1  H N N 316 
THR HG21 H N N 317 
THR HG22 H N N 318 
THR HG23 H N N 319 
THR HXT  H N N 320 
TRP N    N N N 321 
TRP CA   C N S 322 
TRP C    C N N 323 
TRP O    O N N 324 
TRP CB   C N N 325 
TRP CG   C Y N 326 
TRP CD1  C Y N 327 
TRP CD2  C Y N 328 
TRP NE1  N Y N 329 
TRP CE2  C Y N 330 
TRP CE3  C Y N 331 
TRP CZ2  C Y N 332 
TRP CZ3  C Y N 333 
TRP CH2  C Y N 334 
TRP OXT  O N N 335 
TRP H    H N N 336 
TRP H2   H N N 337 
TRP HA   H N N 338 
TRP HB2  H N N 339 
TRP HB3  H N N 340 
TRP HD1  H N N 341 
TRP HE1  H N N 342 
TRP HE3  H N N 343 
TRP HZ2  H N N 344 
TRP HZ3  H N N 345 
TRP HH2  H N N 346 
TRP HXT  H N N 347 
TYR N    N N N 348 
TYR CA   C N S 349 
TYR C    C N N 350 
TYR O    O N N 351 
TYR CB   C N N 352 
TYR CG   C Y N 353 
TYR CD1  C Y N 354 
TYR CD2  C Y N 355 
TYR CE1  C Y N 356 
TYR CE2  C Y N 357 
TYR CZ   C Y N 358 
TYR OH   O N N 359 
TYR OXT  O N N 360 
TYR H    H N N 361 
TYR H2   H N N 362 
TYR HA   H N N 363 
TYR HB2  H N N 364 
TYR HB3  H N N 365 
TYR HD1  H N N 366 
TYR HD2  H N N 367 
TYR HE1  H N N 368 
TYR HE2  H N N 369 
TYR HH   H N N 370 
TYR HXT  H N N 371 
VAL N    N N N 372 
VAL CA   C N S 373 
VAL C    C N N 374 
VAL O    O N N 375 
VAL CB   C N N 376 
VAL CG1  C N N 377 
VAL CG2  C N N 378 
VAL OXT  O N N 379 
VAL H    H N N 380 
VAL H2   H N N 381 
VAL HA   H N N 382 
VAL HB   H N N 383 
VAL HG11 H N N 384 
VAL HG12 H N N 385 
VAL HG13 H N N 386 
VAL HG21 H N N 387 
VAL HG22 H N N 388 
VAL HG23 H N N 389 
VAL HXT  H N N 390 
# 
loop_
_chem_comp_bond.comp_id 
_chem_comp_bond.atom_id_1 
_chem_comp_bond.atom_id_2 
_chem_comp_bond.value_order 
_chem_comp_bond.pdbx_aromatic_flag 
_chem_comp_bond.pdbx_stereo_config 
_chem_comp_bond.pdbx_ordinal 
ALA N   CA   sing N N 1   
ALA N   H    sing N N 2   
ALA N   H2   sing N N 3   
ALA CA  C    sing N N 4   
ALA CA  CB   sing N N 5   
ALA CA  HA   sing N N 6   
ALA C   O    doub N N 7   
ALA C   OXT  sing N N 8   
ALA CB  HB1  sing N N 9   
ALA CB  HB2  sing N N 10  
ALA CB  HB3  sing N N 11  
ALA OXT HXT  sing N N 12  
ARG N   CA   sing N N 13  
ARG N   H    sing N N 14  
ARG N   H2   sing N N 15  
ARG CA  C    sing N N 16  
ARG CA  CB   sing N N 17  
ARG CA  HA   sing N N 18  
ARG C   O    doub N N 19  
ARG C   OXT  sing N N 20  
ARG CB  CG   sing N N 21  
ARG CB  HB2  sing N N 22  
ARG CB  HB3  sing N N 23  
ARG CG  CD   sing N N 24  
ARG CG  HG2  sing N N 25  
ARG CG  HG3  sing N N 26  
ARG CD  NE   sing N N 27  
ARG CD  HD2  sing N N 28  
ARG CD  HD3  sing N N 29  
ARG NE  CZ   sing N N 30  
ARG NE  HE   sing N N 31  
ARG CZ  NH1  sing N N 32  
ARG CZ  NH2  doub N N 33  
ARG NH1 HH11 sing N N 34  
ARG NH1 HH12 sing N N 35  
ARG NH2 HH21 sing N N 36  
ARG NH2 HH22 sing N N 37  
ARG OXT HXT  sing N N 38  
ASN N   CA   sing N N 39  
ASN N   H    sing N N 40  
ASN N   H2   sing N N 41  
ASN CA  C    sing N N 42  
ASN CA  CB   sing N N 43  
ASN CA  HA   sing N N 44  
ASN C   O    doub N N 45  
ASN C   OXT  sing N N 46  
ASN CB  CG   sing N N 47  
ASN CB  HB2  sing N N 48  
ASN CB  HB3  sing N N 49  
ASN CG  OD1  doub N N 50  
ASN CG  ND2  sing N N 51  
ASN ND2 HD21 sing N N 52  
ASN ND2 HD22 sing N N 53  
ASN OXT HXT  sing N N 54  
ASP N   CA   sing N N 55  
ASP N   H    sing N N 56  
ASP N   H2   sing N N 57  
ASP CA  C    sing N N 58  
ASP CA  CB   sing N N 59  
ASP CA  HA   sing N N 60  
ASP C   O    doub N N 61  
ASP C   OXT  sing N N 62  
ASP CB  CG   sing N N 63  
ASP CB  HB2  sing N N 64  
ASP CB  HB3  sing N N 65  
ASP CG  OD1  doub N N 66  
ASP CG  OD2  sing N N 67  
ASP OD2 HD2  sing N N 68  
ASP OXT HXT  sing N N 69  
CYS N   CA   sing N N 70  
CYS N   H    sing N N 71  
CYS N   H2   sing N N 72  
CYS CA  C    sing N N 73  
CYS CA  CB   sing N N 74  
CYS CA  HA   sing N N 75  
CYS C   O    doub N N 76  
CYS C   OXT  sing N N 77  
CYS CB  SG   sing N N 78  
CYS CB  HB2  sing N N 79  
CYS CB  HB3  sing N N 80  
CYS SG  HG   sing N N 81  
CYS OXT HXT  sing N N 82  
GLN N   CA   sing N N 83  
GLN N   H    sing N N 84  
GLN N   H2   sing N N 85  
GLN CA  C    sing N N 86  
GLN CA  CB   sing N N 87  
GLN CA  HA   sing N N 88  
GLN C   O    doub N N 89  
GLN C   OXT  sing N N 90  
GLN CB  CG   sing N N 91  
GLN CB  HB2  sing N N 92  
GLN CB  HB3  sing N N 93  
GLN CG  CD   sing N N 94  
GLN CG  HG2  sing N N 95  
GLN CG  HG3  sing N N 96  
GLN CD  OE1  doub N N 97  
GLN CD  NE2  sing N N 98  
GLN NE2 HE21 sing N N 99  
GLN NE2 HE22 sing N N 100 
GLN OXT HXT  sing N N 101 
GLU N   CA   sing N N 102 
GLU N   H    sing N N 103 
GLU N   H2   sing N N 104 
GLU CA  C    sing N N 105 
GLU CA  CB   sing N N 106 
GLU CA  HA   sing N N 107 
GLU C   O    doub N N 108 
GLU C   OXT  sing N N 109 
GLU CB  CG   sing N N 110 
GLU CB  HB2  sing N N 111 
GLU CB  HB3  sing N N 112 
GLU CG  CD   sing N N 113 
GLU CG  HG2  sing N N 114 
GLU CG  HG3  sing N N 115 
GLU CD  OE1  doub N N 116 
GLU CD  OE2  sing N N 117 
GLU OE2 HE2  sing N N 118 
GLU OXT HXT  sing N N 119 
GLY N   CA   sing N N 120 
GLY N   H    sing N N 121 
GLY N   H2   sing N N 122 
GLY CA  C    sing N N 123 
GLY CA  HA2  sing N N 124 
GLY CA  HA3  sing N N 125 
GLY C   O    doub N N 126 
GLY C   OXT  sing N N 127 
GLY OXT HXT  sing N N 128 
HIS N   CA   sing N N 129 
HIS N   H    sing N N 130 
HIS N   H2   sing N N 131 
HIS CA  C    sing N N 132 
HIS CA  CB   sing N N 133 
HIS CA  HA   sing N N 134 
HIS C   O    doub N N 135 
HIS C   OXT  sing N N 136 
HIS CB  CG   sing N N 137 
HIS CB  HB2  sing N N 138 
HIS CB  HB3  sing N N 139 
HIS CG  ND1  sing Y N 140 
HIS CG  CD2  doub Y N 141 
HIS ND1 CE1  doub Y N 142 
HIS ND1 HD1  sing N N 143 
HIS CD2 NE2  sing Y N 144 
HIS CD2 HD2  sing N N 145 
HIS CE1 NE2  sing Y N 146 
HIS CE1 HE1  sing N N 147 
HIS NE2 HE2  sing N N 148 
HIS OXT HXT  sing N N 149 
HOH O   H1   sing N N 150 
HOH O   H2   sing N N 151 
ILE N   CA   sing N N 152 
ILE N   H    sing N N 153 
ILE N   H2   sing N N 154 
ILE CA  C    sing N N 155 
ILE CA  CB   sing N N 156 
ILE CA  HA   sing N N 157 
ILE C   O    doub N N 158 
ILE C   OXT  sing N N 159 
ILE CB  CG1  sing N N 160 
ILE CB  CG2  sing N N 161 
ILE CB  HB   sing N N 162 
ILE CG1 CD1  sing N N 163 
ILE CG1 HG12 sing N N 164 
ILE CG1 HG13 sing N N 165 
ILE CG2 HG21 sing N N 166 
ILE CG2 HG22 sing N N 167 
ILE CG2 HG23 sing N N 168 
ILE CD1 HD11 sing N N 169 
ILE CD1 HD12 sing N N 170 
ILE CD1 HD13 sing N N 171 
ILE OXT HXT  sing N N 172 
LEU N   CA   sing N N 173 
LEU N   H    sing N N 174 
LEU N   H2   sing N N 175 
LEU CA  C    sing N N 176 
LEU CA  CB   sing N N 177 
LEU CA  HA   sing N N 178 
LEU C   O    doub N N 179 
LEU C   OXT  sing N N 180 
LEU CB  CG   sing N N 181 
LEU CB  HB2  sing N N 182 
LEU CB  HB3  sing N N 183 
LEU CG  CD1  sing N N 184 
LEU CG  CD2  sing N N 185 
LEU CG  HG   sing N N 186 
LEU CD1 HD11 sing N N 187 
LEU CD1 HD12 sing N N 188 
LEU CD1 HD13 sing N N 189 
LEU CD2 HD21 sing N N 190 
LEU CD2 HD22 sing N N 191 
LEU CD2 HD23 sing N N 192 
LEU OXT HXT  sing N N 193 
LYS N   CA   sing N N 194 
LYS N   H    sing N N 195 
LYS N   H2   sing N N 196 
LYS CA  C    sing N N 197 
LYS CA  CB   sing N N 198 
LYS CA  HA   sing N N 199 
LYS C   O    doub N N 200 
LYS C   OXT  sing N N 201 
LYS CB  CG   sing N N 202 
LYS CB  HB2  sing N N 203 
LYS CB  HB3  sing N N 204 
LYS CG  CD   sing N N 205 
LYS CG  HG2  sing N N 206 
LYS CG  HG3  sing N N 207 
LYS CD  CE   sing N N 208 
LYS CD  HD2  sing N N 209 
LYS CD  HD3  sing N N 210 
LYS CE  NZ   sing N N 211 
LYS CE  HE2  sing N N 212 
LYS CE  HE3  sing N N 213 
LYS NZ  HZ1  sing N N 214 
LYS NZ  HZ2  sing N N 215 
LYS NZ  HZ3  sing N N 216 
LYS OXT HXT  sing N N 217 
MET N   CA   sing N N 218 
MET N   H    sing N N 219 
MET N   H2   sing N N 220 
MET CA  C    sing N N 221 
MET CA  CB   sing N N 222 
MET CA  HA   sing N N 223 
MET C   O    doub N N 224 
MET C   OXT  sing N N 225 
MET CB  CG   sing N N 226 
MET CB  HB2  sing N N 227 
MET CB  HB3  sing N N 228 
MET CG  SD   sing N N 229 
MET CG  HG2  sing N N 230 
MET CG  HG3  sing N N 231 
MET SD  CE   sing N N 232 
MET CE  HE1  sing N N 233 
MET CE  HE2  sing N N 234 
MET CE  HE3  sing N N 235 
MET OXT HXT  sing N N 236 
PHE N   CA   sing N N 237 
PHE N   H    sing N N 238 
PHE N   H2   sing N N 239 
PHE CA  C    sing N N 240 
PHE CA  CB   sing N N 241 
PHE CA  HA   sing N N 242 
PHE C   O    doub N N 243 
PHE C   OXT  sing N N 244 
PHE CB  CG   sing N N 245 
PHE CB  HB2  sing N N 246 
PHE CB  HB3  sing N N 247 
PHE CG  CD1  doub Y N 248 
PHE CG  CD2  sing Y N 249 
PHE CD1 CE1  sing Y N 250 
PHE CD1 HD1  sing N N 251 
PHE CD2 CE2  doub Y N 252 
PHE CD2 HD2  sing N N 253 
PHE CE1 CZ   doub Y N 254 
PHE CE1 HE1  sing N N 255 
PHE CE2 CZ   sing Y N 256 
PHE CE2 HE2  sing N N 257 
PHE CZ  HZ   sing N N 258 
PHE OXT HXT  sing N N 259 
PRO N   CA   sing N N 260 
PRO N   CD   sing N N 261 
PRO N   H    sing N N 262 
PRO CA  C    sing N N 263 
PRO CA  CB   sing N N 264 
PRO CA  HA   sing N N 265 
PRO C   O    doub N N 266 
PRO C   OXT  sing N N 267 
PRO CB  CG   sing N N 268 
PRO CB  HB2  sing N N 269 
PRO CB  HB3  sing N N 270 
PRO CG  CD   sing N N 271 
PRO CG  HG2  sing N N 272 
PRO CG  HG3  sing N N 273 
PRO CD  HD2  sing N N 274 
PRO CD  HD3  sing N N 275 
PRO OXT HXT  sing N N 276 
SER N   CA   sing N N 277 
SER N   H    sing N N 278 
SER N   H2   sing N N 279 
SER CA  C    sing N N 280 
SER CA  CB   sing N N 281 
SER CA  HA   sing N N 282 
SER C   O    doub N N 283 
SER C   OXT  sing N N 284 
SER CB  OG   sing N N 285 
SER CB  HB2  sing N N 286 
SER CB  HB3  sing N N 287 
SER OG  HG   sing N N 288 
SER OXT HXT  sing N N 289 
THR N   CA   sing N N 290 
THR N   H    sing N N 291 
THR N   H2   sing N N 292 
THR CA  C    sing N N 293 
THR CA  CB   sing N N 294 
THR CA  HA   sing N N 295 
THR C   O    doub N N 296 
THR C   OXT  sing N N 297 
THR CB  OG1  sing N N 298 
THR CB  CG2  sing N N 299 
THR CB  HB   sing N N 300 
THR OG1 HG1  sing N N 301 
THR CG2 HG21 sing N N 302 
THR CG2 HG22 sing N N 303 
THR CG2 HG23 sing N N 304 
THR OXT HXT  sing N N 305 
TRP N   CA   sing N N 306 
TRP N   H    sing N N 307 
TRP N   H2   sing N N 308 
TRP CA  C    sing N N 309 
TRP CA  CB   sing N N 310 
TRP CA  HA   sing N N 311 
TRP C   O    doub N N 312 
TRP C   OXT  sing N N 313 
TRP CB  CG   sing N N 314 
TRP CB  HB2  sing N N 315 
TRP CB  HB3  sing N N 316 
TRP CG  CD1  doub Y N 317 
TRP CG  CD2  sing Y N 318 
TRP CD1 NE1  sing Y N 319 
TRP CD1 HD1  sing N N 320 
TRP CD2 CE2  doub Y N 321 
TRP CD2 CE3  sing Y N 322 
TRP NE1 CE2  sing Y N 323 
TRP NE1 HE1  sing N N 324 
TRP CE2 CZ2  sing Y N 325 
TRP CE3 CZ3  doub Y N 326 
TRP CE3 HE3  sing N N 327 
TRP CZ2 CH2  doub Y N 328 
TRP CZ2 HZ2  sing N N 329 
TRP CZ3 CH2  sing Y N 330 
TRP CZ3 HZ3  sing N N 331 
TRP CH2 HH2  sing N N 332 
TRP OXT HXT  sing N N 333 
TYR N   CA   sing N N 334 
TYR N   H    sing N N 335 
TYR N   H2   sing N N 336 
TYR CA  C    sing N N 337 
TYR CA  CB   sing N N 338 
TYR CA  HA   sing N N 339 
TYR C   O    doub N N 340 
TYR C   OXT  sing N N 341 
TYR CB  CG   sing N N 342 
TYR CB  HB2  sing N N 343 
TYR CB  HB3  sing N N 344 
TYR CG  CD1  doub Y N 345 
TYR CG  CD2  sing Y N 346 
TYR CD1 CE1  sing Y N 347 
TYR CD1 HD1  sing N N 348 
TYR CD2 CE2  doub Y N 349 
TYR CD2 HD2  sing N N 350 
TYR CE1 CZ   doub Y N 351 
TYR CE1 HE1  sing N N 352 
TYR CE2 CZ   sing Y N 353 
TYR CE2 HE2  sing N N 354 
TYR CZ  OH   sing N N 355 
TYR OH  HH   sing N N 356 
TYR OXT HXT  sing N N 357 
VAL N   CA   sing N N 358 
VAL N   H    sing N N 359 
VAL N   H2   sing N N 360 
VAL CA  C    sing N N 361 
VAL CA  CB   sing N N 362 
VAL CA  HA   sing N N 363 
VAL C   O    doub N N 364 
VAL C   OXT  sing N N 365 
VAL CB  CG1  sing N N 366 
VAL CB  CG2  sing N N 367 
VAL CB  HB   sing N N 368 
VAL CG1 HG11 sing N N 369 
VAL CG1 HG12 sing N N 370 
VAL CG1 HG13 sing N N 371 
VAL CG2 HG21 sing N N 372 
VAL CG2 HG22 sing N N 373 
VAL CG2 HG23 sing N N 374 
VAL OXT HXT  sing N N 375 
# 
_atom_sites.entry_id                    1EKR 
_atom_sites.fract_transf_matrix[1][1]   -0.00265695 
_atom_sites.fract_transf_matrix[1][2]   -0.01227042 
_atom_sites.fract_transf_matrix[1][3]   0.00170699 
_atom_sites.fract_transf_matrix[2][1]   -0.00286274 
_atom_sites.fract_transf_matrix[2][2]   -0.00431810 
_atom_sites.fract_transf_matrix[2][3]   0.01156234 
_atom_sites.fract_transf_matrix[3][1]   -0.01542552 
_atom_sites.fract_transf_matrix[3][2]   0.00296275 
_atom_sites.fract_transf_matrix[3][3]   -0.00271276 
_atom_sites.fract_transf_vector[1]      0.719251 
_atom_sites.fract_transf_vector[2]      0.162584 
_atom_sites.fract_transf_vector[3]      0.661404 
# 
loop_
_atom_type.symbol 
C 
N 
O 
S 
# 
loop_
_atom_site.group_PDB 
_atom_site.id 
_atom_site.type_symbol 
_atom_site.label_atom_id 
_atom_site.label_alt_id 
_atom_site.label_comp_id 
_atom_site.label_asym_id 
_atom_site.label_entity_id 
_atom_site.label_seq_id 
_atom_site.pdbx_PDB_ins_code 
_atom_site.Cartn_x 
_atom_site.Cartn_y 
_atom_site.Cartn_z 
_atom_site.occupancy 
_atom_site.B_iso_or_equiv 
_atom_site.pdbx_formal_charge 
_atom_site.auth_seq_id 
_atom_site.auth_comp_id 
_atom_site.auth_asym_id 
_atom_site.auth_atom_id 
_atom_site.pdbx_PDB_model_num 
ATOM   1    N N   . GLY A 1 11  ? -4.670  -20.047 23.812  1.00 108.56 ? 11  GLY A N   1 
ATOM   2    C CA  . GLY A 1 11  ? -5.458  -20.440 22.655  1.00 111.34 ? 11  GLY A CA  1 
ATOM   3    C C   . GLY A 1 11  ? -6.083  -19.271 21.906  1.00 113.63 ? 11  GLY A C   1 
ATOM   4    O O   . GLY A 1 11  ? -6.830  -19.474 20.941  1.00 115.22 ? 11  GLY A O   1 
ATOM   5    N N   . GLU A 1 12  ? -5.780  -18.045 22.326  1.00 113.79 ? 12  GLU A N   1 
ATOM   6    C CA  . GLU A 1 12  ? -6.329  -16.853 21.678  1.00 113.76 ? 12  GLU A CA  1 
ATOM   7    C C   . GLU A 1 12  ? -5.247  -15.816 21.411  1.00 114.48 ? 12  GLU A C   1 
ATOM   8    O O   . GLU A 1 12  ? -4.078  -16.041 21.752  1.00 117.63 ? 12  GLU A O   1 
ATOM   9    C CB  . GLU A 1 12  ? -7.439  -16.246 22.534  1.00 113.49 ? 12  GLU A CB  1 
ATOM   10   C CG  . GLU A 1 12  ? -8.633  -15.703 21.763  1.00 107.79 ? 12  GLU A CG  1 
ATOM   11   C CD  . GLU A 1 12  ? -9.564  -16.843 21.393  1.00 110.62 ? 12  GLU A CD  1 
ATOM   12   O OE1 . GLU A 1 12  ? -9.115  -17.814 20.751  1.00 112.22 ? 12  GLU A OE1 1 
ATOM   13   O OE2 . GLU A 1 12  ? -10.751 -16.766 21.761  1.00 113.08 ? 12  GLU A OE2 1 
ATOM   14   N N   . ALA A 1 13  ? -5.600  -14.703 20.778  1.00 112.70 ? 13  ALA A N   1 
ATOM   15   C CA  . ALA A 1 13  ? -4.613  -13.704 20.379  1.00 112.19 ? 13  ALA A CA  1 
ATOM   16   C C   . ALA A 1 13  ? -3.616  -13.300 21.448  1.00 110.01 ? 13  ALA A C   1 
ATOM   17   O O   . ALA A 1 13  ? -3.885  -13.040 22.616  1.00 103.01 ? 13  ALA A O   1 
ATOM   18   C CB  . ALA A 1 13  ? -5.349  -12.475 19.863  1.00 112.87 ? 13  ALA A CB  1 
ATOM   19   N N   . HIS A 1 14  ? -2.337  -13.256 21.070  1.00 111.48 ? 14  HIS A N   1 
ATOM   20   C CA  . HIS A 1 14  ? -1.220  -12.911 21.936  1.00 115.01 ? 14  HIS A CA  1 
ATOM   21   C C   . HIS A 1 14  ? 0.032   -12.638 21.102  1.00 114.21 ? 14  HIS A C   1 
ATOM   22   O O   . HIS A 1 14  ? 0.681   -13.560 20.597  1.00 116.81 ? 14  HIS A O   1 
ATOM   23   C CB  . HIS A 1 14  ? -0.886  -13.992 22.972  1.00 114.94 ? 14  HIS A CB  1 
ATOM   24   C CG  . HIS A 1 14  ? -1.058  -15.408 22.527  1.00 114.77 ? 14  HIS A CG  1 
ATOM   25   N ND1 . HIS A 1 14  ? -1.549  -16.414 23.330  1.00 114.71 ? 14  HIS A ND1 1 
ATOM   26   C CD2 . HIS A 1 14  ? -0.867  -15.978 21.317  1.00 114.84 ? 14  HIS A CD2 1 
ATOM   27   C CE1 . HIS A 1 14  ? -1.609  -17.540 22.640  1.00 113.32 ? 14  HIS A CE1 1 
ATOM   28   N NE2 . HIS A 1 14  ? -1.207  -17.301 21.404  1.00 114.10 ? 14  HIS A NE2 1 
ATOM   29   N N   . MET A 1 15  ? 0.388   -11.365 20.950  1.00 112.62 ? 15  MET A N   1 
ATOM   30   C CA  . MET A 1 15  ? 1.569   -11.003 20.164  1.00 113.27 ? 15  MET A CA  1 
ATOM   31   C C   . MET A 1 15  ? 2.870   -11.499 20.788  1.00 114.75 ? 15  MET A C   1 
ATOM   32   O O   . MET A 1 15  ? 2.934   -11.841 21.971  1.00 117.70 ? 15  MET A O   1 
ATOM   33   C CB  . MET A 1 15  ? 1.626   -9.498  19.927  1.00 110.53 ? 15  MET A CB  1 
ATOM   34   C CG  . MET A 1 15  ? 1.410   -8.638  21.158  1.00 108.49 ? 15  MET A CG  1 
ATOM   35   S SD  . MET A 1 15  ? 1.373   -6.882  20.767  1.00 104.79 ? 15  MET A SD  1 
ATOM   36   C CE  . MET A 1 15  ? 2.926   -6.271  21.379  1.00 102.75 ? 15  MET A CE  1 
ATOM   37   N N   . VAL A 1 16  ? 3.907   -11.608 19.955  1.00 113.90 ? 16  VAL A N   1 
ATOM   38   C CA  . VAL A 1 16  ? 5.190   -12.134 20.398  1.00 112.84 ? 16  VAL A CA  1 
ATOM   39   C C   . VAL A 1 16  ? 6.083   -11.014 20.933  1.00 113.40 ? 16  VAL A C   1 
ATOM   40   O O   . VAL A 1 16  ? 5.896   -9.845  20.594  1.00 113.13 ? 16  VAL A O   1 
ATOM   41   C CB  . VAL A 1 16  ? 5.980   -12.867 19.295  1.00 112.87 ? 16  VAL A CB  1 
ATOM   42   C CG1 . VAL A 1 16  ? 6.843   -13.936 19.966  1.00 112.07 ? 16  VAL A CG1 1 
ATOM   43   C CG2 . VAL A 1 16  ? 5.089   -13.474 18.227  1.00 109.94 ? 16  VAL A CG2 1 
ATOM   44   N N   . ASP A 1 17  ? 7.057   -11.394 21.752  1.00 113.53 ? 17  ASP A N   1 
ATOM   45   C CA  . ASP A 1 17  ? 7.995   -10.439 22.329  1.00 113.05 ? 17  ASP A CA  1 
ATOM   46   C C   . ASP A 1 17  ? 9.110   -10.130 21.332  1.00 112.88 ? 17  ASP A C   1 
ATOM   47   O O   . ASP A 1 17  ? 9.666   -11.027 20.700  1.00 109.46 ? 17  ASP A O   1 
ATOM   48   C CB  . ASP A 1 17  ? 8.591   -10.974 23.631  1.00 112.45 ? 17  ASP A CB  1 
ATOM   49   C CG  . ASP A 1 17  ? 9.135   -9.912  24.562  1.00 109.97 ? 17  ASP A CG  1 
ATOM   50   O OD1 . ASP A 1 17  ? 9.280   -10.142 25.765  1.00 108.03 ? 17  ASP A OD1 1 
ATOM   51   O OD2 . ASP A 1 17  ? 9.444   -8.726  24.055  1.00 109.81 ? 17  ASP A OD2 1 
ATOM   52   N N   . VAL A 1 18  ? 9.427   -8.846  21.194  1.00 112.90 ? 18  VAL A N   1 
ATOM   53   C CA  . VAL A 1 18  ? 10.480  -8.395  20.295  1.00 112.50 ? 18  VAL A CA  1 
ATOM   54   C C   . VAL A 1 18  ? 11.655  -7.788  21.055  1.00 112.69 ? 18  VAL A C   1 
ATOM   55   O O   . VAL A 1 18  ? 12.575  -7.221  20.461  1.00 113.62 ? 18  VAL A O   1 
ATOM   56   C CB  . VAL A 1 18  ? 9.942   -7.388  19.260  1.00 112.65 ? 18  VAL A CB  1 
ATOM   57   C CG1 . VAL A 1 18  ? 9.087   -8.110  18.221  1.00 113.84 ? 18  VAL A CG1 1 
ATOM   58   C CG2 . VAL A 1 18  ? 9.122   -6.291  19.923  1.00 110.02 ? 18  VAL A CG2 1 
ATOM   59   N N   . SER A 1 19  ? 11.658  -7.936  22.376  1.00 112.86 ? 19  SER A N   1 
ATOM   60   C CA  . SER A 1 19  ? 12.714  -7.414  23.233  1.00 112.70 ? 19  SER A CA  1 
ATOM   61   C C   . SER A 1 19  ? 14.101  -7.824  22.745  1.00 112.05 ? 19  SER A C   1 
ATOM   62   O O   . SER A 1 19  ? 14.908  -6.986  22.337  1.00 110.94 ? 19  SER A O   1 
ATOM   63   C CB  . SER A 1 19  ? 12.530  -7.886  24.678  1.00 111.76 ? 19  SER A CB  1 
ATOM   64   O OG  . SER A 1 19  ? 11.325  -7.405  25.245  1.00 114.70 ? 19  SER A OG  1 
ATOM   65   N N   . ALA A 1 20  ? 14.382  -9.123  22.816  1.00 110.85 ? 20  ALA A N   1 
ATOM   66   C CA  . ALA A 1 20  ? 15.662  -9.645  22.347  1.00 111.54 ? 20  ALA A CA  1 
ATOM   67   C C   . ALA A 1 20  ? 15.561  -10.023 20.870  1.00 113.72 ? 20  ALA A C   1 
ATOM   68   O O   . ALA A 1 20  ? 15.200  -11.146 20.519  1.00 114.81 ? 20  ALA A O   1 
ATOM   69   C CB  . ALA A 1 20  ? 16.102  -10.832 23.186  1.00 110.83 ? 20  ALA A CB  1 
ATOM   70   N N   . LYS A 1 21  ? 15.863  -9.056  20.007  1.00 114.34 ? 21  LYS A N   1 
ATOM   71   C CA  . LYS A 1 21  ? 15.814  -9.281  18.565  1.00 114.86 ? 21  LYS A CA  1 
ATOM   72   C C   . LYS A 1 21  ? 16.914  -8.487  17.863  1.00 116.48 ? 21  LYS A C   1 
ATOM   73   O O   . LYS A 1 21  ? 17.199  -8.710  16.685  1.00 119.34 ? 21  LYS A O   1 
ATOM   74   C CB  . LYS A 1 21  ? 14.445  -8.894  18.006  1.00 112.52 ? 21  LYS A CB  1 
ATOM   75   C CG  . LYS A 1 21  ? 13.914  -9.778  16.892  1.00 112.83 ? 21  LYS A CG  1 
ATOM   76   C CD  . LYS A 1 21  ? 12.658  -10.517 17.326  1.00 112.94 ? 21  LYS A CD  1 
ATOM   77   C CE  . LYS A 1 21  ? 12.401  -11.737 16.452  1.00 114.21 ? 21  LYS A CE  1 
ATOM   78   N NZ  . LYS A 1 21  ? 13.469  -12.752 16.695  1.00 115.63 ? 21  LYS A NZ  1 
ATOM   79   N N   . ALA A 1 22  ? 17.532  -7.554  18.579  1.00 115.52 ? 22  ALA A N   1 
ATOM   80   C CA  . ALA A 1 22  ? 18.601  -6.724  18.043  1.00 115.45 ? 22  ALA A CA  1 
ATOM   81   C C   . ALA A 1 22  ? 18.092  -5.717  17.012  1.00 115.94 ? 22  ALA A C   1 
ATOM   82   O O   . ALA A 1 22  ? 17.036  -5.873  16.398  1.00 115.42 ? 22  ALA A O   1 
ATOM   83   C CB  . ALA A 1 22  ? 19.716  -7.576  17.445  1.00 112.89 ? 22  ALA A CB  1 
ATOM   84   N N   . GLU A 1 23  ? 18.867  -4.642  16.852  1.00 115.67 ? 23  GLU A N   1 
ATOM   85   C CA  . GLU A 1 23  ? 18.502  -3.581  15.913  1.00 113.53 ? 23  GLU A CA  1 
ATOM   86   C C   . GLU A 1 23  ? 19.136  -3.844  14.553  1.00 113.32 ? 23  GLU A C   1 
ATOM   87   O O   . GLU A 1 23  ? 20.244  -4.370  14.464  1.00 110.77 ? 23  GLU A O   1 
ATOM   88   C CB  . GLU A 1 23  ? 18.942  -2.225  16.459  1.00 112.45 ? 23  GLU A CB  1 
ATOM   89   C CG  . GLU A 1 23  ? 17.890  -1.141  16.325  1.00 113.36 ? 23  GLU A CG  1 
ATOM   90   C CD  . GLU A 1 23  ? 18.359  0.204   16.842  1.00 113.83 ? 23  GLU A CD  1 
ATOM   91   O OE1 . GLU A 1 23  ? 19.486  0.612   16.487  1.00 112.88 ? 23  GLU A OE1 1 
ATOM   92   O OE2 . GLU A 1 23  ? 17.591  0.834   17.598  1.00 113.90 ? 23  GLU A OE2 1 
ATOM   93   N N   . THR A 1 24  ? 18.416  -3.549  13.479  1.00 113.53 ? 24  THR A N   1 
ATOM   94   C CA  . THR A 1 24  ? 18.860  -3.750  12.111  1.00 111.31 ? 24  THR A CA  1 
ATOM   95   C C   . THR A 1 24  ? 18.119  -2.817  11.146  1.00 110.30 ? 24  THR A C   1 
ATOM   96   O O   . THR A 1 24  ? 17.107  -2.218  11.512  1.00 112.30 ? 24  THR A O   1 
ATOM   97   C CB  . THR A 1 24  ? 18.634  -5.186  11.583  1.00 112.26 ? 24  THR A CB  1 
ATOM   98   O OG1 . THR A 1 24  ? 17.441  -5.753  12.162  1.00 111.14 ? 24  THR A OG1 1 
ATOM   99   C CG2 . THR A 1 24  ? 19.824  -6.100  11.859  1.00 112.38 ? 24  THR A CG2 1 
ATOM   100  N N   . VAL A 1 25  ? 18.598  -2.721  9.911   1.00 105.51 ? 25  VAL A N   1 
ATOM   101  C CA  . VAL A 1 25  ? 17.933  -1.922  8.879   1.00 101.80 ? 25  VAL A CA  1 
ATOM   102  C C   . VAL A 1 25  ? 16.876  -2.775  8.179   1.00 100.13 ? 25  VAL A C   1 
ATOM   103  O O   . VAL A 1 25  ? 17.216  -3.652  7.383   1.00 98.65  ? 25  VAL A O   1 
ATOM   104  C CB  . VAL A 1 25  ? 18.943  -1.367  7.860   1.00 99.58  ? 25  VAL A CB  1 
ATOM   105  C CG1 . VAL A 1 25  ? 18.284  -0.886  6.573   1.00 100.53 ? 25  VAL A CG1 1 
ATOM   106  C CG2 . VAL A 1 25  ? 19.665  -0.181  8.503   1.00 100.86 ? 25  VAL A CG2 1 
ATOM   107  N N   . ARG A 1 26  ? 15.604  -2.521  8.485   1.00 93.54  ? 26  ARG A N   1 
ATOM   108  C CA  . ARG A 1 26  ? 14.525  -3.293  7.880   1.00 91.28  ? 26  ARG A CA  1 
ATOM   109  C C   . ARG A 1 26  ? 13.885  -2.550  6.709   1.00 88.91  ? 26  ARG A C   1 
ATOM   110  O O   . ARG A 1 26  ? 13.826  -1.324  6.655   1.00 84.06  ? 26  ARG A O   1 
ATOM   111  C CB  . ARG A 1 26  ? 13.453  -3.676  8.891   1.00 96.28  ? 26  ARG A CB  1 
ATOM   112  C CG  . ARG A 1 26  ? 13.853  -4.332  10.185  1.00 99.80  ? 26  ARG A CG  1 
ATOM   113  C CD  . ARG A 1 26  ? 14.959  -5.357  10.034  1.00 105.71 ? 26  ARG A CD  1 
ATOM   114  N NE  . ARG A 1 26  ? 14.721  -6.509  10.902  1.00 110.29 ? 26  ARG A NE  1 
ATOM   115  C CZ  . ARG A 1 26  ? 14.189  -7.643  10.457  1.00 111.40 ? 26  ARG A CZ  1 
ATOM   116  N NH1 . ARG A 1 26  ? 13.868  -7.781  9.179   1.00 112.45 ? 26  ARG A NH1 1 
ATOM   117  N NH2 . ARG A 1 26  ? 13.986  -8.653  11.291  1.00 112.01 ? 26  ARG A NH2 1 
ATOM   118  N N   . GLU A 1 27  ? 13.377  -3.330  5.761   1.00 82.35  ? 27  GLU A N   1 
ATOM   119  C CA  . GLU A 1 27  ? 12.741  -2.768  4.574   1.00 77.37  ? 27  GLU A CA  1 
ATOM   120  C C   . GLU A 1 27  ? 11.776  -3.760  3.942   1.00 71.88  ? 27  GLU A C   1 
ATOM   121  O O   . GLU A 1 27  ? 11.965  -4.974  4.054   1.00 68.89  ? 27  GLU A O   1 
ATOM   122  C CB  . GLU A 1 27  ? 13.834  -2.360  3.587   1.00 74.95  ? 27  GLU A CB  1 
ATOM   123  C CG  . GLU A 1 27  ? 13.399  -2.222  2.144   1.00 80.54  ? 27  GLU A CG  1 
ATOM   124  C CD  . GLU A 1 27  ? 14.509  -1.763  1.224   1.00 88.31  ? 27  GLU A CD  1 
ATOM   125  O OE1 . GLU A 1 27  ? 15.077  -0.682  1.478   1.00 85.52  ? 27  GLU A OE1 1 
ATOM   126  O OE2 . GLU A 1 27  ? 14.819  -2.480  0.251   1.00 90.32  ? 27  GLU A OE2 1 
ATOM   127  N N   . ALA A 1 28  ? 10.743  -3.244  3.278   1.00 62.71  ? 28  ALA A N   1 
ATOM   128  C CA  . ALA A 1 28  ? 9.843   -4.128  2.549   1.00 58.41  ? 28  ALA A CA  1 
ATOM   129  C C   . ALA A 1 28  ? 9.118   -3.347  1.459   1.00 58.23  ? 28  ALA A C   1 
ATOM   130  O O   . ALA A 1 28  ? 8.915   -2.133  1.466   1.00 54.46  ? 28  ALA A O   1 
ATOM   131  C CB  . ALA A 1 28  ? 8.904   -4.875  3.464   1.00 56.56  ? 28  ALA A CB  1 
ATOM   132  N N   . ARG A 1 29  ? 8.793   -4.086  0.401   1.00 58.54  ? 29  ARG A N   1 
ATOM   133  C CA  . ARG A 1 29  ? 8.120   -3.502  -0.751  1.00 58.22  ? 29  ARG A CA  1 
ATOM   134  C C   . ARG A 1 29  ? 6.901   -4.356  -1.086  1.00 54.98  ? 29  ARG A C   1 
ATOM   135  O O   . ARG A 1 29  ? 7.007   -5.584  -1.081  1.00 57.96  ? 29  ARG A O   1 
ATOM   136  C CB  . ARG A 1 29  ? 9.034   -3.429  -1.984  1.00 61.39  ? 29  ARG A CB  1 
ATOM   137  C CG  . ARG A 1 29  ? 10.301  -2.602  -1.803  1.00 68.47  ? 29  ARG A CG  1 
ATOM   138  C CD  . ARG A 1 29  ? 11.032  -2.454  -3.131  1.00 77.12  ? 29  ARG A CD  1 
ATOM   139  N NE  . ARG A 1 29  ? 12.290  -1.728  -3.007  1.00 85.11  ? 29  ARG A NE  1 
ATOM   140  C CZ  . ARG A 1 29  ? 13.385  -2.181  -2.403  1.00 93.37  ? 29  ARG A CZ  1 
ATOM   141  N NH1 . ARG A 1 29  ? 13.414  -3.378  -1.823  1.00 89.36  ? 29  ARG A NH1 1 
ATOM   142  N NH2 . ARG A 1 29  ? 14.474  -1.415  -2.374  1.00 93.22  ? 29  ARG A NH2 1 
ATOM   143  N N   . ALA A 1 30  ? 5.796   -3.714  -1.432  1.00 53.80  ? 30  ALA A N   1 
ATOM   144  C CA  . ALA A 1 30  ? 4.604   -4.460  -1.830  1.00 51.31  ? 30  ALA A CA  1 
ATOM   145  C C   . ALA A 1 30  ? 4.017   -3.869  -3.107  1.00 54.12  ? 30  ALA A C   1 
ATOM   146  O O   . ALA A 1 30  ? 4.377   -2.762  -3.538  1.00 51.17  ? 30  ALA A O   1 
ATOM   147  C CB  . ALA A 1 30  ? 3.580   -4.431  -0.697  1.00 53.80  ? 30  ALA A CB  1 
ATOM   148  N N   . GLU A 1 31  ? 3.105   -4.627  -3.713  1.00 53.05  ? 31  GLU A N   1 
ATOM   149  C CA  . GLU A 1 31  ? 2.403   -4.099  -4.888  1.00 59.04  ? 31  GLU A CA  1 
ATOM   150  C C   . GLU A 1 31  ? 0.899   -4.333  -4.777  1.00 49.49  ? 31  GLU A C   1 
ATOM   151  O O   . GLU A 1 31  ? 0.444   -5.298  -4.150  1.00 53.77  ? 31  GLU A O   1 
ATOM   152  C CB  . GLU A 1 31  ? 2.966   -4.708  -6.174  1.00 52.40  ? 31  GLU A CB  1 
ATOM   153  C CG  . GLU A 1 31  ? 2.473   -6.102  -6.492  1.00 54.40  ? 31  GLU A CG  1 
ATOM   154  C CD  . GLU A 1 31  ? 3.080   -6.654  -7.776  1.00 67.46  ? 31  GLU A CD  1 
ATOM   155  O OE1 . GLU A 1 31  ? 3.542   -5.874  -8.639  1.00 62.79  ? 31  GLU A OE1 1 
ATOM   156  O OE2 . GLU A 1 31  ? 3.100   -7.891  -7.921  1.00 65.37  ? 31  GLU A OE2 1 
ATOM   157  N N   . ALA A 1 32  ? 0.120   -3.521  -5.477  1.00 52.01  ? 32  ALA A N   1 
ATOM   158  C CA  . ALA A 1 32  ? -1.327  -3.664  -5.559  1.00 53.61  ? 32  ALA A CA  1 
ATOM   159  C C   . ALA A 1 32  ? -1.813  -3.169  -6.924  1.00 55.63  ? 32  ALA A C   1 
ATOM   160  O O   . ALA A 1 32  ? -1.208  -2.275  -7.522  1.00 56.05  ? 32  ALA A O   1 
ATOM   161  C CB  . ALA A 1 32  ? -2.035  -2.872  -4.470  1.00 48.25  ? 32  ALA A CB  1 
ATOM   162  N N   . PHE A 1 33  ? -2.938  -3.713  -7.365  1.00 55.51  ? 33  PHE A N   1 
ATOM   163  C CA  . PHE A 1 33  ? -3.504  -3.337  -8.648  1.00 53.69  ? 33  PHE A CA  1 
ATOM   164  C C   . PHE A 1 33  ? -5.000  -3.058  -8.527  1.00 55.87  ? 33  PHE A C   1 
ATOM   165  O O   . PHE A 1 33  ? -5.741  -3.717  -7.799  1.00 51.39  ? 33  PHE A O   1 
ATOM   166  C CB  . PHE A 1 33  ? -3.309  -4.438  -9.707  1.00 56.96  ? 33  PHE A CB  1 
ATOM   167  C CG  . PHE A 1 33  ? -1.896  -4.818  -10.038 1.00 60.21  ? 33  PHE A CG  1 
ATOM   168  C CD1 . PHE A 1 33  ? -1.248  -5.781  -9.273  1.00 57.56  ? 33  PHE A CD1 1 
ATOM   169  C CD2 . PHE A 1 33  ? -1.207  -4.202  -11.069 1.00 60.02  ? 33  PHE A CD2 1 
ATOM   170  C CE1 . PHE A 1 33  ? 0.063   -6.121  -9.535  1.00 63.55  ? 33  PHE A CE1 1 
ATOM   171  C CE2 . PHE A 1 33  ? 0.108   -4.540  -11.332 1.00 65.65  ? 33  PHE A CE2 1 
ATOM   172  C CZ  . PHE A 1 33  ? 0.747   -5.499  -10.568 1.00 59.25  ? 33  PHE A CZ  1 
ATOM   173  N N   . VAL A 1 34  ? -5.466  -2.047  -9.255  1.00 48.74  ? 34  VAL A N   1 
ATOM   174  C CA  . VAL A 1 34  ? -6.892  -1.759  -9.341  1.00 53.68  ? 34  VAL A CA  1 
ATOM   175  C C   . VAL A 1 34  ? -7.272  -1.899  -10.819 1.00 59.73  ? 34  VAL A C   1 
ATOM   176  O O   . VAL A 1 34  ? -6.729  -1.162  -11.640 1.00 59.50  ? 34  VAL A O   1 
ATOM   177  C CB  . VAL A 1 34  ? -7.223  -0.356  -8.825  1.00 52.56  ? 34  VAL A CB  1 
ATOM   178  C CG1 . VAL A 1 34  ? -8.723  -0.119  -8.843  1.00 51.13  ? 34  VAL A CG1 1 
ATOM   179  C CG2 . VAL A 1 34  ? -6.686  -0.142  -7.408  1.00 51.88  ? 34  VAL A CG2 1 
ATOM   180  N N   . THR A 1 35  ? -8.114  -2.862  -11.144 1.00 60.19  ? 35  THR A N   1 
ATOM   181  C CA  . THR A 1 35  ? -8.532  -3.100  -12.527 1.00 66.61  ? 35  THR A CA  1 
ATOM   182  C C   . THR A 1 35  ? -9.838  -2.376  -12.820 1.00 64.41  ? 35  THR A C   1 
ATOM   183  O O   . THR A 1 35  ? -10.733 -2.326  -11.972 1.00 56.47  ? 35  THR A O   1 
ATOM   184  C CB  . THR A 1 35  ? -8.672  -4.606  -12.826 1.00 64.09  ? 35  THR A CB  1 
ATOM   185  O OG1 . THR A 1 35  ? -7.357  -5.173  -12.710 1.00 61.00  ? 35  THR A OG1 1 
ATOM   186  C CG2 . THR A 1 35  ? -9.216  -4.860  -14.224 1.00 70.78  ? 35  THR A CG2 1 
ATOM   187  N N   . MET A 1 36  ? -9.897  -1.730  -13.988 1.00 62.36  ? 36  MET A N   1 
ATOM   188  C CA  . MET A 1 36  ? -11.057 -0.924  -14.337 1.00 62.60  ? 36  MET A CA  1 
ATOM   189  C C   . MET A 1 36  ? -11.267 -0.850  -15.852 1.00 57.75  ? 36  MET A C   1 
ATOM   190  O O   . MET A 1 36  ? -10.462 -1.377  -16.613 1.00 60.23  ? 36  MET A O   1 
ATOM   191  C CB  . MET A 1 36  ? -10.815 0.490   -13.775 1.00 59.48  ? 36  MET A CB  1 
ATOM   192  C CG  . MET A 1 36  ? -9.529  1.125   -14.307 1.00 57.60  ? 36  MET A CG  1 
ATOM   193  S SD  . MET A 1 36  ? -9.206  2.754   -13.616 1.00 59.48  ? 36  MET A SD  1 
ATOM   194  C CE  . MET A 1 36  ? -8.454  2.285   -12.044 1.00 67.85  ? 36  MET A CE  1 
ATOM   195  N N   . ARG A 1 37  ? -12.318 -0.157  -16.266 1.00 67.53  ? 37  ARG A N   1 
ATOM   196  C CA  . ARG A 1 37  ? -12.606 0.076   -17.675 1.00 69.47  ? 37  ARG A CA  1 
ATOM   197  C C   . ARG A 1 37  ? -11.705 1.153   -18.268 1.00 69.71  ? 37  ARG A C   1 
ATOM   198  O O   . ARG A 1 37  ? -11.300 2.074   -17.553 1.00 69.24  ? 37  ARG A O   1 
ATOM   199  C CB  . ARG A 1 37  ? -14.055 0.498   -17.901 1.00 72.43  ? 37  ARG A CB  1 
ATOM   200  C CG  . ARG A 1 37  ? -15.001 -0.694  -17.922 1.00 72.23  ? 37  ARG A CG  1 
ATOM   201  C CD  . ARG A 1 37  ? -16.384 -0.298  -18.425 1.00 74.64  ? 37  ARG A CD  1 
ATOM   202  N NE  . ARG A 1 37  ? -16.944 0.795   -17.660 1.00 70.23  ? 37  ARG A NE  1 
ATOM   203  C CZ  . ARG A 1 37  ? -17.823 0.704   -16.675 1.00 72.53  ? 37  ARG A CZ  1 
ATOM   204  N NH1 . ARG A 1 37  ? -18.331 -0.454  -16.298 1.00 69.49  ? 37  ARG A NH1 1 
ATOM   205  N NH2 . ARG A 1 37  ? -18.170 1.856   -16.106 1.00 67.56  ? 37  ARG A NH2 1 
ATOM   206  N N   . SER A 1 38  ? -11.473 1.089   -19.574 1.00 67.74  ? 38  SER A N   1 
ATOM   207  C CA  . SER A 1 38  ? -10.669 2.060   -20.293 1.00 62.25  ? 38  SER A CA  1 
ATOM   208  C C   . SER A 1 38  ? -11.088 3.498   -20.028 1.00 57.98  ? 38  SER A C   1 
ATOM   209  O O   . SER A 1 38  ? -10.248 4.361   -19.730 1.00 66.09  ? 38  SER A O   1 
ATOM   210  C CB  . SER A 1 38  ? -10.704 1.757   -21.802 1.00 66.24  ? 38  SER A CB  1 
ATOM   211  O OG  . SER A 1 38  ? -12.028 1.798   -22.305 1.00 62.98  ? 38  SER A OG  1 
ATOM   212  N N   . GLU A 1 39  ? -12.378 3.807   -20.118 1.00 60.16  ? 39  GLU A N   1 
ATOM   213  C CA  . GLU A 1 39  ? -12.861 5.160   -19.853 1.00 68.64  ? 39  GLU A CA  1 
ATOM   214  C C   . GLU A 1 39  ? -12.501 5.600   -18.430 1.00 65.30  ? 39  GLU A C   1 
ATOM   215  O O   . GLU A 1 39  ? -12.111 6.748   -18.195 1.00 60.56  ? 39  GLU A O   1 
ATOM   216  C CB  . GLU A 1 39  ? -14.359 5.299   -20.080 1.00 61.83  ? 39  GLU A CB  1 
ATOM   217  C CG  . GLU A 1 39  ? -14.879 4.904   -21.456 1.00 68.49  ? 39  GLU A CG  1 
ATOM   218  C CD  . GLU A 1 39  ? -15.548 3.545   -21.390 1.00 71.32  ? 39  GLU A CD  1 
ATOM   219  O OE1 . GLU A 1 39  ? -14.850 2.599   -20.967 1.00 71.82  ? 39  GLU A OE1 1 
ATOM   220  O OE2 . GLU A 1 39  ? -16.749 3.428   -21.711 1.00 69.59  ? 39  GLU A OE2 1 
ATOM   221  N N   . THR A 1 40  ? -12.676 4.696   -17.469 1.00 66.60  ? 40  THR A N   1 
ATOM   222  C CA  . THR A 1 40  ? -12.358 4.996   -16.074 1.00 63.82  ? 40  THR A CA  1 
ATOM   223  C C   . THR A 1 40  ? -10.877 5.375   -15.928 1.00 59.69  ? 40  THR A C   1 
ATOM   224  O O   . THR A 1 40  ? -10.524 6.480   -15.503 1.00 61.76  ? 40  THR A O   1 
ATOM   225  C CB  . THR A 1 40  ? -12.696 3.833   -15.129 1.00 68.38  ? 40  THR A CB  1 
ATOM   226  O OG1 . THR A 1 40  ? -13.983 3.285   -15.465 1.00 65.98  ? 40  THR A OG1 1 
ATOM   227  C CG2 . THR A 1 40  ? -12.763 4.340   -13.690 1.00 64.57  ? 40  THR A CG2 1 
ATOM   228  N N   . LEU A 1 41  ? -9.975  4.510   -16.378 1.00 53.77  ? 41  LEU A N   1 
ATOM   229  C CA  . LEU A 1 41  ? -8.548  4.836   -16.331 1.00 62.97  ? 41  LEU A CA  1 
ATOM   230  C C   . LEU A 1 41  ? -8.240  6.099   -17.129 1.00 66.67  ? 41  LEU A C   1 
ATOM   231  O O   . LEU A 1 41  ? -7.600  7.034   -16.640 1.00 61.77  ? 41  LEU A O   1 
ATOM   232  C CB  . LEU A 1 41  ? -7.758  3.641   -16.829 1.00 56.02  ? 41  LEU A CB  1 
ATOM   233  C CG  . LEU A 1 41  ? -6.239  3.790   -16.769 1.00 59.69  ? 41  LEU A CG  1 
ATOM   234  C CD1 . LEU A 1 41  ? -5.716  3.756   -15.339 1.00 63.18  ? 41  LEU A CD1 1 
ATOM   235  C CD2 . LEU A 1 41  ? -5.573  2.647   -17.526 1.00 55.51  ? 41  LEU A CD2 1 
ATOM   236  N N   . ALA A 1 42  ? -8.807  6.215   -18.335 1.00 65.26  ? 42  ALA A N   1 
ATOM   237  C CA  . ALA A 1 42  ? -8.631  7.397   -19.169 1.00 67.06  ? 42  ALA A CA  1 
ATOM   238  C C   . ALA A 1 42  ? -8.941  8.679   -18.399 1.00 68.07  ? 42  ALA A C   1 
ATOM   239  O O   . ALA A 1 42  ? -8.177  9.641   -18.504 1.00 67.40  ? 42  ALA A O   1 
ATOM   240  C CB  . ALA A 1 42  ? -9.503  7.349   -20.419 1.00 67.71  ? 42  ALA A CB  1 
ATOM   241  N N   . MET A 1 43  ? -10.025 8.698   -17.628 1.00 58.98  ? 43  MET A N   1 
ATOM   242  C CA  . MET A 1 43  ? -10.370 9.840   -16.804 1.00 66.65  ? 43  MET A CA  1 
ATOM   243  C C   . MET A 1 43  ? -9.294  10.120  -15.768 1.00 71.79  ? 43  MET A C   1 
ATOM   244  O O   . MET A 1 43  ? -8.955  11.283  -15.546 1.00 67.88  ? 43  MET A O   1 
ATOM   245  C CB  . MET A 1 43  ? -11.721 9.633   -16.104 1.00 67.28  ? 43  MET A CB  1 
ATOM   246  C CG  . MET A 1 43  ? -12.875 9.872   -17.070 1.00 69.05  ? 43  MET A CG  1 
ATOM   247  S SD  . MET A 1 43  ? -14.470 9.580   -16.304 1.00 70.57  ? 43  MET A SD  1 
ATOM   248  C CE  . MET A 1 43  ? -14.786 11.118  -15.447 1.00 72.71  ? 43  MET A CE  1 
ATOM   249  N N   . ILE A 1 44  ? -8.658  9.118   -15.167 1.00 70.75  ? 44  ILE A N   1 
ATOM   250  C CA  . ILE A 1 44  ? -7.540  9.360   -14.249 1.00 73.56  ? 44  ILE A CA  1 
ATOM   251  C C   . ILE A 1 44  ? -6.409  10.094  -14.967 1.00 74.35  ? 44  ILE A C   1 
ATOM   252  O O   . ILE A 1 44  ? -5.812  11.048  -14.467 1.00 77.22  ? 44  ILE A O   1 
ATOM   253  C CB  . ILE A 1 44  ? -7.022  8.048   -13.631 1.00 68.90  ? 44  ILE A CB  1 
ATOM   254  C CG1 . ILE A 1 44  ? -8.064  7.468   -12.664 1.00 62.50  ? 44  ILE A CG1 1 
ATOM   255  C CG2 . ILE A 1 44  ? -5.690  8.240   -12.910 1.00 64.69  ? 44  ILE A CG2 1 
ATOM   256  C CD1 . ILE A 1 44  ? -7.894  5.985   -12.392 1.00 62.14  ? 44  ILE A CD1 1 
ATOM   257  N N   . ILE A 1 45  ? -6.105  9.694   -16.199 1.00 80.34  ? 45  ILE A N   1 
ATOM   258  C CA  . ILE A 1 45  ? -5.054  10.329  -16.981 1.00 83.50  ? 45  ILE A CA  1 
ATOM   259  C C   . ILE A 1 45  ? -5.421  11.699  -17.532 1.00 87.46  ? 45  ILE A C   1 
ATOM   260  O O   . ILE A 1 45  ? -4.491  12.499  -17.742 1.00 87.41  ? 45  ILE A O   1 
ATOM   261  C CB  . ILE A 1 45  ? -4.629  9.377   -18.135 1.00 82.29  ? 45  ILE A CB  1 
ATOM   262  C CG1 . ILE A 1 45  ? -4.264  7.997   -17.571 1.00 77.10  ? 45  ILE A CG1 1 
ATOM   263  C CG2 . ILE A 1 45  ? -3.437  9.969   -18.888 1.00 84.22  ? 45  ILE A CG2 1 
ATOM   264  C CD1 . ILE A 1 45  ? -3.728  6.977   -18.544 1.00 76.29  ? 45  ILE A CD1 1 
ATOM   265  N N   . ASP A 1 46  ? -6.647  12.222  -17.456 1.00 97.48  ? 46  ASP A N   1 
ATOM   266  C CA  . ASP A 1 46  ? -7.086  13.308  -18.292 1.00 105.51 ? 46  ASP A CA  1 
ATOM   267  C C   . ASP A 1 46  ? -7.653  14.683  -18.183 1.00 111.86 ? 46  ASP A C   1 
ATOM   268  O O   . ASP A 1 46  ? -8.011  15.212  -19.283 1.00 119.62 ? 46  ASP A O   1 
ATOM   269  C CB  . ASP A 1 46  ? -8.248  12.594  -19.119 1.00 104.75 ? 46  ASP A CB  1 
ATOM   270  C CG  . ASP A 1 46  ? -7.798  12.263  -20.523 1.00 101.80 ? 46  ASP A CG  1 
ATOM   271  O OD1 . ASP A 1 46  ? -6.644  12.567  -20.886 1.00 103.15 ? 46  ASP A OD1 1 
ATOM   272  O OD2 . ASP A 1 46  ? -8.616  11.690  -21.278 1.00 100.75 ? 46  ASP A OD2 1 
ATOM   273  N N   . GLY A 1 47  ? -7.838  15.446  -17.142 1.00 111.19 ? 47  GLY A N   1 
ATOM   274  C CA  . GLY A 1 47  ? -7.500  15.040  -15.812 1.00 114.78 ? 47  GLY A CA  1 
ATOM   275  C C   . GLY A 1 47  ? -8.754  15.058  -14.921 1.00 116.01 ? 47  GLY A C   1 
ATOM   276  O O   . GLY A 1 47  ? -9.572  15.922  -14.661 1.00 115.61 ? 47  GLY A O   1 
ATOM   277  N N   . ARG A 1 48  ? -8.983  13.821  -14.547 1.00 117.46 ? 48  ARG A N   1 
ATOM   278  C CA  . ARG A 1 48  ? -9.832  13.209  -13.602 1.00 116.69 ? 48  ARG A CA  1 
ATOM   279  C C   . ARG A 1 48  ? -11.332 13.382  -13.496 1.00 115.89 ? 48  ARG A C   1 
ATOM   280  O O   . ARG A 1 48  ? -12.144 13.936  -14.220 1.00 116.22 ? 48  ARG A O   1 
ATOM   281  C CB  . ARG A 1 48  ? -9.222  13.528  -12.201 1.00 108.23 ? 48  ARG A CB  1 
ATOM   282  C CG  . ARG A 1 48  ? -8.228  12.448  -11.836 1.00 105.87 ? 48  ARG A CG  1 
ATOM   283  C CD  . ARG A 1 48  ? -6.811  12.734  -12.295 1.00 102.31 ? 48  ARG A CD  1 
ATOM   284  N NE  . ARG A 1 48  ? -5.917  11.807  -11.611 1.00 95.86  ? 48  ARG A NE  1 
ATOM   285  C CZ  . ARG A 1 48  ? -4.612  11.960  -11.431 1.00 94.32  ? 48  ARG A CZ  1 
ATOM   286  N NH1 . ARG A 1 48  ? -3.960  13.020  -11.886 1.00 101.28 ? 48  ARG A NH1 1 
ATOM   287  N NH2 . ARG A 1 48  ? -3.953  11.030  -10.752 1.00 82.14  ? 48  ARG A NH2 1 
ATOM   288  N N   . HIS A 1 49  ? -11.740 12.612  -12.485 1.00 110.47 ? 49  HIS A N   1 
ATOM   289  C CA  . HIS A 1 49  ? -13.076 12.517  -11.947 1.00 105.06 ? 49  HIS A CA  1 
ATOM   290  C C   . HIS A 1 49  ? -13.312 13.795  -11.156 1.00 105.10 ? 49  HIS A C   1 
ATOM   291  O O   . HIS A 1 49  ? -12.412 14.589  -10.873 1.00 102.41 ? 49  HIS A O   1 
ATOM   292  C CB  . HIS A 1 49  ? -13.154 11.245  -11.093 1.00 99.98  ? 49  HIS A CB  1 
ATOM   293  C CG  . HIS A 1 49  ? -12.590 10.039  -11.797 1.00 91.06  ? 49  HIS A CG  1 
ATOM   294  N ND1 . HIS A 1 49  ? -13.391 9.028   -12.279 1.00 87.03  ? 49  HIS A ND1 1 
ATOM   295  C CD2 . HIS A 1 49  ? -11.321 9.680   -12.111 1.00 88.94  ? 49  HIS A CD2 1 
ATOM   296  C CE1 . HIS A 1 49  ? -12.644 8.101   -12.854 1.00 83.75  ? 49  HIS A CE1 1 
ATOM   297  N NE2 . HIS A 1 49  ? -11.378 8.471   -12.766 1.00 87.92  ? 49  HIS A NE2 1 
ATOM   298  N N   . HIS A 1 50  ? -14.557 13.965  -10.738 1.00 105.61 ? 50  HIS A N   1 
ATOM   299  C CA  . HIS A 1 50  ? -15.012 15.110  -9.968  1.00 103.92 ? 50  HIS A CA  1 
ATOM   300  C C   . HIS A 1 50  ? -14.372 15.195  -8.589  1.00 101.11 ? 50  HIS A C   1 
ATOM   301  O O   . HIS A 1 50  ? -14.465 16.221  -7.908  1.00 95.42  ? 50  HIS A O   1 
ATOM   302  C CB  . HIS A 1 50  ? -16.542 15.058  -9.835  1.00 108.53 ? 50  HIS A CB  1 
ATOM   303  C CG  . HIS A 1 50  ? -17.044 13.918  -9.004  1.00 111.90 ? 50  HIS A CG  1 
ATOM   304  N ND1 . HIS A 1 50  ? -17.441 12.713  -9.547  1.00 113.67 ? 50  HIS A ND1 1 
ATOM   305  C CD2 . HIS A 1 50  ? -17.208 13.798  -7.664  1.00 112.28 ? 50  HIS A CD2 1 
ATOM   306  C CE1 . HIS A 1 50  ? -17.828 11.905  -8.577  1.00 114.01 ? 50  HIS A CE1 1 
ATOM   307  N NE2 . HIS A 1 50  ? -17.698 12.537  -7.423  1.00 115.10 ? 50  HIS A NE2 1 
ATOM   308  N N   . LYS A 1 51  ? -13.733 14.127  -8.131  1.00 97.58  ? 51  LYS A N   1 
ATOM   309  C CA  . LYS A 1 51  ? -13.063 14.069  -6.852  1.00 91.99  ? 51  LYS A CA  1 
ATOM   310  C C   . LYS A 1 51  ? -11.718 14.784  -6.874  1.00 88.27  ? 51  LYS A C   1 
ATOM   311  O O   . LYS A 1 51  ? -11.326 15.310  -5.823  1.00 87.37  ? 51  LYS A O   1 
ATOM   312  C CB  . LYS A 1 51  ? -12.901 12.617  -6.391  1.00 96.92  ? 51  LYS A CB  1 
ATOM   313  C CG  . LYS A 1 51  ? -14.225 11.992  -5.966  1.00 93.82  ? 51  LYS A CG  1 
ATOM   314  C CD  . LYS A 1 51  ? -14.006 11.144  -4.719  1.00 96.79  ? 51  LYS A CD  1 
ATOM   315  C CE  . LYS A 1 51  ? -15.325 10.712  -4.108  1.00 97.91  ? 51  LYS A CE  1 
ATOM   316  N NZ  . LYS A 1 51  ? -15.178 10.174  -2.727  1.00 94.04  ? 51  LYS A NZ  1 
ATOM   317  N N   . GLY A 1 52  ? -11.019 14.819  -8.009  1.00 81.15  ? 52  GLY A N   1 
ATOM   318  C CA  . GLY A 1 52  ? -9.747  15.535  -8.062  1.00 80.11  ? 52  GLY A CA  1 
ATOM   319  C C   . GLY A 1 52  ? -8.558  14.697  -8.492  1.00 72.51  ? 52  GLY A C   1 
ATOM   320  O O   . GLY A 1 52  ? -8.722  13.735  -9.236  1.00 67.10  ? 52  GLY A O   1 
ATOM   321  N N   . ASP A 1 53  ? -7.357  15.043  -8.028  1.00 64.24  ? 53  ASP A N   1 
ATOM   322  C CA  . ASP A 1 53  ? -6.151  14.310  -8.379  1.00 62.58  ? 53  ASP A CA  1 
ATOM   323  C C   . ASP A 1 53  ? -6.105  12.916  -7.756  1.00 64.17  ? 53  ASP A C   1 
ATOM   324  O O   . ASP A 1 53  ? -5.707  12.750  -6.604  1.00 57.53  ? 53  ASP A O   1 
ATOM   325  C CB  . ASP A 1 53  ? -4.919  15.088  -7.914  1.00 63.91  ? 53  ASP A CB  1 
ATOM   326  C CG  . ASP A 1 53  ? -3.655  14.624  -8.603  1.00 69.60  ? 53  ASP A CG  1 
ATOM   327  O OD1 . ASP A 1 53  ? -3.499  13.455  -9.012  1.00 71.94  ? 53  ASP A OD1 1 
ATOM   328  O OD2 . ASP A 1 53  ? -2.745  15.476  -8.726  1.00 73.63  ? 53  ASP A OD2 1 
ATOM   329  N N   . VAL A 1 54  ? -6.472  11.907  -8.530  1.00 63.05  ? 54  VAL A N   1 
ATOM   330  C CA  . VAL A 1 54  ? -6.541  10.525  -8.085  1.00 61.40  ? 54  VAL A CA  1 
ATOM   331  C C   . VAL A 1 54  ? -5.246  9.976   -7.508  1.00 62.43  ? 54  VAL A C   1 
ATOM   332  O O   . VAL A 1 54  ? -5.221  9.489   -6.366  1.00 55.81  ? 54  VAL A O   1 
ATOM   333  C CB  . VAL A 1 54  ? -7.060  9.618   -9.218  1.00 64.89  ? 54  VAL A CB  1 
ATOM   334  C CG1 . VAL A 1 54  ? -7.088  8.146   -8.834  1.00 58.67  ? 54  VAL A CG1 1 
ATOM   335  C CG2 . VAL A 1 54  ? -8.473  10.045  -9.598  1.00 61.97  ? 54  VAL A CG2 1 
ATOM   336  N N   . PHE A 1 55  ? -4.158  10.053  -8.264  1.00 56.16  ? 55  PHE A N   1 
ATOM   337  C CA  . PHE A 1 55  ? -2.876  9.530   -7.822  1.00 56.70  ? 55  PHE A CA  1 
ATOM   338  C C   . PHE A 1 55  ? -2.320  10.239  -6.605  1.00 60.71  ? 55  PHE A C   1 
ATOM   339  O O   . PHE A 1 55  ? -1.897  9.594   -5.642  1.00 63.32  ? 55  PHE A O   1 
ATOM   340  C CB  . PHE A 1 55  ? -1.899  9.562   -8.996  1.00 59.34  ? 55  PHE A CB  1 
ATOM   341  C CG  . PHE A 1 55  ? -2.075  8.445   -9.990  1.00 59.59  ? 55  PHE A CG  1 
ATOM   342  C CD1 . PHE A 1 55  ? -3.229  7.683   -10.022 1.00 58.79  ? 55  PHE A CD1 1 
ATOM   343  C CD2 . PHE A 1 55  ? -1.079  8.166   -10.915 1.00 65.21  ? 55  PHE A CD2 1 
ATOM   344  C CE1 . PHE A 1 55  ? -3.394  6.659   -10.926 1.00 59.27  ? 55  PHE A CE1 1 
ATOM   345  C CE2 . PHE A 1 55  ? -1.234  7.146   -11.835 1.00 58.22  ? 55  PHE A CE2 1 
ATOM   346  C CZ  . PHE A 1 55  ? -2.392  6.392   -11.843 1.00 62.25  ? 55  PHE A CZ  1 
ATOM   347  N N   . ALA A 1 56  ? -2.351  11.565  -6.608  1.00 60.05  ? 56  ALA A N   1 
ATOM   348  C CA  . ALA A 1 56  ? -1.848  12.361  -5.500  1.00 61.13  ? 56  ALA A CA  1 
ATOM   349  C C   . ALA A 1 56  ? -2.573  12.049  -4.188  1.00 50.14  ? 56  ALA A C   1 
ATOM   350  O O   . ALA A 1 56  ? -1.949  12.028  -3.143  1.00 53.22  ? 56  ALA A O   1 
ATOM   351  C CB  . ALA A 1 56  ? -1.976  13.849  -5.790  1.00 56.36  ? 56  ALA A CB  1 
ATOM   352  N N   . THR A 1 57  ? -3.875  11.883  -4.261  1.00 47.51  ? 57  THR A N   1 
ATOM   353  C CA  . THR A 1 57  ? -4.697  11.560  -3.102  1.00 52.51  ? 57  THR A CA  1 
ATOM   354  C C   . THR A 1 57  ? -4.444  10.131  -2.650  1.00 51.93  ? 57  THR A C   1 
ATOM   355  O O   . THR A 1 57  ? -4.430  9.865   -1.450  1.00 50.40  ? 57  THR A O   1 
ATOM   356  C CB  . THR A 1 57  ? -6.192  11.725  -3.430  1.00 51.93  ? 57  THR A CB  1 
ATOM   357  O OG1 . THR A 1 57  ? -6.377  13.052  -3.971  1.00 55.31  ? 57  THR A OG1 1 
ATOM   358  C CG2 . THR A 1 57  ? -7.071  11.586  -2.200  1.00 48.20  ? 57  THR A CG2 1 
ATOM   359  N N   . ALA A 1 58  ? -4.272  9.191   -3.576  1.00 48.60  ? 58  ALA A N   1 
ATOM   360  C CA  . ALA A 1 58  ? -4.031  7.795   -3.183  1.00 47.58  ? 58  ALA A CA  1 
ATOM   361  C C   . ALA A 1 58  ? -2.660  7.654   -2.529  1.00 51.97  ? 58  ALA A C   1 
ATOM   362  O O   . ALA A 1 58  ? -2.485  6.904   -1.568  1.00 47.34  ? 58  ALA A O   1 
ATOM   363  C CB  . ALA A 1 58  ? -4.168  6.850   -4.375  1.00 43.46  ? 58  ALA A CB  1 
ATOM   364  N N   . ARG A 1 59  ? -1.698  8.443   -3.004  1.00 47.73  ? 59  ARG A N   1 
ATOM   365  C CA  . ARG A 1 59  ? -0.346  8.424   -2.485  1.00 49.43  ? 59  ARG A CA  1 
ATOM   366  C C   . ARG A 1 59  ? -0.320  8.850   -1.017  1.00 46.90  ? 59  ARG A C   1 
ATOM   367  O O   . ARG A 1 59  ? 0.253   8.161   -0.178  1.00 47.57  ? 59  ARG A O   1 
ATOM   368  C CB  . ARG A 1 59  ? 0.599   9.316   -3.308  1.00 49.83  ? 59  ARG A CB  1 
ATOM   369  C CG  . ARG A 1 59  ? 1.979   9.518   -2.712  1.00 55.55  ? 59  ARG A CG  1 
ATOM   370  C CD  . ARG A 1 59  ? 2.943   10.194  -3.682  1.00 69.19  ? 59  ARG A CD  1 
ATOM   371  N NE  . ARG A 1 59  ? 3.220   9.416   -4.875  1.00 75.84  ? 59  ARG A NE  1 
ATOM   372  C CZ  . ARG A 1 59  ? 2.759   9.562   -6.109  1.00 81.59  ? 59  ARG A CZ  1 
ATOM   373  N NH1 . ARG A 1 59  ? 1.917   10.539  -6.442  1.00 72.13  ? 59  ARG A NH1 1 
ATOM   374  N NH2 . ARG A 1 59  ? 3.174   8.692   -7.033  1.00 75.97  ? 59  ARG A NH2 1 
ATOM   375  N N   . ILE A 1 60  ? -0.959  9.970   -0.727  1.00 46.81  ? 60  ILE A N   1 
ATOM   376  C CA  . ILE A 1 60  ? -1.013  10.484  0.644   1.00 46.84  ? 60  ILE A CA  1 
ATOM   377  C C   . ILE A 1 60  ? -1.765  9.531   1.564   1.00 50.19  ? 60  ILE A C   1 
ATOM   378  O O   . ILE A 1 60  ? -1.376  9.345   2.723   1.00 46.04  ? 60  ILE A O   1 
ATOM   379  C CB  . ILE A 1 60  ? -1.706  11.867  0.669   1.00 52.45  ? 60  ILE A CB  1 
ATOM   380  C CG1 . ILE A 1 60  ? -0.921  12.899  -0.135  1.00 55.60  ? 60  ILE A CG1 1 
ATOM   381  C CG2 . ILE A 1 60  ? -1.937  12.335  2.106   1.00 52.15  ? 60  ILE A CG2 1 
ATOM   382  C CD1 . ILE A 1 60  ? 0.555   12.966  0.172   1.00 59.43  ? 60  ILE A CD1 1 
ATOM   383  N N   . ALA A 1 61  ? -2.852  8.937   1.064   1.00 46.58  ? 61  ALA A N   1 
ATOM   384  C CA  . ALA A 1 61  ? -3.655  8.040   1.899   1.00 48.30  ? 61  ALA A CA  1 
ATOM   385  C C   . ALA A 1 61  ? -2.785  6.857   2.307   1.00 47.26  ? 61  ALA A C   1 
ATOM   386  O O   . ALA A 1 61  ? -2.791  6.361   3.424   1.00 41.75  ? 61  ALA A O   1 
ATOM   387  C CB  . ALA A 1 61  ? -4.831  7.518   1.059   1.00 43.77  ? 61  ALA A CB  1 
ATOM   388  N N   . GLY A 1 62  ? -2.101  6.266   1.301   1.00 42.40  ? 62  GLY A N   1 
ATOM   389  C CA  . GLY A 1 62  ? -1.204  5.149   1.527   1.00 44.89  ? 62  GLY A CA  1 
ATOM   390  C C   . GLY A 1 62  ? -0.086  5.453   2.517   1.00 48.75  ? 62  GLY A C   1 
ATOM   391  O O   . GLY A 1 62  ? 0.248   4.627   3.378   1.00 47.88  ? 62  GLY A O   1 
ATOM   392  N N   . ILE A 1 63  ? 0.530   6.630   2.401   1.00 45.29  ? 63  ILE A N   1 
ATOM   393  C CA  . ILE A 1 63  ? 1.578   7.009   3.347   1.00 45.40  ? 63  ILE A CA  1 
ATOM   394  C C   . ILE A 1 63  ? 1.025   7.127   4.759   1.00 46.84  ? 63  ILE A C   1 
ATOM   395  O O   . ILE A 1 63  ? 1.649   6.634   5.714   1.00 46.27  ? 63  ILE A O   1 
ATOM   396  C CB  . ILE A 1 63  ? 2.275   8.318   2.930   1.00 49.87  ? 63  ILE A CB  1 
ATOM   397  C CG1 . ILE A 1 63  ? 3.132   8.082   1.673   1.00 45.47  ? 63  ILE A CG1 1 
ATOM   398  C CG2 . ILE A 1 63  ? 3.176   8.881   4.032   1.00 48.42  ? 63  ILE A CG2 1 
ATOM   399  C CD1 . ILE A 1 63  ? 3.514   9.429   1.047   1.00 56.36  ? 63  ILE A CD1 1 
ATOM   400  N N   . GLN A 1 64  ? -0.119  7.794   4.929   1.00 45.29  ? 64  GLN A N   1 
ATOM   401  C CA  . GLN A 1 64  ? -0.697  7.947   6.261   1.00 47.07  ? 64  GLN A CA  1 
ATOM   402  C C   . GLN A 1 64  ? -1.082  6.602   6.861   1.00 47.61  ? 64  GLN A C   1 
ATOM   403  O O   . GLN A 1 64  ? -0.894  6.367   8.052   1.00 46.59  ? 64  GLN A O   1 
ATOM   404  C CB  A GLN A 1 64  ? -1.976  8.806   6.185   0.50 43.10  ? 64  GLN A CB  1 
ATOM   405  C CB  B GLN A 1 64  ? -1.868  8.938   6.280   0.50 46.90  ? 64  GLN A CB  1 
ATOM   406  C CG  A GLN A 1 64  ? -1.710  10.232  6.115   0.50 49.43  ? 64  GLN A CG  1 
ATOM   407  C CG  B GLN A 1 64  ? -1.410  10.381  6.107   0.50 49.90  ? 64  GLN A CG  1 
ATOM   408  C CD  A GLN A 1 64  ? -2.548  11.248  5.803   0.50 44.05  ? 64  GLN A CD  1 
ATOM   409  C CD  B GLN A 1 64  ? -0.983  11.118  7.355   0.50 54.66  ? 64  GLN A CD  1 
ATOM   410  O OE1 A GLN A 1 64  ? -3.679  11.161  5.325   0.50 56.10  ? 64  GLN A OE1 1 
ATOM   411  O OE1 B GLN A 1 64  ? -0.010  10.838  8.055   0.50 54.84  ? 64  GLN A OE1 1 
ATOM   412  N NE2 A GLN A 1 64  ? -2.131  11.979  6.821   0.50 58.26  ? 64  GLN A NE2 1 
ATOM   413  N NE2 B GLN A 1 64  ? -1.757  12.157  7.674   0.50 58.96  ? 64  GLN A NE2 1 
ATOM   414  N N   . ALA A 1 65  ? -1.635  5.714   6.032   1.00 48.00  ? 65  ALA A N   1 
ATOM   415  C CA  . ALA A 1 65  ? -2.070  4.389   6.464   1.00 44.00  ? 65  ALA A CA  1 
ATOM   416  C C   . ALA A 1 65  ? -0.917  3.535   6.960   1.00 47.45  ? 65  ALA A C   1 
ATOM   417  O O   . ALA A 1 65  ? -1.016  2.879   8.002   1.00 46.94  ? 65  ALA A O   1 
ATOM   418  C CB  . ALA A 1 65  ? -2.799  3.680   5.327   1.00 48.13  ? 65  ALA A CB  1 
ATOM   419  N N   . ALA A 1 66  ? 0.237   3.637   6.283   1.00 48.09  ? 66  ALA A N   1 
ATOM   420  C CA  . ALA A 1 66  ? 1.414   2.873   6.703   1.00 49.11  ? 66  ALA A CA  1 
ATOM   421  C C   . ALA A 1 66  ? 1.794   3.228   8.139   1.00 46.89  ? 66  ALA A C   1 
ATOM   422  O O   . ALA A 1 66  ? 2.149   2.355   8.925   1.00 47.85  ? 66  ALA A O   1 
ATOM   423  C CB  . ALA A 1 66  ? 2.610   3.174   5.796   1.00 51.74  ? 66  ALA A CB  1 
ATOM   424  N N   . LYS A 1 67  ? 1.736   4.519   8.475   1.00 46.74  ? 67  LYS A N   1 
ATOM   425  C CA  . LYS A 1 67  ? 2.078   4.998   9.802   1.00 45.21  ? 67  LYS A CA  1 
ATOM   426  C C   . LYS A 1 67  ? 1.080   4.581   10.871  1.00 52.07  ? 67  LYS A C   1 
ATOM   427  O O   . LYS A 1 67  ? 1.412   4.683   12.053  1.00 51.53  ? 67  LYS A O   1 
ATOM   428  C CB  . LYS A 1 67  ? 2.213   6.532   9.823   1.00 48.23  ? 67  LYS A CB  1 
ATOM   429  C CG  . LYS A 1 67  ? 3.386   7.058   9.003   1.00 50.21  ? 67  LYS A CG  1 
ATOM   430  C CD  . LYS A 1 67  ? 3.684   8.528   9.299   1.00 55.43  ? 67  LYS A CD  1 
ATOM   431  C CE  . LYS A 1 67  ? 2.737   9.429   8.561   1.00 42.02  ? 67  LYS A CE  1 
ATOM   432  N NZ  . LYS A 1 67  ? 3.023   10.886  8.613   1.00 46.24  ? 67  LYS A NZ  1 
ATOM   433  N N   . ARG A 1 68  ? -0.129  4.201   10.490  1.00 43.70  ? 68  ARG A N   1 
ATOM   434  C CA  . ARG A 1 68  ? -1.171  3.758   11.381  1.00 54.15  ? 68  ARG A CA  1 
ATOM   435  C C   . ARG A 1 68  ? -1.395  2.254   11.346  1.00 50.19  ? 68  ARG A C   1 
ATOM   436  O O   . ARG A 1 68  ? -2.390  1.766   11.879  1.00 44.33  ? 68  ARG A O   1 
ATOM   437  C CB  . ARG A 1 68  ? -2.501  4.453   10.987  1.00 55.63  ? 68  ARG A CB  1 
ATOM   438  C CG  . ARG A 1 68  ? -2.428  5.955   11.204  1.00 71.18  ? 68  ARG A CG  1 
ATOM   439  C CD  . ARG A 1 68  ? -3.809  6.588   11.154  1.00 76.11  ? 68  ARG A CD  1 
ATOM   440  N NE  . ARG A 1 68  ? -4.021  7.255   9.884   1.00 79.90  ? 68  ARG A NE  1 
ATOM   441  C CZ  . ARG A 1 68  ? -5.186  7.498   9.300   1.00 84.70  ? 68  ARG A CZ  1 
ATOM   442  N NH1 . ARG A 1 68  ? -6.301  7.090   9.895   1.00 84.15  ? 68  ARG A NH1 1 
ATOM   443  N NH2 . ARG A 1 68  ? -5.176  8.133   8.133   1.00 73.69  ? 68  ARG A NH2 1 
ATOM   444  N N   . THR A 1 69  ? -0.489  1.484   10.742  1.00 50.16  ? 69  THR A N   1 
ATOM   445  C CA  . THR A 1 69  ? -0.666  0.030   10.631  1.00 49.74  ? 69  THR A CA  1 
ATOM   446  C C   . THR A 1 69  ? -0.839  -0.641  11.988  1.00 49.98  ? 69  THR A C   1 
ATOM   447  O O   . THR A 1 69  ? -1.713  -1.488  12.174  1.00 44.97  ? 69  THR A O   1 
ATOM   448  C CB  . THR A 1 69  ? 0.517   -0.591  9.872   1.00 49.48  ? 69  THR A CB  1 
ATOM   449  O OG1 . THR A 1 69  ? 0.542   -0.013  8.557   1.00 49.41  ? 69  THR A OG1 1 
ATOM   450  C CG2 . THR A 1 69  ? 0.433   -2.107  9.718   1.00 48.32  ? 69  THR A CG2 1 
ATOM   451  N N   . TRP A 1 70  ? -0.091  -0.220  12.995  1.00 46.46  ? 70  TRP A N   1 
ATOM   452  C CA  . TRP A 1 70  ? -0.129  -0.714  14.355  1.00 47.16  ? 70  TRP A CA  1 
ATOM   453  C C   . TRP A 1 70  ? -1.490  -0.520  14.999  1.00 48.57  ? 70  TRP A C   1 
ATOM   454  O O   . TRP A 1 70  ? -1.943  -1.289  15.848  1.00 45.97  ? 70  TRP A O   1 
ATOM   455  C CB  . TRP A 1 70  ? 0.952   -0.035  15.227  1.00 49.69  ? 70  TRP A CB  1 
ATOM   456  C CG  . TRP A 1 70  ? 0.768   1.453   15.343  1.00 57.20  ? 70  TRP A CG  1 
ATOM   457  C CD1 . TRP A 1 70  ? 1.343   2.418   14.555  1.00 53.14  ? 70  TRP A CD1 1 
ATOM   458  C CD2 . TRP A 1 70  ? -0.041  2.151   16.295  1.00 53.62  ? 70  TRP A CD2 1 
ATOM   459  N NE1 . TRP A 1 70  ? 0.930   3.662   14.956  1.00 57.93  ? 70  TRP A NE1 1 
ATOM   460  C CE2 . TRP A 1 70  ? 0.095   3.529   16.036  1.00 58.09  ? 70  TRP A CE2 1 
ATOM   461  C CE3 . TRP A 1 70  ? -0.871  1.738   17.351  1.00 52.80  ? 70  TRP A CE3 1 
ATOM   462  C CZ2 . TRP A 1 70  ? -0.601  4.493   16.779  1.00 58.02  ? 70  TRP A CZ2 1 
ATOM   463  C CZ3 . TRP A 1 70  ? -1.558  2.698   18.084  1.00 58.61  ? 70  TRP A CZ3 1 
ATOM   464  C CH2 . TRP A 1 70  ? -1.424  4.064   17.794  1.00 55.07  ? 70  TRP A CH2 1 
ATOM   465  N N   . ASP A 1 71  ? -2.251  0.472   14.533  1.00 45.33  ? 71  ASP A N   1 
ATOM   466  C CA  . ASP A 1 71  ? -3.597  0.736   15.023  1.00 47.09  ? 71  ASP A CA  1 
ATOM   467  C C   . ASP A 1 71  ? -4.659  -0.036  14.257  1.00 46.07  ? 71  ASP A C   1 
ATOM   468  O O   . ASP A 1 71  ? -5.736  -0.300  14.803  1.00 49.21  ? 71  ASP A O   1 
ATOM   469  C CB  . ASP A 1 71  ? -3.823  2.252   14.927  1.00 56.27  ? 71  ASP A CB  1 
ATOM   470  C CG  . ASP A 1 71  ? -4.911  2.753   15.861  1.00 68.61  ? 71  ASP A CG  1 
ATOM   471  O OD1 . ASP A 1 71  ? -5.870  3.406   15.397  1.00 66.10  ? 71  ASP A OD1 1 
ATOM   472  O OD2 . ASP A 1 71  ? -4.812  2.423   17.060  1.00 69.47  ? 71  ASP A OD2 1 
ATOM   473  N N   . LEU A 1 72  ? -4.383  -0.444  13.017  1.00 44.51  ? 72  LEU A N   1 
ATOM   474  C CA  . LEU A 1 72  ? -5.352  -1.194  12.232  1.00 44.15  ? 72  LEU A CA  1 
ATOM   475  C C   . LEU A 1 72  ? -5.250  -2.717  12.349  1.00 46.64  ? 72  LEU A C   1 
ATOM   476  O O   . LEU A 1 72  ? -6.258  -3.423  12.351  1.00 44.21  ? 72  LEU A O   1 
ATOM   477  C CB  . LEU A 1 72  ? -5.220  -0.836  10.734  1.00 46.91  ? 72  LEU A CB  1 
ATOM   478  C CG  . LEU A 1 72  ? -5.518  0.644   10.421  1.00 48.88  ? 72  LEU A CG  1 
ATOM   479  C CD1 . LEU A 1 72  ? -5.058  0.928   8.991   1.00 53.52  ? 72  LEU A CD1 1 
ATOM   480  C CD2 . LEU A 1 72  ? -7.005  0.907   10.548  1.00 51.47  ? 72  LEU A CD2 1 
ATOM   481  N N   . ILE A 1 73  ? -4.050  -3.221  12.581  1.00 46.60  ? 73  ILE A N   1 
ATOM   482  C CA  . ILE A 1 73  ? -3.759  -4.643  12.723  1.00 48.50  ? 73  ILE A CA  1 
ATOM   483  C C   . ILE A 1 73  ? -3.463  -4.929  14.193  1.00 47.09  ? 73  ILE A C   1 
ATOM   484  O O   . ILE A 1 73  ? -2.439  -4.523  14.740  1.00 44.07  ? 73  ILE A O   1 
ATOM   485  C CB  . ILE A 1 73  ? -2.549  -5.046  11.869  1.00 52.02  ? 73  ILE A CB  1 
ATOM   486  C CG1 . ILE A 1 73  ? -2.636  -4.501  10.437  1.00 56.26  ? 73  ILE A CG1 1 
ATOM   487  C CG2 . ILE A 1 73  ? -2.388  -6.560  11.832  1.00 56.52  ? 73  ILE A CG2 1 
ATOM   488  C CD1 . ILE A 1 73  ? -3.845  -4.983  9.664   1.00 54.08  ? 73  ILE A CD1 1 
ATOM   489  N N   . PRO A 1 74  ? -4.364  -5.634  14.850  1.00 47.63  ? 74  PRO A N   1 
ATOM   490  C CA  . PRO A 1 74  ? -4.381  -5.833  16.286  1.00 48.01  ? 74  PRO A CA  1 
ATOM   491  C C   . PRO A 1 74  ? -3.083  -6.275  16.914  1.00 52.95  ? 74  PRO A C   1 
ATOM   492  O O   . PRO A 1 74  ? -2.677  -5.696  17.936  1.00 51.28  ? 74  PRO A O   1 
ATOM   493  C CB  . PRO A 1 74  ? -5.518  -6.853  16.564  1.00 51.44  ? 74  PRO A CB  1 
ATOM   494  C CG  . PRO A 1 74  ? -6.445  -6.523  15.424  1.00 50.79  ? 74  PRO A CG  1 
ATOM   495  C CD  . PRO A 1 74  ? -5.631  -6.060  14.232  1.00 47.66  ? 74  PRO A CD  1 
ATOM   496  N N   . LEU A 1 75  ? -2.413  -7.270  16.340  1.00 55.36  ? 75  LEU A N   1 
ATOM   497  C CA  . LEU A 1 75  ? -1.174  -7.771  16.918  1.00 62.39  ? 75  LEU A CA  1 
ATOM   498  C C   . LEU A 1 75  ? 0.093   -7.224  16.298  1.00 61.88  ? 75  LEU A C   1 
ATOM   499  O O   . LEU A 1 75  ? 1.167   -7.755  16.592  1.00 60.44  ? 75  LEU A O   1 
ATOM   500  C CB  . LEU A 1 75  ? -1.180  -9.310  16.916  1.00 60.66  ? 75  LEU A CB  1 
ATOM   501  C CG  . LEU A 1 75  ? -2.437  -9.991  17.463  1.00 61.78  ? 75  LEU A CG  1 
ATOM   502  C CD1 . LEU A 1 75  ? -2.241  -11.495 17.627  1.00 64.64  ? 75  LEU A CD1 1 
ATOM   503  C CD2 . LEU A 1 75  ? -2.879  -9.396  18.794  1.00 62.75  ? 75  LEU A CD2 1 
ATOM   504  N N   . CYS A 1 76  ? 0.023   -6.140  15.518  1.00 59.38  ? 76  CYS A N   1 
ATOM   505  C CA  . CYS A 1 76  ? 1.257   -5.480  15.080  1.00 62.17  ? 76  CYS A CA  1 
ATOM   506  C C   . CYS A 1 76  ? 1.816   -4.594  16.192  1.00 61.22  ? 76  CYS A C   1 
ATOM   507  O O   . CYS A 1 76  ? 1.103   -4.201  17.113  1.00 60.35  ? 76  CYS A O   1 
ATOM   508  C CB  . CYS A 1 76  ? 1.042   -4.607  13.837  1.00 57.40  ? 76  CYS A CB  1 
ATOM   509  S SG  . CYS A 1 76  ? 1.108   -5.527  12.290  1.00 61.30  ? 76  CYS A SG  1 
ATOM   510  N N   . HIS A 1 77  ? 3.097   -4.265  16.123  1.00 68.87  ? 77  HIS A N   1 
ATOM   511  C CA  . HIS A 1 77  ? 3.739   -3.402  17.112  1.00 71.91  ? 77  HIS A CA  1 
ATOM   512  C C   . HIS A 1 77  ? 3.930   -2.014  16.514  1.00 68.73  ? 77  HIS A C   1 
ATOM   513  O O   . HIS A 1 77  ? 4.229   -1.822  15.331  1.00 65.82  ? 77  HIS A O   1 
ATOM   514  C CB  . HIS A 1 77  ? 5.113   -3.945  17.500  1.00 80.55  ? 77  HIS A CB  1 
ATOM   515  C CG  . HIS A 1 77  ? 5.177   -5.367  17.948  1.00 86.56  ? 77  HIS A CG  1 
ATOM   516  N ND1 . HIS A 1 77  ? 4.925   -6.438  17.107  1.00 87.57  ? 77  HIS A ND1 1 
ATOM   517  C CD2 . HIS A 1 77  ? 5.492   -5.910  19.151  1.00 87.52  ? 77  HIS A CD2 1 
ATOM   518  C CE1 . HIS A 1 77  ? 5.063   -7.575  17.766  1.00 87.27  ? 77  HIS A CE1 1 
ATOM   519  N NE2 . HIS A 1 77  ? 5.406   -7.284  19.010  1.00 88.57  ? 77  HIS A NE2 1 
ATOM   520  N N   . PRO A 1 78  ? 3.774   -0.964  17.303  1.00 70.60  ? 78  PRO A N   1 
ATOM   521  C CA  . PRO A 1 78  ? 4.014   0.398   16.819  1.00 73.88  ? 78  PRO A CA  1 
ATOM   522  C C   . PRO A 1 78  ? 5.480   0.474   16.416  1.00 72.60  ? 78  PRO A C   1 
ATOM   523  O O   . PRO A 1 78  ? 6.226   -0.210  17.115  1.00 63.66  ? 78  PRO A O   1 
ATOM   524  C CB  . PRO A 1 78  ? 3.746   1.366   17.968  1.00 72.99  ? 78  PRO A CB  1 
ATOM   525  C CG  . PRO A 1 78  ? 3.686   0.440   19.151  1.00 74.11  ? 78  PRO A CG  1 
ATOM   526  C CD  . PRO A 1 78  ? 3.489   -1.001  18.730  1.00 71.18  ? 78  PRO A CD  1 
ATOM   527  N N   . LEU A 1 79  ? 5.897   1.358   15.528  1.00 73.08  ? 79  LEU A N   1 
ATOM   528  C CA  . LEU A 1 79  ? 7.295   1.426   15.106  1.00 82.35  ? 79  LEU A CA  1 
ATOM   529  C C   . LEU A 1 79  ? 7.616   2.673   14.276  1.00 86.44  ? 79  LEU A C   1 
ATOM   530  O O   . LEU A 1 79  ? 6.709   3.351   13.810  1.00 91.43  ? 79  LEU A O   1 
ATOM   531  C CB  . LEU A 1 79  ? 7.683   0.125   14.419  1.00 76.88  ? 79  LEU A CB  1 
ATOM   532  C CG  . LEU A 1 79  ? 7.233   -0.110  12.968  1.00 84.55  ? 79  LEU A CG  1 
ATOM   533  C CD1 . LEU A 1 79  ? 7.349   -1.621  12.676  1.00 77.69  ? 79  LEU A CD1 1 
ATOM   534  C CD2 . LEU A 1 79  ? 5.747   0.260   12.741  1.00 82.38  ? 79  LEU A CD2 1 
ATOM   535  N N   . MET A 1 80  ? 8.807   3.226   14.550  1.00 85.19  ? 80  MET A N   1 
ATOM   536  C CA  . MET A 1 80  ? 9.244   4.507   14.014  1.00 84.67  ? 80  MET A CA  1 
ATOM   537  C C   . MET A 1 80  ? 9.669   4.365   12.552  1.00 78.25  ? 80  MET A C   1 
ATOM   538  O O   . MET A 1 80  ? 10.841  4.141   12.248  1.00 80.27  ? 80  MET A O   1 
ATOM   539  C CB  A MET A 1 80  ? 10.380  5.167   14.801  0.70 87.46  ? 80  MET A CB  1 
ATOM   540  C CB  B MET A 1 80  ? 10.391  5.075   14.854  0.30 85.49  ? 80  MET A CB  1 
ATOM   541  C CG  A MET A 1 80  ? 10.232  5.605   16.218  0.70 86.10  ? 80  MET A CG  1 
ATOM   542  C CG  B MET A 1 80  ? 10.026  5.237   16.323  0.30 85.63  ? 80  MET A CG  1 
ATOM   543  S SD  A MET A 1 80  ? 10.107  7.313   16.734  0.70 93.33  ? 80  MET A SD  1 
ATOM   544  S SD  B MET A 1 80  ? 11.398  5.860   17.313  0.30 86.40  ? 80  MET A SD  1 
ATOM   545  C CE  A MET A 1 80  ? 8.947   7.008   18.091  0.70 84.07  ? 80  MET A CE  1 
ATOM   546  C CE  B MET A 1 80  ? 12.599  4.550   17.091  0.30 88.42  ? 80  MET A CE  1 
ATOM   547  N N   . LEU A 1 81  ? 8.705   4.521   11.639  1.00 65.37  ? 81  LEU A N   1 
ATOM   548  C CA  . LEU A 1 81  ? 9.039   4.442   10.219  1.00 62.90  ? 81  LEU A CA  1 
ATOM   549  C C   . LEU A 1 81  ? 10.010  5.545   9.808   1.00 66.26  ? 81  LEU A C   1 
ATOM   550  O O   . LEU A 1 81  ? 9.765   6.728   10.041  1.00 64.03  ? 81  LEU A O   1 
ATOM   551  C CB  . LEU A 1 81  ? 7.775   4.478   9.356   1.00 59.45  ? 81  LEU A CB  1 
ATOM   552  C CG  . LEU A 1 81  ? 6.979   3.178   9.250   1.00 59.57  ? 81  LEU A CG  1 
ATOM   553  C CD1 . LEU A 1 81  ? 5.721   3.347   8.405   1.00 55.72  ? 81  LEU A CD1 1 
ATOM   554  C CD2 . LEU A 1 81  ? 7.831   2.081   8.615   1.00 55.59  ? 81  LEU A CD2 1 
ATOM   555  N N   . SER A 1 82  ? 11.098  5.177   9.129   1.00 67.80  ? 82  SER A N   1 
ATOM   556  C CA  . SER A 1 82  ? 12.085  6.163   8.695   1.00 72.63  ? 82  SER A CA  1 
ATOM   557  C C   . SER A 1 82  ? 11.827  6.597   7.252   1.00 74.39  ? 82  SER A C   1 
ATOM   558  O O   . SER A 1 82  ? 12.331  7.626   6.797   1.00 74.12  ? 82  SER A O   1 
ATOM   559  C CB  . SER A 1 82  ? 13.505  5.621   8.864   1.00 74.49  ? 82  SER A CB  1 
ATOM   560  O OG  . SER A 1 82  ? 13.884  4.702   7.851   1.00 81.69  ? 82  SER A OG  1 
ATOM   561  N N   . LYS A 1 83  ? 11.042  5.798   6.527   1.00 66.01  ? 83  LYS A N   1 
ATOM   562  C CA  . LYS A 1 83  ? 10.748  6.089   5.139   1.00 67.29  ? 83  LYS A CA  1 
ATOM   563  C C   . LYS A 1 83  ? 9.585   5.304   4.556   1.00 59.87  ? 83  LYS A C   1 
ATOM   564  O O   . LYS A 1 83  ? 9.404   4.119   4.846   1.00 57.79  ? 83  LYS A O   1 
ATOM   565  C CB  . LYS A 1 83  ? 11.992  5.803   4.269   1.00 73.03  ? 83  LYS A CB  1 
ATOM   566  C CG  . LYS A 1 83  ? 11.790  6.294   2.849   1.00 75.22  ? 83  LYS A CG  1 
ATOM   567  C CD  . LYS A 1 83  ? 13.011  6.104   1.968   1.00 85.77  ? 83  LYS A CD  1 
ATOM   568  C CE  . LYS A 1 83  ? 12.852  7.055   0.782   1.00 89.36  ? 83  LYS A CE  1 
ATOM   569  N NZ  . LYS A 1 83  ? 13.806  6.735   -0.309  1.00 92.39  ? 83  LYS A NZ  1 
ATOM   570  N N   . VAL A 1 84  ? 8.669   5.998   3.891   1.00 58.18  ? 84  VAL A N   1 
ATOM   571  C CA  . VAL A 1 84  ? 7.518   5.373   3.251   1.00 59.12  ? 84  VAL A CA  1 
ATOM   572  C C   . VAL A 1 84  ? 7.351   5.985   1.853   1.00 64.16  ? 84  VAL A C   1 
ATOM   573  O O   . VAL A 1 84  ? 7.347   7.211   1.720   1.00 61.39  ? 84  VAL A O   1 
ATOM   574  C CB  . VAL A 1 84  ? 6.201   5.579   4.016   1.00 57.09  ? 84  VAL A CB  1 
ATOM   575  C CG1 . VAL A 1 84  ? 5.046   4.874   3.295   1.00 56.70  ? 84  VAL A CG1 1 
ATOM   576  C CG2 . VAL A 1 84  ? 6.232   5.089   5.452   1.00 61.20  ? 84  VAL A CG2 1 
ATOM   577  N N   . GLU A 1 85  ? 7.232   5.146   0.829   1.00 59.00  ? 85  GLU A N   1 
ATOM   578  C CA  . GLU A 1 85  ? 7.013   5.643   -0.525  1.00 62.80  ? 85  GLU A CA  1 
ATOM   579  C C   . GLU A 1 85  ? 5.823   4.916   -1.154  1.00 55.31  ? 85  GLU A C   1 
ATOM   580  O O   . GLU A 1 85  ? 5.665   3.714   -0.946  1.00 52.80  ? 85  GLU A O   1 
ATOM   581  C CB  . GLU A 1 85  ? 8.189   5.441   -1.470  1.00 65.84  ? 85  GLU A CB  1 
ATOM   582  C CG  . GLU A 1 85  ? 9.436   6.254   -1.195  1.00 75.28  ? 85  GLU A CG  1 
ATOM   583  C CD  . GLU A 1 85  ? 10.526  5.962   -2.215  1.00 82.95  ? 85  GLU A CD  1 
ATOM   584  O OE1 . GLU A 1 85  ? 10.294  6.104   -3.435  1.00 82.24  ? 85  GLU A OE1 1 
ATOM   585  O OE2 . GLU A 1 85  ? 11.632  5.577   -1.778  1.00 79.10  ? 85  GLU A OE2 1 
ATOM   586  N N   . VAL A 1 86  ? 5.002   5.655   -1.881  1.00 52.14  ? 86  VAL A N   1 
ATOM   587  C CA  . VAL A 1 86  ? 3.883   5.068   -2.609  1.00 49.10  ? 86  VAL A CA  1 
ATOM   588  C C   . VAL A 1 86  ? 3.945   5.580   -4.058  1.00 58.07  ? 86  VAL A C   1 
ATOM   589  O O   . VAL A 1 86  ? 3.791   6.773   -4.297  1.00 55.75  ? 86  VAL A O   1 
ATOM   590  C CB  . VAL A 1 86  ? 2.528   5.402   -1.987  1.00 49.51  ? 86  VAL A CB  1 
ATOM   591  C CG1 . VAL A 1 86  ? 1.396   4.717   -2.748  1.00 52.69  ? 86  VAL A CG1 1 
ATOM   592  C CG2 . VAL A 1 86  ? 2.414   5.073   -0.499  1.00 49.21  ? 86  VAL A CG2 1 
ATOM   593  N N   . ASN A 1 87  ? 4.204   4.682   -5.004  1.00 54.64  ? 87  ASN A N   1 
ATOM   594  C CA  . ASN A 1 87  ? 4.275   5.055   -6.414  1.00 59.86  ? 87  ASN A CA  1 
ATOM   595  C C   . ASN A 1 87  ? 3.088   4.496   -7.192  1.00 57.53  ? 87  ASN A C   1 
ATOM   596  O O   . ASN A 1 87  ? 2.681   3.356   -6.964  1.00 54.27  ? 87  ASN A O   1 
ATOM   597  C CB  . ASN A 1 87  ? 5.591   4.549   -7.020  1.00 60.47  ? 87  ASN A CB  1 
ATOM   598  C CG  . ASN A 1 87  ? 6.799   5.083   -6.267  1.00 73.16  ? 87  ASN A CG  1 
ATOM   599  O OD1 . ASN A 1 87  ? 7.006   6.291   -6.138  1.00 77.66  ? 87  ASN A OD1 1 
ATOM   600  N ND2 . ASN A 1 87  ? 7.606   4.171   -5.727  1.00 79.66  ? 87  ASN A ND2 1 
ATOM   601  N N   . LEU A 1 88  ? 2.469   5.317   -8.028  1.00 56.24  ? 88  LEU A N   1 
ATOM   602  C CA  . LEU A 1 88  ? 1.326   4.902   -8.834  1.00 59.73  ? 88  LEU A CA  1 
ATOM   603  C C   . LEU A 1 88  ? 1.646   4.982   -10.334 1.00 66.08  ? 88  LEU A C   1 
ATOM   604  O O   . LEU A 1 88  ? 2.256   5.954   -10.783 1.00 60.65  ? 88  LEU A O   1 
ATOM   605  C CB  . LEU A 1 88  ? 0.075   5.736   -8.581  1.00 59.68  ? 88  LEU A CB  1 
ATOM   606  C CG  . LEU A 1 88  ? -0.573  5.773   -7.205  1.00 65.19  ? 88  LEU A CG  1 
ATOM   607  C CD1 . LEU A 1 88  ? -0.683  4.396   -6.576  1.00 64.85  ? 88  LEU A CD1 1 
ATOM   608  C CD2 . LEU A 1 88  ? 0.193   6.713   -6.284  1.00 65.39  ? 88  LEU A CD2 1 
ATOM   609  N N   . GLN A 1 89  ? 1.198   3.991   -11.096 1.00 62.31  ? 89  GLN A N   1 
ATOM   610  C CA  . GLN A 1 89  ? 1.438   3.988   -12.531 1.00 73.93  ? 89  GLN A CA  1 
ATOM   611  C C   . GLN A 1 89  ? 0.282   3.392   -13.330 1.00 67.18  ? 89  GLN A C   1 
ATOM   612  O O   . GLN A 1 89  ? -0.069  2.215   -13.214 1.00 70.39  ? 89  GLN A O   1 
ATOM   613  C CB  . GLN A 1 89  ? 2.714   3.196   -12.862 1.00 77.97  ? 89  GLN A CB  1 
ATOM   614  C CG  . GLN A 1 89  ? 3.181   3.413   -14.298 1.00 90.75  ? 89  GLN A CG  1 
ATOM   615  C CD  . GLN A 1 89  ? 3.917   4.734   -14.450 1.00 94.10  ? 89  GLN A CD  1 
ATOM   616  O OE1 . GLN A 1 89  ? 5.144   4.779   -14.561 1.00 90.03  ? 89  GLN A OE1 1 
ATOM   617  N NE2 . GLN A 1 89  ? 3.149   5.821   -14.434 1.00 94.98  ? 89  GLN A NE2 1 
ATOM   618  N N   . ALA A 1 90  ? -0.288  4.244   -14.179 1.00 65.60  ? 90  ALA A N   1 
ATOM   619  C CA  . ALA A 1 90  ? -1.372  3.868   -15.071 1.00 66.92  ? 90  ALA A CA  1 
ATOM   620  C C   . ALA A 1 90  ? -0.837  2.848   -16.068 1.00 68.78  ? 90  ALA A C   1 
ATOM   621  O O   . ALA A 1 90  ? 0.241   3.028   -16.637 1.00 67.29  ? 90  ALA A O   1 
ATOM   622  C CB  . ALA A 1 90  ? -1.968  5.058   -15.810 1.00 65.51  ? 90  ALA A CB  1 
ATOM   623  N N   . GLU A 1 91  ? -1.557  1.751   -16.273 1.00 69.18  ? 91  GLU A N   1 
ATOM   624  C CA  . GLU A 1 91  ? -1.169  0.726   -17.242 1.00 68.97  ? 91  GLU A CA  1 
ATOM   625  C C   . GLU A 1 91  ? -2.371  0.492   -18.154 1.00 72.52  ? 91  GLU A C   1 
ATOM   626  O O   . GLU A 1 91  ? -3.149  -0.434  -17.957 1.00 72.48  ? 91  GLU A O   1 
ATOM   627  C CB  . GLU A 1 91  ? -0.747  -0.569  -16.574 1.00 72.75  ? 91  GLU A CB  1 
ATOM   628  C CG  . GLU A 1 91  ? 0.454   -0.542  -15.649 1.00 76.76  ? 91  GLU A CG  1 
ATOM   629  C CD  . GLU A 1 91  ? 0.780   -1.907  -15.078 1.00 74.36  ? 91  GLU A CD  1 
ATOM   630  O OE1 . GLU A 1 91  ? -0.071  -2.827  -15.153 1.00 76.90  ? 91  GLU A OE1 1 
ATOM   631  O OE2 . GLU A 1 91  ? 1.889   -2.083  -14.536 1.00 74.94  ? 91  GLU A OE2 1 
ATOM   632  N N   . PRO A 1 92  ? -2.532  1.345   -19.158 1.00 72.02  ? 92  PRO A N   1 
ATOM   633  C CA  . PRO A 1 92  ? -3.646  1.348   -20.084 1.00 76.06  ? 92  PRO A CA  1 
ATOM   634  C C   . PRO A 1 92  ? -3.750  0.071   -20.895 1.00 77.30  ? 92  PRO A C   1 
ATOM   635  O O   . PRO A 1 92  ? -4.850  -0.389  -21.201 1.00 76.80  ? 92  PRO A O   1 
ATOM   636  C CB  . PRO A 1 92  ? -3.512  2.577   -20.999 1.00 77.33  ? 92  PRO A CB  1 
ATOM   637  C CG  . PRO A 1 92  ? -2.132  3.075   -20.696 1.00 80.91  ? 92  PRO A CG  1 
ATOM   638  C CD  . PRO A 1 92  ? -1.596  2.433   -19.447 1.00 76.54  ? 92  PRO A CD  1 
ATOM   639  N N   . GLU A 1 93  ? -2.621  -0.564  -21.173 1.00 74.78  ? 93  GLU A N   1 
ATOM   640  C CA  . GLU A 1 93  ? -2.512  -1.818  -21.877 1.00 84.10  ? 93  GLU A CA  1 
ATOM   641  C C   . GLU A 1 93  ? -3.160  -2.956  -21.099 1.00 88.37  ? 93  GLU A C   1 
ATOM   642  O O   . GLU A 1 93  ? -3.495  -3.998  -21.672 1.00 91.33  ? 93  GLU A O   1 
ATOM   643  C CB  . GLU A 1 93  ? -1.038  -2.136  -22.164 1.00 88.15  ? 93  GLU A CB  1 
ATOM   644  C CG  . GLU A 1 93  ? -0.165  -2.326  -20.940 1.00 97.69  ? 93  GLU A CG  1 
ATOM   645  C CD  . GLU A 1 93  ? 0.407   -1.063  -20.344 1.00 101.64 ? 93  GLU A CD  1 
ATOM   646  O OE1 . GLU A 1 93  ? 1.292   -1.158  -19.458 1.00 100.77 ? 93  GLU A OE1 1 
ATOM   647  O OE2 . GLU A 1 93  ? 0.006   0.051   -20.740 1.00 103.18 ? 93  GLU A OE2 1 
ATOM   648  N N   . HIS A 1 94  ? -3.344  -2.812  -19.793 1.00 89.35  ? 94  HIS A N   1 
ATOM   649  C CA  . HIS A 1 94  ? -3.953  -3.800  -18.934 1.00 87.17  ? 94  HIS A CA  1 
ATOM   650  C C   . HIS A 1 94  ? -5.230  -3.301  -18.273 1.00 83.35  ? 94  HIS A C   1 
ATOM   651  O O   . HIS A 1 94  ? -5.787  -3.993  -17.418 1.00 83.19  ? 94  HIS A O   1 
ATOM   652  C CB  . HIS A 1 94  ? -2.947  -4.216  -17.851 1.00 93.16  ? 94  HIS A CB  1 
ATOM   653  C CG  . HIS A 1 94  ? -1.794  -5.010  -18.383 1.00 96.03  ? 94  HIS A CG  1 
ATOM   654  N ND1 . HIS A 1 94  ? -1.915  -5.858  -19.463 1.00 98.08  ? 94  HIS A ND1 1 
ATOM   655  C CD2 . HIS A 1 94  ? -0.504  -5.090  -17.983 1.00 99.19  ? 94  HIS A CD2 1 
ATOM   656  C CE1 . HIS A 1 94  ? -0.751  -6.430  -19.712 1.00 97.26  ? 94  HIS A CE1 1 
ATOM   657  N NE2 . HIS A 1 94  ? 0.120   -5.979  -18.827 1.00 97.46  ? 94  HIS A NE2 1 
ATOM   658  N N   . ASN A 1 95  ? -5.655  -2.092  -18.621 1.00 78.84  ? 95  ASN A N   1 
ATOM   659  C CA  . ASN A 1 95  ? -6.873  -1.516  -18.047 1.00 81.96  ? 95  ASN A CA  1 
ATOM   660  C C   . ASN A 1 95  ? -6.787  -1.534  -16.520 1.00 80.52  ? 95  ASN A C   1 
ATOM   661  O O   . ASN A 1 95  ? -7.708  -2.008  -15.847 1.00 78.21  ? 95  ASN A O   1 
ATOM   662  C CB  . ASN A 1 95  ? -8.119  -2.267  -18.519 1.00 82.77  ? 95  ASN A CB  1 
ATOM   663  C CG  . ASN A 1 95  ? -8.579  -1.895  -19.916 1.00 86.11  ? 95  ASN A CG  1 
ATOM   664  O OD1 . ASN A 1 95  ? -8.794  -0.717  -20.215 1.00 88.09  ? 95  ASN A OD1 1 
ATOM   665  N ND2 . ASN A 1 95  ? -8.728  -2.909  -20.761 1.00 82.81  ? 95  ASN A ND2 1 
ATOM   666  N N   . ARG A 1 96  ? -5.691  -0.979  -15.990 1.00 72.78  ? 96  ARG A N   1 
ATOM   667  C CA  . ARG A 1 96  ? -5.546  -0.989  -14.537 1.00 72.99  ? 96  ARG A CA  1 
ATOM   668  C C   . ARG A 1 96  ? -4.464  -0.044  -14.050 1.00 69.35  ? 96  ARG A C   1 
ATOM   669  O O   . ARG A 1 96  ? -3.603  0.383   -14.803 1.00 61.17  ? 96  ARG A O   1 
ATOM   670  C CB  . ARG A 1 96  ? -5.167  -2.420  -14.100 1.00 74.10  ? 96  ARG A CB  1 
ATOM   671  C CG  . ARG A 1 96  ? -3.749  -2.789  -14.492 1.00 69.26  ? 96  ARG A CG  1 
ATOM   672  C CD  . ARG A 1 96  ? -3.431  -4.262  -14.269 1.00 62.92  ? 96  ARG A CD  1 
ATOM   673  N NE  . ARG A 1 96  ? -2.023  -4.476  -14.608 1.00 67.69  ? 96  ARG A NE  1 
ATOM   674  C CZ  . ARG A 1 96  ? -1.372  -5.622  -14.454 1.00 68.50  ? 96  ARG A CZ  1 
ATOM   675  N NH1 . ARG A 1 96  ? -1.987  -6.659  -13.915 1.00 68.20  ? 96  ARG A NH1 1 
ATOM   676  N NH2 . ARG A 1 96  ? -0.093  -5.696  -14.796 1.00 66.66  ? 96  ARG A NH2 1 
ATOM   677  N N   . VAL A 1 97  ? -4.460  0.160   -12.741 1.00 63.42  ? 97  VAL A N   1 
ATOM   678  C CA  . VAL A 1 97  ? -3.453  0.988   -12.081 1.00 61.61  ? 97  VAL A CA  1 
ATOM   679  C C   . VAL A 1 97  ? -2.516  0.108   -11.253 1.00 61.30  ? 97  VAL A C   1 
ATOM   680  O O   . VAL A 1 97  ? -2.972  -0.866  -10.642 1.00 58.69  ? 97  VAL A O   1 
ATOM   681  C CB  . VAL A 1 97  ? -4.140  2.024   -11.171 1.00 62.90  ? 97  VAL A CB  1 
ATOM   682  C CG1 . VAL A 1 97  ? -3.163  2.823   -10.323 1.00 58.29  ? 97  VAL A CG1 1 
ATOM   683  C CG2 . VAL A 1 97  ? -4.990  2.978   -12.005 1.00 60.51  ? 97  VAL A CG2 1 
ATOM   684  N N   . ARG A 1 98  ? -1.209  0.337   -11.343 1.00 58.62  ? 98  ARG A N   1 
ATOM   685  C CA  . ARG A 1 98  ? -0.270  -0.405  -10.512 1.00 54.54  ? 98  ARG A CA  1 
ATOM   686  C C   . ARG A 1 98  ? 0.218   0.469   -9.347  1.00 61.16  ? 98  ARG A C   1 
ATOM   687  O O   . ARG A 1 98  ? 0.610   1.623   -9.521  1.00 50.68  ? 98  ARG A O   1 
ATOM   688  C CB  . ARG A 1 98  ? 0.930   -0.955  -11.273 1.00 58.23  ? 98  ARG A CB  1 
ATOM   689  C CG  . ARG A 1 98  ? 1.991   -1.595  -10.394 1.00 63.16  ? 98  ARG A CG  1 
ATOM   690  C CD  . ARG A 1 98  ? 2.961   -2.474  -11.180 1.00 66.12  ? 98  ARG A CD  1 
ATOM   691  N NE  . ARG A 1 98  ? 3.843   -3.207  -10.270 1.00 59.22  ? 98  ARG A NE  1 
ATOM   692  C CZ  . ARG A 1 98  ? 4.941   -2.730  -9.699  1.00 62.11  ? 98  ARG A CZ  1 
ATOM   693  N NH1 . ARG A 1 98  ? 5.363   -1.501  -9.955  1.00 60.55  ? 98  ARG A NH1 1 
ATOM   694  N NH2 . ARG A 1 98  ? 5.619   -3.486  -8.844  1.00 60.39  ? 98  ARG A NH2 1 
ATOM   695  N N   . ILE A 1 99  ? 0.181   -0.116  -8.152  1.00 55.78  ? 99  ILE A N   1 
ATOM   696  C CA  . ILE A 1 99  ? 0.654   0.563   -6.943  1.00 56.30  ? 99  ILE A CA  1 
ATOM   697  C C   . ILE A 1 99  ? 1.893   -0.168  -6.435  1.00 52.75  ? 99  ILE A C   1 
ATOM   698  O O   . ILE A 1 99  ? 1.852   -1.394  -6.293  1.00 52.53  ? 99  ILE A O   1 
ATOM   699  C CB  . ILE A 1 99  ? -0.428  0.540   -5.841  1.00 49.55  ? 99  ILE A CB  1 
ATOM   700  C CG1 . ILE A 1 99  ? -1.659  1.315   -6.296  1.00 55.40  ? 99  ILE A CG1 1 
ATOM   701  C CG2 . ILE A 1 99  ? 0.112   1.123   -4.525  1.00 49.26  ? 99  ILE A CG2 1 
ATOM   702  C CD1 . ILE A 1 99  ? -2.961  0.881   -5.682  1.00 57.73  ? 99  ILE A CD1 1 
ATOM   703  N N   . GLU A 1 100 ? 2.984   0.540   -6.206  1.00 52.96  ? 100 GLU A N   1 
ATOM   704  C CA  . GLU A 1 100 ? 4.152   -0.087  -5.585  1.00 52.17  ? 100 GLU A CA  1 
ATOM   705  C C   . GLU A 1 100 ? 4.534   0.705   -4.342  1.00 51.43  ? 100 GLU A C   1 
ATOM   706  O O   . GLU A 1 100 ? 4.614   1.927   -4.446  1.00 55.20  ? 100 GLU A O   1 
ATOM   707  C CB  . GLU A 1 100 ? 5.322   -0.190  -6.564  1.00 61.83  ? 100 GLU A CB  1 
ATOM   708  C CG  . GLU A 1 100 ? 6.672   -0.302  -5.893  1.00 70.11  ? 100 GLU A CG  1 
ATOM   709  C CD  . GLU A 1 100 ? 7.691   -1.137  -6.638  1.00 72.46  ? 100 GLU A CD  1 
ATOM   710  O OE1 . GLU A 1 100 ? 7.433   -1.591  -7.769  1.00 70.62  ? 100 GLU A OE1 1 
ATOM   711  O OE2 . GLU A 1 100 ? 8.781   -1.341  -6.057  1.00 69.50  ? 100 GLU A OE2 1 
ATOM   712  N N   . THR A 1 101 ? 4.762   0.026   -3.207  1.00 49.39  ? 101 THR A N   1 
ATOM   713  C CA  . THR A 1 101 ? 5.100   0.761   -1.993  1.00 52.96  ? 101 THR A CA  1 
ATOM   714  C C   . THR A 1 101 ? 6.460   0.342   -1.440  1.00 53.23  ? 101 THR A C   1 
ATOM   715  O O   . THR A 1 101 ? 6.959   -0.729  -1.761  1.00 53.77  ? 101 THR A O   1 
ATOM   716  C CB  . THR A 1 101 ? 4.072   0.587   -0.847  1.00 51.60  ? 101 THR A CB  1 
ATOM   717  O OG1 . THR A 1 101 ? 4.025   -0.794  -0.459  1.00 48.37  ? 101 THR A OG1 1 
ATOM   718  C CG2 . THR A 1 101 ? 2.676   1.068   -1.229  1.00 48.15  ? 101 THR A CG2 1 
ATOM   719  N N   . LEU A 1 102 ? 7.023   1.171   -0.573  1.00 50.61  ? 102 LEU A N   1 
ATOM   720  C CA  . LEU A 1 102 ? 8.297   0.902   0.073   1.00 51.28  ? 102 LEU A CA  1 
ATOM   721  C C   . LEU A 1 102 ? 8.287   1.498   1.475   1.00 61.15  ? 102 LEU A C   1 
ATOM   722  O O   . LEU A 1 102 ? 7.935   2.660   1.653   1.00 61.49  ? 102 LEU A O   1 
ATOM   723  C CB  . LEU A 1 102 ? 9.470   1.450   -0.749  1.00 59.52  ? 102 LEU A CB  1 
ATOM   724  C CG  . LEU A 1 102 ? 10.792  1.728   -0.026  1.00 66.43  ? 102 LEU A CG  1 
ATOM   725  C CD1 . LEU A 1 102 ? 11.389  0.447   0.525   1.00 61.19  ? 102 LEU A CD1 1 
ATOM   726  C CD2 . LEU A 1 102 ? 11.808  2.387   -0.952  1.00 69.50  ? 102 LEU A CD2 1 
ATOM   727  N N   . CYS A 1 103 ? 8.631   0.679   2.457   1.00 50.91  ? 103 CYS A N   1 
ATOM   728  C CA  . CYS A 1 103 ? 8.741   1.113   3.829   1.00 58.19  ? 103 CYS A CA  1 
ATOM   729  C C   . CYS A 1 103 ? 10.128  0.727   4.358   1.00 59.88  ? 103 CYS A C   1 
ATOM   730  O O   . CYS A 1 103 ? 10.635  -0.334  3.988   1.00 58.55  ? 103 CYS A O   1 
ATOM   731  C CB  . CYS A 1 103 ? 7.676   0.535   4.763   1.00 56.77  ? 103 CYS A CB  1 
ATOM   732  S SG  . CYS A 1 103 ? 5.985   1.033   4.362   1.00 51.35  ? 103 CYS A SG  1 
ATOM   733  N N   . ARG A 1 104 ? 10.668  1.571   5.232   1.00 59.47  ? 104 ARG A N   1 
ATOM   734  C CA  . ARG A 1 104 ? 11.999  1.286   5.789   1.00 59.30  ? 104 ARG A CA  1 
ATOM   735  C C   . ARG A 1 104 ? 12.144  1.860   7.185   1.00 58.32  ? 104 ARG A C   1 
ATOM   736  O O   . ARG A 1 104 ? 11.501  2.849   7.543   1.00 56.14  ? 104 ARG A O   1 
ATOM   737  C CB  . ARG A 1 104 ? 13.051  1.862   4.832   1.00 60.15  ? 104 ARG A CB  1 
ATOM   738  C CG  . ARG A 1 104 ? 14.502  1.639   5.217   1.00 74.09  ? 104 ARG A CG  1 
ATOM   739  C CD  . ARG A 1 104 ? 15.457  2.305   4.232   1.00 69.39  ? 104 ARG A CD  1 
ATOM   740  N NE  . ARG A 1 104 ? 15.384  1.703   2.900   1.00 71.41  ? 104 ARG A NE  1 
ATOM   741  C CZ  . ARG A 1 104 ? 15.542  2.367   1.760   1.00 74.20  ? 104 ARG A CZ  1 
ATOM   742  N NH1 . ARG A 1 104 ? 15.779  3.673   1.769   1.00 74.04  ? 104 ARG A NH1 1 
ATOM   743  N NH2 . ARG A 1 104 ? 15.459  1.754   0.584   1.00 78.72  ? 104 ARG A NH2 1 
ATOM   744  N N   . LEU A 1 105 ? 13.012  1.248   7.992   1.00 67.28  ? 105 LEU A N   1 
ATOM   745  C CA  . LEU A 1 105 ? 13.282  1.718   9.343   1.00 68.95  ? 105 LEU A CA  1 
ATOM   746  C C   . LEU A 1 105 ? 14.457  0.952   9.959   1.00 65.84  ? 105 LEU A C   1 
ATOM   747  O O   . LEU A 1 105 ? 14.858  -0.099  9.466   1.00 69.77  ? 105 LEU A O   1 
ATOM   748  C CB  . LEU A 1 105 ? 12.059  1.580   10.247  1.00 69.71  ? 105 LEU A CB  1 
ATOM   749  C CG  . LEU A 1 105 ? 11.859  0.289   11.030  1.00 70.65  ? 105 LEU A CG  1 
ATOM   750  C CD1 . LEU A 1 105 ? 10.580  0.335   11.851  1.00 78.03  ? 105 LEU A CD1 1 
ATOM   751  C CD2 . LEU A 1 105 ? 11.827  -0.924  10.118  1.00 76.54  ? 105 LEU A CD2 1 
ATOM   752  N N   . THR A 1 106 ? 14.985  1.477   11.050  1.00 67.71  ? 106 THR A N   1 
ATOM   753  C CA  . THR A 1 106 ? 16.070  0.823   11.783  1.00 69.09  ? 106 THR A CA  1 
ATOM   754  C C   . THR A 1 106 ? 15.446  0.316   13.084  1.00 72.97  ? 106 THR A C   1 
ATOM   755  O O   . THR A 1 106 ? 14.912  1.111   13.861  1.00 80.50  ? 106 THR A O   1 
ATOM   756  C CB  . THR A 1 106 ? 17.231  1.770   12.098  1.00 74.69  ? 106 THR A CB  1 
ATOM   757  O OG1 . THR A 1 106 ? 17.715  2.346   10.873  1.00 72.47  ? 106 THR A OG1 1 
ATOM   758  C CG2 . THR A 1 106 ? 18.373  1.037   12.788  1.00 68.96  ? 106 THR A CG2 1 
ATOM   759  N N   . GLY A 1 107 ? 15.399  -0.994  13.250  1.00 79.58  ? 107 GLY A N   1 
ATOM   760  C CA  . GLY A 1 107 ? 14.788  -1.594  14.433  1.00 78.88  ? 107 GLY A CA  1 
ATOM   761  C C   . GLY A 1 107 ? 14.960  -3.113  14.369  1.00 85.42  ? 107 GLY A C   1 
ATOM   762  O O   . GLY A 1 107 ? 15.823  -3.633  13.662  1.00 88.10  ? 107 GLY A O   1 
ATOM   763  N N   . LYS A 1 108 ? 14.111  -3.804  15.118  1.00 87.69  ? 108 LYS A N   1 
ATOM   764  C CA  . LYS A 1 108 ? 14.137  -5.262  15.122  1.00 93.24  ? 108 LYS A CA  1 
ATOM   765  C C   . LYS A 1 108 ? 13.071  -5.793  14.168  1.00 96.08  ? 108 LYS A C   1 
ATOM   766  O O   . LYS A 1 108 ? 13.366  -6.528  13.235  1.00 99.92  ? 108 LYS A O   1 
ATOM   767  C CB  . LYS A 1 108 ? 13.874  -5.784  16.524  1.00 94.43  ? 108 LYS A CB  1 
ATOM   768  N N   . THR A 1 109 ? 11.833  -5.397  14.430  1.00 95.65  ? 109 THR A N   1 
ATOM   769  C CA  . THR A 1 109 ? 10.671  -5.790  13.659  1.00 93.38  ? 109 THR A CA  1 
ATOM   770  C C   . THR A 1 109 ? 10.731  -5.347  12.202  1.00 89.82  ? 109 THR A C   1 
ATOM   771  O O   . THR A 1 109 ? 11.083  -4.204  11.906  1.00 89.23  ? 109 THR A O   1 
ATOM   772  C CB  . THR A 1 109 ? 9.388   -5.175  14.268  1.00 92.80  ? 109 THR A CB  1 
ATOM   773  O OG1 . THR A 1 109 ? 9.618   -4.867  15.643  1.00 95.37  ? 109 THR A OG1 1 
ATOM   774  C CG2 . THR A 1 109 ? 8.236   -6.160  14.164  1.00 98.35  ? 109 THR A CG2 1 
ATOM   775  N N   . GLY A 1 110 ? 10.322  -6.244  11.309  1.00 82.60  ? 110 GLY A N   1 
ATOM   776  C CA  . GLY A 1 110 ? 10.278  -5.917  9.886   1.00 73.07  ? 110 GLY A CA  1 
ATOM   777  C C   . GLY A 1 110 ? 9.048   -5.046  9.586   1.00 65.21  ? 110 GLY A C   1 
ATOM   778  O O   . GLY A 1 110 ? 8.167   -4.850  10.434  1.00 67.63  ? 110 GLY A O   1 
ATOM   779  N N   . VAL A 1 111 ? 8.984   -4.526  8.353   1.00 63.89  ? 111 VAL A N   1 
ATOM   780  C CA  . VAL A 1 111 ? 7.863   -3.671  7.983   1.00 54.71  ? 111 VAL A CA  1 
ATOM   781  C C   . VAL A 1 111 ? 7.063   -4.227  6.810   1.00 53.54  ? 111 VAL A C   1 
ATOM   782  O O   . VAL A 1 111 ? 6.570   -3.442  5.992   1.00 54.08  ? 111 VAL A O   1 
ATOM   783  C CB  . VAL A 1 111 ? 8.257   -2.221  7.643   1.00 61.07  ? 111 VAL A CB  1 
ATOM   784  C CG1 . VAL A 1 111 ? 8.617   -1.424  8.876   1.00 65.03  ? 111 VAL A CG1 1 
ATOM   785  C CG2 . VAL A 1 111 ? 9.339   -2.223  6.582   1.00 61.45  ? 111 VAL A CG2 1 
ATOM   786  N N   . GLU A 1 112 ? 6.826   -5.531  6.771   1.00 54.71  ? 112 GLU A N   1 
ATOM   787  C CA  . GLU A 1 112 ? 6.017   -6.158  5.719   1.00 52.42  ? 112 GLU A CA  1 
ATOM   788  C C   . GLU A 1 112 ? 4.557   -5.698  5.763   1.00 48.02  ? 112 GLU A C   1 
ATOM   789  O O   . GLU A 1 112 ? 3.982   -5.300  4.741   1.00 47.71  ? 112 GLU A O   1 
ATOM   790  C CB  . GLU A 1 112 ? 6.071   -7.674  5.846   1.00 53.21  ? 112 GLU A CB  1 
ATOM   791  C CG  . GLU A 1 112 ? 7.401   -8.367  6.102   1.00 67.39  ? 112 GLU A CG  1 
ATOM   792  C CD  . GLU A 1 112 ? 7.544   -8.723  7.577   1.00 76.54  ? 112 GLU A CD  1 
ATOM   793  O OE1 . GLU A 1 112 ? 7.339   -9.916  7.905   1.00 81.25  ? 112 GLU A OE1 1 
ATOM   794  O OE2 . GLU A 1 112 ? 7.836   -7.811  8.373   1.00 72.06  ? 112 GLU A OE2 1 
ATOM   795  N N   . MET A 1 113 ? 3.966   -5.637  6.959   1.00 45.86  ? 113 MET A N   1 
ATOM   796  C CA  . MET A 1 113 ? 2.565   -5.216  7.081   1.00 44.08  ? 113 MET A CA  1 
ATOM   797  C C   . MET A 1 113 ? 2.371   -3.740  6.754   1.00 48.88  ? 113 MET A C   1 
ATOM   798  O O   . MET A 1 113 ? 1.323   -3.369  6.199   1.00 46.26  ? 113 MET A O   1 
ATOM   799  C CB  . MET A 1 113 ? 1.996   -5.527  8.457   1.00 47.18  ? 113 MET A CB  1 
ATOM   800  C CG  . MET A 1 113 ? 1.918   -6.999  8.821   1.00 53.41  ? 113 MET A CG  1 
ATOM   801  S SD  . MET A 1 113 ? 1.448   -8.094  7.468   1.00 52.11  ? 113 MET A SD  1 
ATOM   802  C CE  . MET A 1 113 ? -0.213  -7.524  7.129   1.00 52.17  ? 113 MET A CE  1 
ATOM   803  N N   . GLU A 1 114 ? 3.333   -2.889  7.103   1.00 48.31  ? 114 GLU A N   1 
ATOM   804  C CA  . GLU A 1 114 ? 3.236   -1.466  6.791   1.00 47.20  ? 114 GLU A CA  1 
ATOM   805  C C   . GLU A 1 114 ? 3.227   -1.273  5.273   1.00 46.39  ? 114 GLU A C   1 
ATOM   806  O O   . GLU A 1 114 ? 2.463   -0.447  4.782   1.00 45.75  ? 114 GLU A O   1 
ATOM   807  C CB  . GLU A 1 114 ? 4.376   -0.647  7.398   1.00 44.01  ? 114 GLU A CB  1 
ATOM   808  C CG  . GLU A 1 114 ? 4.345   -0.506  8.916   1.00 51.67  ? 114 GLU A CG  1 
ATOM   809  C CD  . GLU A 1 114 ? 4.556   -1.797  9.682   1.00 56.88  ? 114 GLU A CD  1 
ATOM   810  O OE1 . GLU A 1 114 ? 5.155   -2.749  9.129   1.00 52.21  ? 114 GLU A OE1 1 
ATOM   811  O OE2 . GLU A 1 114 ? 4.092   -1.878  10.834  1.00 60.66  ? 114 GLU A OE2 1 
ATOM   812  N N   . ALA A 1 115 ? 4.097   -1.978  4.545   1.00 44.22  ? 115 ALA A N   1 
ATOM   813  C CA  . ALA A 1 115 ? 4.106   -1.840  3.082   1.00 47.47  ? 115 ALA A CA  1 
ATOM   814  C C   . ALA A 1 115 ? 2.812   -2.370  2.466   1.00 46.03  ? 115 ALA A C   1 
ATOM   815  O O   . ALA A 1 115 ? 2.240   -1.765  1.550   1.00 42.91  ? 115 ALA A O   1 
ATOM   816  C CB  . ALA A 1 115 ? 5.323   -2.555  2.508   1.00 48.71  ? 115 ALA A CB  1 
ATOM   817  N N   . LEU A 1 116 ? 2.310   -3.492  2.977   1.00 42.85  ? 116 LEU A N   1 
ATOM   818  C CA  . LEU A 1 116 ? 1.076   -4.092  2.475   1.00 50.21  ? 116 LEU A CA  1 
ATOM   819  C C   . LEU A 1 116 ? -0.135  -3.204  2.748   1.00 46.82  ? 116 LEU A C   1 
ATOM   820  O O   . LEU A 1 116 ? -1.039  -3.056  1.915   1.00 45.96  ? 116 LEU A O   1 
ATOM   821  C CB  . LEU A 1 116 ? 0.859   -5.484  3.089   1.00 41.79  ? 116 LEU A CB  1 
ATOM   822  C CG  . LEU A 1 116 ? 1.813   -6.590  2.627   1.00 52.99  ? 116 LEU A CG  1 
ATOM   823  C CD1 . LEU A 1 116 ? 1.713   -7.798  3.558   1.00 49.17  ? 116 LEU A CD1 1 
ATOM   824  C CD2 . LEU A 1 116 ? 1.509   -6.959  1.180   1.00 45.24  ? 116 LEU A CD2 1 
ATOM   825  N N   . THR A 1 117 ? -0.166  -2.617  3.938   1.00 44.85  ? 117 THR A N   1 
ATOM   826  C CA  . THR A 1 117 ? -1.269  -1.739  4.347   1.00 46.79  ? 117 THR A CA  1 
ATOM   827  C C   . THR A 1 117 ? -1.262  -0.449  3.534   1.00 46.05  ? 117 THR A C   1 
ATOM   828  O O   . THR A 1 117 ? -2.309  0.000   3.065   1.00 42.34  ? 117 THR A O   1 
ATOM   829  C CB  . THR A 1 117 ? -1.216  -1.427  5.852   1.00 47.10  ? 117 THR A CB  1 
ATOM   830  O OG1 . THR A 1 117 ? -1.370  -2.644  6.604   1.00 45.40  ? 117 THR A OG1 1 
ATOM   831  C CG2 . THR A 1 117 ? -2.362  -0.491  6.277   1.00 42.95  ? 117 THR A CG2 1 
ATOM   832  N N   . ALA A 1 118 ? -0.076  0.112   3.270   1.00 43.20  ? 118 ALA A N   1 
ATOM   833  C CA  . ALA A 1 118 ? -0.007  1.333   2.456   1.00 40.40  ? 118 ALA A CA  1 
ATOM   834  C C   . ALA A 1 118 ? -0.490  1.027   1.038   1.00 46.66  ? 118 ALA A C   1 
ATOM   835  O O   . ALA A 1 118 ? -1.212  1.830   0.470   1.00 44.71  ? 118 ALA A O   1 
ATOM   836  C CB  . ALA A 1 118 ? 1.408   1.891   2.373   1.00 43.23  ? 118 ALA A CB  1 
ATOM   837  N N   . ALA A 1 119 ? -0.133  -0.145  0.497   1.00 43.37  ? 119 ALA A N   1 
ATOM   838  C CA  . ALA A 1 119 ? -0.583  -0.498  -0.853  1.00 46.80  ? 119 ALA A CA  1 
ATOM   839  C C   . ALA A 1 119 ? -2.081  -0.726  -0.892  1.00 46.35  ? 119 ALA A C   1 
ATOM   840  O O   . ALA A 1 119 ? -2.754  -0.254  -1.812  1.00 45.13  ? 119 ALA A O   1 
ATOM   841  C CB  . ALA A 1 119 ? 0.170   -1.739  -1.338  1.00 46.10  ? 119 ALA A CB  1 
ATOM   842  N N   . SER A 1 120 ? -2.644  -1.367  0.134   1.00 44.34  ? 120 SER A N   1 
ATOM   843  C CA  . SER A 1 120 ? -4.075  -1.641  0.184   1.00 44.70  ? 120 SER A CA  1 
ATOM   844  C C   . SER A 1 120 ? -4.930  -0.388  0.268   1.00 44.42  ? 120 SER A C   1 
ATOM   845  O O   . SER A 1 120 ? -5.972  -0.238  -0.372  1.00 43.85  ? 120 SER A O   1 
ATOM   846  C CB  . SER A 1 120 ? -4.389  -2.564  1.367   1.00 43.34  ? 120 SER A CB  1 
ATOM   847  O OG  . SER A 1 120 ? -3.719  -3.806  1.238   1.00 44.09  ? 120 SER A OG  1 
ATOM   848  N N   . VAL A 1 121 ? -4.519  0.559   1.142   1.00 42.00  ? 121 VAL A N   1 
ATOM   849  C CA  . VAL A 1 121 ? -5.254  1.805   1.318   1.00 42.13  ? 121 VAL A CA  1 
ATOM   850  C C   . VAL A 1 121 ? -5.113  2.735   0.127   1.00 41.94  ? 121 VAL A C   1 
ATOM   851  O O   . VAL A 1 121 ? -6.076  3.403   -0.277  1.00 42.61  ? 121 VAL A O   1 
ATOM   852  C CB  . VAL A 1 121 ? -4.855  2.513   2.638   1.00 42.64  ? 121 VAL A CB  1 
ATOM   853  C CG1 . VAL A 1 121 ? -5.549  3.845   2.846   1.00 41.18  ? 121 VAL A CG1 1 
ATOM   854  C CG2 . VAL A 1 121 ? -5.152  1.566   3.795   1.00 38.21  ? 121 VAL A CG2 1 
ATOM   855  N N   . ALA A 1 122 ? -3.942  2.799   -0.496  1.00 52.95  ? 122 ALA A N   1 
ATOM   856  C CA  . ALA A 1 122 ? -3.796  3.503   -1.776  1.00 47.92  ? 122 ALA A CA  1 
ATOM   857  C C   . ALA A 1 122 ? -4.792  2.972   -2.807  1.00 46.78  ? 122 ALA A C   1 
ATOM   858  O O   . ALA A 1 122 ? -5.515  3.692   -3.515  1.00 45.97  ? 122 ALA A O   1 
ATOM   859  C CB  . ALA A 1 122 ? -2.374  3.368   -2.293  1.00 47.28  ? 122 ALA A CB  1 
ATOM   860  N N   . ALA A 1 123 ? -4.856  1.636   -2.952  1.00 47.05  ? 123 ALA A N   1 
ATOM   861  C CA  . ALA A 1 123 ? -5.814  0.973   -3.824  1.00 43.14  ? 123 ALA A CA  1 
ATOM   862  C C   . ALA A 1 123 ? -7.251  1.272   -3.462  1.00 47.42  ? 123 ALA A C   1 
ATOM   863  O O   . ALA A 1 123 ? -8.070  1.583   -4.336  1.00 49.01  ? 123 ALA A O   1 
ATOM   864  C CB  . ALA A 1 123 ? -5.581  -0.532  -3.826  1.00 47.40  ? 123 ALA A CB  1 
ATOM   865  N N   . LEU A 1 124 ? -7.596  1.265   -2.161  1.00 44.73  ? 124 LEU A N   1 
ATOM   866  C CA  . LEU A 1 124 ? -8.955  1.657   -1.778  1.00 41.67  ? 124 LEU A CA  1 
ATOM   867  C C   . LEU A 1 124 ? -9.307  3.090   -2.163  1.00 44.34  ? 124 LEU A C   1 
ATOM   868  O O   . LEU A 1 124 ? -10.469 3.421   -2.445  1.00 43.33  ? 124 LEU A O   1 
ATOM   869  C CB  . LEU A 1 124 ? -9.154  1.459   -0.268  1.00 46.75  ? 124 LEU A CB  1 
ATOM   870  C CG  . LEU A 1 124 ? -9.246  -0.008  0.194   1.00 46.91  ? 124 LEU A CG  1 
ATOM   871  C CD1 . LEU A 1 124 ? -8.955  -0.121  1.689   1.00 43.04  ? 124 LEU A CD1 1 
ATOM   872  C CD2 . LEU A 1 124 ? -10.616 -0.609  -0.109  1.00 45.95  ? 124 LEU A CD2 1 
ATOM   873  N N   . THR A 1 125 ? -8.362  4.017   -2.034  1.00 45.03  ? 125 THR A N   1 
ATOM   874  C CA  . THR A 1 125 ? -8.540  5.426   -2.370  1.00 46.07  ? 125 THR A CA  1 
ATOM   875  C C   . THR A 1 125 ? -8.744  5.620   -3.872  1.00 43.96  ? 125 THR A C   1 
ATOM   876  O O   . THR A 1 125 ? -9.631  6.405   -4.211  1.00 47.51  ? 125 THR A O   1 
ATOM   877  C CB  . THR A 1 125 ? -7.353  6.253   -1.845  1.00 52.18  ? 125 THR A CB  1 
ATOM   878  O OG1 . THR A 1 125 ? -7.290  5.998   -0.421  1.00 45.94  ? 125 THR A OG1 1 
ATOM   879  C CG2 . THR A 1 125 ? -7.495  7.756   -2.049  1.00 44.05  ? 125 THR A CG2 1 
ATOM   880  N N   . ILE A 1 126 ? -8.024  4.882   -4.707  1.00 44.70  ? 126 ILE A N   1 
ATOM   881  C CA  . ILE A 1 126 ? -8.228  4.933   -6.155  1.00 54.92  ? 126 ILE A CA  1 
ATOM   882  C C   . ILE A 1 126 ? -9.672  4.504   -6.425  1.00 54.64  ? 126 ILE A C   1 
ATOM   883  O O   . ILE A 1 126 ? -10.449 5.157   -7.121  1.00 52.68  ? 126 ILE A O   1 
ATOM   884  C CB  . ILE A 1 126 ? -7.313  3.977   -6.947  1.00 54.54  ? 126 ILE A CB  1 
ATOM   885  C CG1 . ILE A 1 126 ? -5.822  4.241   -6.804  1.00 53.39  ? 126 ILE A CG1 1 
ATOM   886  C CG2 . ILE A 1 126 ? -7.711  3.944   -8.424  1.00 58.87  ? 126 ILE A CG2 1 
ATOM   887  C CD1 . ILE A 1 126 ? -5.222  5.452   -7.457  1.00 55.34  ? 126 ILE A CD1 1 
ATOM   888  N N   . TYR A 1 127 ? -10.078 3.402   -5.784  1.00 51.01  ? 127 TYR A N   1 
ATOM   889  C CA  . TYR A 1 127 ? -11.440 2.900   -5.891  1.00 51.60  ? 127 TYR A CA  1 
ATOM   890  C C   . TYR A 1 127 ? -12.431 4.000   -5.539  1.00 55.87  ? 127 TYR A C   1 
ATOM   891  O O   . TYR A 1 127 ? -13.348 4.317   -6.313  1.00 52.07  ? 127 TYR A O   1 
ATOM   892  C CB  . TYR A 1 127 ? -11.661 1.685   -4.981  1.00 55.70  ? 127 TYR A CB  1 
ATOM   893  C CG  . TYR A 1 127 ? -12.902 0.880   -5.285  1.00 55.68  ? 127 TYR A CG  1 
ATOM   894  C CD1 . TYR A 1 127 ? -12.811 -0.356  -5.908  1.00 56.66  ? 127 TYR A CD1 1 
ATOM   895  C CD2 . TYR A 1 127 ? -14.160 1.338   -4.948  1.00 49.86  ? 127 TYR A CD2 1 
ATOM   896  C CE1 . TYR A 1 127 ? -13.937 -1.103  -6.197  1.00 60.90  ? 127 TYR A CE1 1 
ATOM   897  C CE2 . TYR A 1 127 ? -15.303 0.615   -5.230  1.00 56.02  ? 127 TYR A CE2 1 
ATOM   898  C CZ  . TYR A 1 127 ? -15.179 -0.609  -5.859  1.00 60.07  ? 127 TYR A CZ  1 
ATOM   899  O OH  . TYR A 1 127 ? -16.310 -1.339  -6.132  1.00 64.01  ? 127 TYR A OH  1 
ATOM   900  N N   . ASP A 1 128 ? -12.251 4.600   -4.363  1.00 48.49  ? 128 ASP A N   1 
ATOM   901  C CA  . ASP A 1 128 ? -13.127 5.671   -3.919  1.00 58.30  ? 128 ASP A CA  1 
ATOM   902  C C   . ASP A 1 128 ? -13.265 6.805   -4.935  1.00 53.53  ? 128 ASP A C   1 
ATOM   903  O O   . ASP A 1 128 ? -14.353 7.367   -5.079  1.00 54.08  ? 128 ASP A O   1 
ATOM   904  C CB  . ASP A 1 128 ? -12.601 6.292   -2.611  1.00 52.66  ? 128 ASP A CB  1 
ATOM   905  C CG  . ASP A 1 128 ? -13.612 7.268   -2.039  1.00 55.31  ? 128 ASP A CG  1 
ATOM   906  O OD1 . ASP A 1 128 ? -14.758 6.876   -1.745  1.00 50.07  ? 128 ASP A OD1 1 
ATOM   907  O OD2 . ASP A 1 128 ? -13.234 8.446   -1.876  1.00 53.54  ? 128 ASP A OD2 1 
ATOM   908  N N   . MET A 1 129 ? -12.154 7.246   -5.534  1.00 53.44  ? 129 MET A N   1 
ATOM   909  C CA  . MET A 1 129 ? -12.201 8.403   -6.415  1.00 53.31  ? 129 MET A CA  1 
ATOM   910  C C   . MET A 1 129 ? -12.884 8.071   -7.749  1.00 59.51  ? 129 MET A C   1 
ATOM   911  O O   . MET A 1 129 ? -13.250 9.000   -8.471  1.00 67.50  ? 129 MET A O   1 
ATOM   912  C CB  A MET A 1 129 ? -10.805 8.912   -6.761  0.50 53.19  ? 129 MET A CB  1 
ATOM   913  C CB  B MET A 1 129 ? -10.789 8.937   -6.661  0.50 51.82  ? 129 MET A CB  1 
ATOM   914  C CG  A MET A 1 129 ? -9.685  8.893   -5.772  0.50 58.51  ? 129 MET A CG  1 
ATOM   915  C CG  B MET A 1 129 ? -10.036 9.250   -5.380  0.50 54.76  ? 129 MET A CG  1 
ATOM   916  S SD  A MET A 1 129 ? -9.451  10.365  -4.781  0.50 49.06  ? 129 MET A SD  1 
ATOM   917  S SD  B MET A 1 129 ? -10.626 10.720  -4.529  0.50 49.20  ? 129 MET A SD  1 
ATOM   918  C CE  A MET A 1 129 ? -9.191  11.619  -6.028  0.50 59.10  ? 129 MET A CE  1 
ATOM   919  C CE  B MET A 1 129 ? -9.702  11.995  -5.381  0.50 49.11  ? 129 MET A CE  1 
ATOM   920  N N   . CYS A 1 130 ? -12.950 6.796   -8.105  1.00 53.92  ? 130 CYS A N   1 
ATOM   921  C CA  . CYS A 1 130 ? -13.524 6.361   -9.375  1.00 64.45  ? 130 CYS A CA  1 
ATOM   922  C C   . CYS A 1 130 ? -14.867 5.662   -9.272  1.00 62.83  ? 130 CYS A C   1 
ATOM   923  O O   . CYS A 1 130 ? -15.567 5.451   -10.263 1.00 67.94  ? 130 CYS A O   1 
ATOM   924  C CB  . CYS A 1 130 ? -12.476 5.457   -10.042 1.00 55.83  ? 130 CYS A CB  1 
ATOM   925  S SG  . CYS A 1 130 ? -10.925 6.303   -10.435 1.00 59.61  ? 130 CYS A SG  1 
ATOM   926  N N   . LYS A 1 131 ? -15.315 5.372   -8.061  1.00 66.51  ? 131 LYS A N   1 
ATOM   927  C CA  . LYS A 1 131 ? -16.562 4.698   -7.764  1.00 69.20  ? 131 LYS A CA  1 
ATOM   928  C C   . LYS A 1 131 ? -17.738 5.051   -8.663  1.00 72.90  ? 131 LYS A C   1 
ATOM   929  O O   . LYS A 1 131 ? -18.326 4.199   -9.332  1.00 71.51  ? 131 LYS A O   1 
ATOM   930  C CB  . LYS A 1 131 ? -16.978 5.073   -6.337  1.00 66.20  ? 131 LYS A CB  1 
ATOM   931  C CG  . LYS A 1 131 ? -16.882 3.986   -5.296  1.00 69.13  ? 131 LYS A CG  1 
ATOM   932  C CD  . LYS A 1 131 ? -16.831 4.615   -3.911  1.00 70.49  ? 131 LYS A CD  1 
ATOM   933  C CE  . LYS A 1 131 ? -17.934 5.622   -3.664  1.00 66.89  ? 131 LYS A CE  1 
ATOM   934  N NZ  . LYS A 1 131 ? -17.626 6.494   -2.498  1.00 77.69  ? 131 LYS A NZ  1 
ATOM   935  N N   . ALA A 1 132 ? -18.142 6.318   -8.675  1.00 70.85  ? 132 ALA A N   1 
ATOM   936  C CA  . ALA A 1 132 ? -19.261 6.797   -9.477  1.00 74.26  ? 132 ALA A CA  1 
ATOM   937  C C   . ALA A 1 132 ? -19.265 6.358   -10.930 1.00 69.80  ? 132 ALA A C   1 
ATOM   938  O O   . ALA A 1 132 ? -20.316 6.055   -11.505 1.00 70.22  ? 132 ALA A O   1 
ATOM   939  C CB  . ALA A 1 132 ? -19.304 8.321   -9.367  1.00 70.72  ? 132 ALA A CB  1 
ATOM   940  N N   . VAL A 1 133 ? -18.125 6.298   -11.590 1.00 55.48  ? 133 VAL A N   1 
ATOM   941  C CA  . VAL A 1 133 ? -17.936 5.886   -12.963 1.00 67.97  ? 133 VAL A CA  1 
ATOM   942  C C   . VAL A 1 133 ? -17.990 4.395   -13.233 1.00 71.81  ? 133 VAL A C   1 
ATOM   943  O O   . VAL A 1 133 ? -18.386 4.053   -14.357 1.00 67.21  ? 133 VAL A O   1 
ATOM   944  C CB  . VAL A 1 133 ? -16.576 6.452   -13.444 1.00 68.11  ? 133 VAL A CB  1 
ATOM   945  C CG1 . VAL A 1 133 ? -16.026 5.889   -14.730 1.00 63.24  ? 133 VAL A CG1 1 
ATOM   946  C CG2 . VAL A 1 133 ? -16.785 7.966   -13.580 1.00 66.05  ? 133 VAL A CG2 1 
ATOM   947  N N   . GLN A 1 134 ? -17.592 3.541   -12.306 1.00 68.57  ? 134 GLN A N   1 
ATOM   948  C CA  . GLN A 1 134 ? -17.576 2.097   -12.497 1.00 62.87  ? 134 GLN A CA  1 
ATOM   949  C C   . GLN A 1 134 ? -17.812 1.370   -11.173 1.00 69.91  ? 134 GLN A C   1 
ATOM   950  O O   . GLN A 1 134 ? -17.136 1.602   -10.160 1.00 61.35  ? 134 GLN A O   1 
ATOM   951  C CB  . GLN A 1 134 ? -16.247 1.658   -13.099 1.00 61.62  ? 134 GLN A CB  1 
ATOM   952  C CG  . GLN A 1 134 ? -16.147 0.168   -13.369 1.00 62.17  ? 134 GLN A CG  1 
ATOM   953  C CD  . GLN A 1 134 ? -14.919 -0.186  -14.176 1.00 59.01  ? 134 GLN A CD  1 
ATOM   954  O OE1 . GLN A 1 134 ? -14.233 0.732   -14.635 1.00 64.90  ? 134 GLN A OE1 1 
ATOM   955  N NE2 . GLN A 1 134 ? -14.662 -1.473  -14.386 1.00 58.69  ? 134 GLN A NE2 1 
ATOM   956  N N   . LYS A 1 135 ? -18.792 0.471   -11.211 1.00 63.79  ? 135 LYS A N   1 
ATOM   957  C CA  . LYS A 1 135 ? -19.241 -0.210  -10.005 1.00 68.47  ? 135 LYS A CA  1 
ATOM   958  C C   . LYS A 1 135 ? -18.616 -1.578  -9.793  1.00 63.80  ? 135 LYS A C   1 
ATOM   959  O O   . LYS A 1 135 ? -18.869 -2.220  -8.770  1.00 68.10  ? 135 LYS A O   1 
ATOM   960  C CB  . LYS A 1 135 ? -20.773 -0.295  -10.047 1.00 77.10  ? 135 LYS A CB  1 
ATOM   961  C CG  . LYS A 1 135 ? -21.426 -1.458  -10.765 1.00 77.70  ? 135 LYS A CG  1 
ATOM   962  C CD  . LYS A 1 135 ? -21.132 -1.446  -12.244 1.00 82.36  ? 135 LYS A CD  1 
ATOM   963  C CE  . LYS A 1 135 ? -21.363 -2.773  -12.938 1.00 90.39  ? 135 LYS A CE  1 
ATOM   964  N NZ  . LYS A 1 135 ? -22.682 -2.851  -13.623 1.00 87.62  ? 135 LYS A NZ  1 
ATOM   965  N N   . ASP A 1 136 ? -17.810 -2.048  -10.737 1.00 64.39  ? 136 ASP A N   1 
ATOM   966  C CA  . ASP A 1 136 ? -17.233 -3.383  -10.641 1.00 63.93  ? 136 ASP A CA  1 
ATOM   967  C C   . ASP A 1 136 ? -15.721 -3.381  -10.767 1.00 57.18  ? 136 ASP A C   1 
ATOM   968  O O   . ASP A 1 136 ? -15.132 -4.309  -11.327 1.00 56.72  ? 136 ASP A O   1 
ATOM   969  C CB  . ASP A 1 136 ? -17.878 -4.305  -11.687 1.00 65.57  ? 136 ASP A CB  1 
ATOM   970  C CG  . ASP A 1 136 ? -17.736 -3.769  -13.097 1.00 73.10  ? 136 ASP A CG  1 
ATOM   971  O OD1 . ASP A 1 136 ? -17.429 -2.577  -13.291 1.00 64.08  ? 136 ASP A OD1 1 
ATOM   972  O OD2 . ASP A 1 136 ? -17.919 -4.554  -14.057 1.00 80.70  ? 136 ASP A OD2 1 
ATOM   973  N N   . MET A 1 137 ? -15.070 -2.329  -10.261 1.00 57.79  ? 137 MET A N   1 
ATOM   974  C CA  . MET A 1 137 ? -13.606 -2.323  -10.276 1.00 54.47  ? 137 MET A CA  1 
ATOM   975  C C   . MET A 1 137 ? -13.161 -3.412  -9.300  1.00 54.62  ? 137 MET A C   1 
ATOM   976  O O   . MET A 1 137 ? -13.926 -3.856  -8.440  1.00 54.40  ? 137 MET A O   1 
ATOM   977  C CB  . MET A 1 137 ? -13.014 -0.981  -9.869  1.00 63.89  ? 137 MET A CB  1 
ATOM   978  C CG  . MET A 1 137 ? -13.296 0.141   -10.872 1.00 55.18  ? 137 MET A CG  1 
ATOM   979  S SD  . MET A 1 137 ? -12.601 1.693   -10.274 1.00 54.42  ? 137 MET A SD  1 
ATOM   980  C CE  . MET A 1 137 ? -13.801 2.097   -9.015  1.00 49.50  ? 137 MET A CE  1 
ATOM   981  N N   . VAL A 1 138 ? -12.015 -4.017  -9.572  1.00 59.61  ? 138 VAL A N   1 
ATOM   982  C CA  . VAL A 1 138 ? -11.504 -5.076  -8.717  1.00 56.11  ? 138 VAL A CA  1 
ATOM   983  C C   . VAL A 1 138 ? -10.121 -4.697  -8.190  1.00 54.88  ? 138 VAL A C   1 
ATOM   984  O O   . VAL A 1 138 ? -9.227  -4.304  -8.936  1.00 52.96  ? 138 VAL A O   1 
ATOM   985  C CB  . VAL A 1 138 ? -11.458 -6.421  -9.463  1.00 56.34  ? 138 VAL A CB  1 
ATOM   986  C CG1 . VAL A 1 138 ? -10.870 -7.498  -8.558  1.00 54.35  ? 138 VAL A CG1 1 
ATOM   987  C CG2 . VAL A 1 138 ? -12.835 -6.861  -9.949  1.00 52.03  ? 138 VAL A CG2 1 
ATOM   988  N N   . ILE A 1 139 ? -9.921  -4.903  -6.885  1.00 54.67  ? 139 ILE A N   1 
ATOM   989  C CA  . ILE A 1 139 ? -8.600  -4.667  -6.302  1.00 46.60  ? 139 ILE A CA  1 
ATOM   990  C C   . ILE A 1 139 ? -7.895  -6.014  -6.170  1.00 51.63  ? 139 ILE A C   1 
ATOM   991  O O   . ILE A 1 139 ? -8.434  -6.968  -5.597  1.00 52.65  ? 139 ILE A O   1 
ATOM   992  C CB  . ILE A 1 139 ? -8.735  -4.014  -4.915  1.00 52.60  ? 139 ILE A CB  1 
ATOM   993  C CG1 . ILE A 1 139 ? -9.243  -2.571  -5.026  1.00 51.92  ? 139 ILE A CG1 1 
ATOM   994  C CG2 . ILE A 1 139 ? -7.413  -4.063  -4.161  1.00 48.09  ? 139 ILE A CG2 1 
ATOM   995  C CD1 . ILE A 1 139 ? -9.708  -2.047  -3.667  1.00 56.39  ? 139 ILE A CD1 1 
ATOM   996  N N   . GLY A 1 140 ? -6.663  -6.091  -6.639  1.00 53.01  ? 140 GLY A N   1 
ATOM   997  C CA  . GLY A 1 140 ? -5.857  -7.290  -6.490  1.00 53.34  ? 140 GLY A CA  1 
ATOM   998  C C   . GLY A 1 140 ? -5.097  -7.633  -7.769  1.00 59.32  ? 140 GLY A C   1 
ATOM   999  O O   . GLY A 1 140 ? -5.408  -7.179  -8.864  1.00 60.58  ? 140 GLY A O   1 
ATOM   1000 N N   . PRO A 1 141 ? -4.031  -8.397  -7.598  1.00 55.61  ? 141 PRO A N   1 
ATOM   1001 C CA  . PRO A 1 141 ? -3.593  -8.908  -6.316  1.00 54.93  ? 141 PRO A CA  1 
ATOM   1002 C C   . PRO A 1 141 ? -2.858  -7.885  -5.462  1.00 53.51  ? 141 PRO A C   1 
ATOM   1003 O O   . PRO A 1 141 ? -2.370  -6.841  -5.898  1.00 58.39  ? 141 PRO A O   1 
ATOM   1004 C CB  . PRO A 1 141 ? -2.606  -10.062 -6.628  1.00 56.26  ? 141 PRO A CB  1 
ATOM   1005 C CG  . PRO A 1 141 ? -2.030  -9.532  -7.930  1.00 63.11  ? 141 PRO A CG  1 
ATOM   1006 C CD  . PRO A 1 141 ? -3.155  -8.857  -8.689  1.00 61.40  ? 141 PRO A CD  1 
ATOM   1007 N N   . VAL A 1 142 ? -2.727  -8.189  -4.187  1.00 52.08  ? 142 VAL A N   1 
ATOM   1008 C CA  . VAL A 1 142 ? -2.008  -7.412  -3.199  1.00 52.82  ? 142 VAL A CA  1 
ATOM   1009 C C   . VAL A 1 142 ? -0.981  -8.338  -2.530  1.00 52.30  ? 142 VAL A C   1 
ATOM   1010 O O   . VAL A 1 142 ? -1.380  -9.336  -1.924  1.00 52.96  ? 142 VAL A O   1 
ATOM   1011 C CB  . VAL A 1 142 ? -2.936  -6.824  -2.118  1.00 48.87  ? 142 VAL A CB  1 
ATOM   1012 C CG1 . VAL A 1 142 ? -2.109  -5.920  -1.209  1.00 50.34  ? 142 VAL A CG1 1 
ATOM   1013 C CG2 . VAL A 1 142 ? -4.093  -6.030  -2.699  1.00 51.64  ? 142 VAL A CG2 1 
ATOM   1014 N N   . ARG A 1 143 ? 0.314   -8.063  -2.679  1.00 50.65  ? 143 ARG A N   1 
ATOM   1015 C CA  . ARG A 1 143 ? 1.311   -8.997  -2.180  1.00 55.51  ? 143 ARG A CA  1 
ATOM   1016 C C   . ARG A 1 143 ? 2.670   -8.331  -2.015  1.00 51.55  ? 143 ARG A C   1 
ATOM   1017 O O   . ARG A 1 143 ? 2.920   -7.241  -2.526  1.00 51.33  ? 143 ARG A O   1 
ATOM   1018 C CB  A ARG A 1 143 ? 1.453   -10.194 -3.135  0.60 59.94  ? 143 ARG A CB  1 
ATOM   1019 C CB  B ARG A 1 143 ? 1.446   -10.203 -3.123  0.40 59.50  ? 143 ARG A CB  1 
ATOM   1020 C CG  A ARG A 1 143 ? 2.146   -9.818  -4.437  0.60 65.51  ? 143 ARG A CG  1 
ATOM   1021 C CG  B ARG A 1 143 ? 1.970   -9.780  -4.485  0.40 64.98  ? 143 ARG A CG  1 
ATOM   1022 C CD  A ARG A 1 143 ? 1.837   -10.819 -5.543  0.60 66.47  ? 143 ARG A CD  1 
ATOM   1023 C CD  B ARG A 1 143 ? 2.649   -10.938 -5.209  0.40 66.68  ? 143 ARG A CD  1 
ATOM   1024 N NE  A ARG A 1 143 ? 2.277   -10.281 -6.833  0.60 67.40  ? 143 ARG A NE  1 
ATOM   1025 N NE  B ARG A 1 143 ? 3.748   -10.392 -6.000  0.40 70.79  ? 143 ARG A NE  1 
ATOM   1026 C CZ  A ARG A 1 143 ? 1.743   -10.600 -8.006  0.60 72.11  ? 143 ARG A CZ  1 
ATOM   1027 C CZ  B ARG A 1 143 ? 4.192   -10.829 -7.164  0.40 70.65  ? 143 ARG A CZ  1 
ATOM   1028 N NH1 A ARG A 1 143 ? 0.732   -11.456 -8.072  0.60 68.29  ? 143 ARG A NH1 1 
ATOM   1029 N NH1 B ARG A 1 143 ? 3.628   -11.870 -7.753  0.40 70.19  ? 143 ARG A NH1 1 
ATOM   1030 N NH2 A ARG A 1 143 ? 2.209   -10.045 -9.120  0.60 71.39  ? 143 ARG A NH2 1 
ATOM   1031 N NH2 B ARG A 1 143 ? 5.207   -10.210 -7.756  0.40 69.28  ? 143 ARG A NH2 1 
ATOM   1032 N N   . LEU A 1 144 ? 3.539   -9.059  -1.331  1.00 51.97  ? 144 LEU A N   1 
ATOM   1033 C CA  . LEU A 1 144 ? 4.884   -8.550  -1.088  1.00 58.49  ? 144 LEU A CA  1 
ATOM   1034 C C   . LEU A 1 144 ? 5.733   -8.758  -2.337  1.00 63.77  ? 144 LEU A C   1 
ATOM   1035 O O   . LEU A 1 144 ? 5.463   -9.673  -3.121  1.00 59.90  ? 144 LEU A O   1 
ATOM   1036 C CB  . LEU A 1 144 ? 5.534   -9.307  0.067   1.00 60.57  ? 144 LEU A CB  1 
ATOM   1037 C CG  . LEU A 1 144 ? 6.213   -8.509  1.173   1.00 70.49  ? 144 LEU A CG  1 
ATOM   1038 C CD1 . LEU A 1 144 ? 5.529   -7.176  1.416   1.00 60.15  ? 144 LEU A CD1 1 
ATOM   1039 C CD2 . LEU A 1 144 ? 6.104   -9.361  2.435   1.00 70.63  ? 144 LEU A CD2 1 
ATOM   1040 N N   . LEU A 1 145 ? 6.749   -7.928  -2.505  1.00 63.99  ? 145 LEU A N   1 
ATOM   1041 C CA  . LEU A 1 145 ? 7.653   -8.084  -3.642  1.00 75.06  ? 145 LEU A CA  1 
ATOM   1042 C C   . LEU A 1 145 ? 9.003   -8.479  -3.032  1.00 80.28  ? 145 LEU A C   1 
ATOM   1043 O O   . LEU A 1 145 ? 9.715   -9.377  -3.443  1.00 81.27  ? 145 LEU A O   1 
ATOM   1044 C CB  . LEU A 1 145 ? 7.816   -6.829  -4.485  1.00 74.97  ? 145 LEU A CB  1 
ATOM   1045 C CG  . LEU A 1 145 ? 6.582   -6.335  -5.244  1.00 78.40  ? 145 LEU A CG  1 
ATOM   1046 C CD1 . LEU A 1 145 ? 6.872   -4.953  -5.835  1.00 77.84  ? 145 LEU A CD1 1 
ATOM   1047 C CD2 . LEU A 1 145 ? 6.235   -7.309  -6.367  1.00 77.26  ? 145 LEU A CD2 1 
ATOM   1048 N N   . ALA A 1 146 ? 9.316   -7.736  -1.967  1.00 86.69  ? 146 ALA A N   1 
ATOM   1049 C CA  . ALA A 1 146 ? 10.553  -7.903  -1.231  1.00 86.88  ? 146 ALA A CA  1 
ATOM   1050 C C   . ALA A 1 146 ? 10.399  -7.538  0.242   1.00 91.36  ? 146 ALA A C   1 
ATOM   1051 O O   . ALA A 1 146 ? 9.567   -6.706  0.608   1.00 77.27  ? 146 ALA A O   1 
ATOM   1052 C CB  . ALA A 1 146 ? 11.627  -7.001  -1.851  1.00 87.57  ? 146 ALA A CB  1 
ATOM   1053 N N   . LYS A 1 147 ? 11.231  -8.166  1.069   1.00 98.38  ? 147 LYS A N   1 
ATOM   1054 C CA  . LYS A 1 147 ? 11.266  -7.922  2.507   1.00 100.25 ? 147 LYS A CA  1 
ATOM   1055 C C   . LYS A 1 147 ? 12.683  -8.192  3.028   1.00 102.92 ? 147 LYS A C   1 
ATOM   1056 O O   . LYS A 1 147 ? 13.351  -9.143  2.617   1.00 99.63  ? 147 LYS A O   1 
ATOM   1057 C CB  . LYS A 1 147 ? 10.214  -8.729  3.248   1.00 98.20  ? 147 LYS A CB  1 
ATOM   1058 C CG  . LYS A 1 147 ? 10.585  -10.076 3.821   1.00 98.84  ? 147 LYS A CG  1 
ATOM   1059 C CD  . LYS A 1 147 ? 10.740  -10.020 5.333   1.00 101.50 ? 147 LYS A CD  1 
ATOM   1060 C CE  . LYS A 1 147 ? 11.453  -11.260 5.852   1.00 101.56 ? 147 LYS A CE  1 
ATOM   1061 N NZ  . LYS A 1 147 ? 12.927  -11.177 5.659   1.00 98.74  ? 147 LYS A NZ  1 
ATOM   1062 N N   . SER A 1 148 ? 13.158  -7.336  3.925   1.00 105.70 ? 148 SER A N   1 
ATOM   1063 C CA  . SER A 1 148 ? 14.493  -7.464  4.504   1.00 109.09 ? 148 SER A CA  1 
ATOM   1064 C C   . SER A 1 148 ? 14.605  -6.604  5.760   1.00 110.34 ? 148 SER A C   1 
ATOM   1065 O O   . SER A 1 148 ? 15.387  -5.632  5.799   1.00 110.76 ? 148 SER A O   1 
ATOM   1066 C CB  . SER A 1 148 ? 15.565  -7.096  3.477   1.00 110.44 ? 148 SER A CB  1 
ATOM   1067 O OG  . SER A 1 148 ? 16.871  -7.342  3.967   1.00 113.82 ? 148 SER A OG  1 
ATOM   1068 N N   . SER A 1 152 ? 17.662  -13.893 6.878   1.00 109.63 ? 152 SER A N   1 
ATOM   1069 C CA  . SER A 1 152 ? 17.527  -13.883 5.388   1.00 113.04 ? 152 SER A CA  1 
ATOM   1070 C C   . SER A 1 152 ? 16.380  -12.983 4.947   1.00 114.13 ? 152 SER A C   1 
ATOM   1071 O O   . SER A 1 152 ? 16.152  -11.928 5.557   1.00 116.74 ? 152 SER A O   1 
ATOM   1072 C CB  . SER A 1 152 ? 17.421  -15.315 4.869   1.00 112.66 ? 152 SER A CB  1 
ATOM   1073 O OG  . SER A 1 152 ? 16.846  -16.200 5.811   1.00 114.22 ? 152 SER A OG  1 
ATOM   1074 N N   . GLY A 1 153 ? 15.661  -13.360 3.895   1.00 112.94 ? 153 GLY A N   1 
ATOM   1075 C CA  . GLY A 1 153 ? 14.555  -12.556 3.403   1.00 113.22 ? 153 GLY A CA  1 
ATOM   1076 C C   . GLY A 1 153 ? 14.194  -12.917 1.966   1.00 113.92 ? 153 GLY A C   1 
ATOM   1077 O O   . GLY A 1 153 ? 14.781  -13.819 1.372   1.00 113.60 ? 153 GLY A O   1 
ATOM   1078 N N   . ASP A 1 154 ? 13.216  -12.195 1.431   1.00 115.60 ? 154 ASP A N   1 
ATOM   1079 C CA  . ASP A 1 154 ? 12.753  -12.419 0.062   1.00 115.14 ? 154 ASP A CA  1 
ATOM   1080 C C   . ASP A 1 154 ? 12.969  -11.163 -0.780  1.00 115.20 ? 154 ASP A C   1 
ATOM   1081 O O   . ASP A 1 154 ? 12.999  -10.051 -0.251  1.00 113.72 ? 154 ASP A O   1 
ATOM   1082 C CB  . ASP A 1 154 ? 11.281  -12.787 0.089   1.00 114.19 ? 154 ASP A CB  1 
ATOM   1083 C CG  . ASP A 1 154 ? 10.948  -14.093 -0.584  1.00 113.74 ? 154 ASP A CG  1 
ATOM   1084 O OD1 . ASP A 1 154 ? 11.501  -15.131 -0.159  1.00 117.30 ? 154 ASP A OD1 1 
ATOM   1085 O OD2 . ASP A 1 154 ? 10.134  -14.091 -1.529  1.00 111.38 ? 154 ASP A OD2 1 
ATOM   1086 N N   . PHE A 1 155 ? 13.115  -11.353 -2.088  1.00 116.24 ? 155 PHE A N   1 
ATOM   1087 C CA  . PHE A 1 155 ? 13.357  -10.239 -3.000  1.00 116.64 ? 155 PHE A CA  1 
ATOM   1088 C C   . PHE A 1 155 ? 12.641  -10.405 -4.335  1.00 117.12 ? 155 PHE A C   1 
ATOM   1089 O O   . PHE A 1 155 ? 12.073  -11.454 -4.654  1.00 114.92 ? 155 PHE A O   1 
ATOM   1090 C CB  . PHE A 1 155 ? 14.872  -10.079 -3.212  1.00 114.69 ? 155 PHE A CB  1 
ATOM   1091 C CG  . PHE A 1 155 ? 15.266  -8.776  -3.849  1.00 114.14 ? 155 PHE A CG  1 
ATOM   1092 C CD1 . PHE A 1 155 ? 14.983  -7.581  -3.207  1.00 114.09 ? 155 PHE A CD1 1 
ATOM   1093 C CD2 . PHE A 1 155 ? 15.901  -8.741  -5.077  1.00 114.55 ? 155 PHE A CD2 1 
ATOM   1094 C CE1 . PHE A 1 155 ? 15.324  -6.371  -3.780  1.00 116.28 ? 155 PHE A CE1 1 
ATOM   1095 C CE2 . PHE A 1 155 ? 16.250  -7.535  -5.657  1.00 114.53 ? 155 PHE A CE2 1 
ATOM   1096 C CZ  . PHE A 1 155 ? 15.962  -6.348  -5.008  1.00 116.67 ? 155 PHE A CZ  1 
ATOM   1097 N N   . LYS A 1 156 ? 12.559  -9.313  -5.092  1.00 117.65 ? 156 LYS A N   1 
ATOM   1098 C CA  . LYS A 1 156 ? 11.942  -9.299  -6.408  1.00 117.50 ? 156 LYS A CA  1 
ATOM   1099 C C   . LYS A 1 156 ? 12.427  -8.089  -7.214  1.00 118.39 ? 156 LYS A C   1 
ATOM   1100 O O   . LYS A 1 156 ? 12.469  -8.224  -8.457  1.00 119.26 ? 156 LYS A O   1 
ATOM   1101 C CB  . LYS A 1 156 ? 10.426  -9.325  -6.334  1.00 115.07 ? 156 LYS A CB  1 
HETATM 1102 O O   . HOH B 2 .   ? -16.200 -3.837  -7.001  1.00 53.43  ? 162 HOH A O   1 
HETATM 1103 O O   . HOH B 2 .   ? -8.785  -2.454  12.602  1.00 46.94  ? 163 HOH A O   1 
HETATM 1104 O O   . HOH B 2 .   ? -7.437  -6.017  -9.918  1.00 60.80  ? 164 HOH A O   1 
HETATM 1105 O O   . HOH B 2 .   ? -3.026  -9.144  14.095  1.00 47.11  ? 165 HOH A O   1 
HETATM 1106 O O   . HOH B 2 .   ? -0.800  8.644   9.638   1.00 51.65  ? 166 HOH A O   1 
HETATM 1107 O O   . HOH B 2 .   ? -17.089 7.976   -0.515  1.00 82.97  ? 167 HOH A O   1 
HETATM 1108 O O   . HOH B 2 .   ? -12.514 7.080   -22.865 1.00 69.57  ? 168 HOH A O   1 
HETATM 1109 O O   . HOH B 2 .   ? 5.132   -6.290  9.618   1.00 61.99  ? 169 HOH A O   1 
HETATM 1110 O O   . HOH B 2 .   ? 4.767   -12.181 -2.540  1.00 65.95  ? 170 HOH A O   1 
HETATM 1111 O O   . HOH B 2 .   ? -10.404 -1.891  -23.313 1.00 74.90  ? 171 HOH A O   1 
HETATM 1112 O O   . HOH B 2 .   ? 10.921  -5.857  6.489   1.00 67.50  ? 172 HOH A O   1 
HETATM 1113 O O   . HOH B 2 .   ? -22.191 -1.392  -16.422 1.00 72.39  ? 173 HOH A O   1 
HETATM 1114 O O   . HOH B 2 .   ? -15.963 -2.865  -24.536 1.00 95.41  ? 174 HOH A O   1 
HETATM 1115 O O   . HOH B 2 .   ? 5.106   -7.080  -10.686 1.00 62.73  ? 175 HOH A O   1 
HETATM 1116 O O   . HOH B 2 .   ? -13.273 -3.483  -15.671 1.00 69.58  ? 176 HOH A O   1 
HETATM 1117 O O   . HOH B 2 .   ? 5.835   8.475   -2.132  1.00 63.36  ? 177 HOH A O   1 
HETATM 1118 O O   . HOH B 2 .   ? -12.808 8.785   -20.839 1.00 71.51  ? 178 HOH A O   1 
HETATM 1119 O O   . HOH B 2 .   ? 7.884   -14.167 14.494  1.00 82.20  ? 179 HOH A O   1 
HETATM 1120 O O   . HOH B 2 .   ? 4.758   4.244   12.463  1.00 68.52  ? 180 HOH A O   1 
HETATM 1121 O O   . HOH B 2 .   ? 2.858   5.775   14.427  1.00 64.79  ? 181 HOH A O   1 
HETATM 1122 O O   . HOH B 2 .   ? 21.852  -13.538 3.844   1.00 83.85  ? 182 HOH A O   1 
HETATM 1123 O O   . HOH B 2 .   ? 2.955   1.495   11.765  1.00 65.51  ? 183 HOH A O   1 
HETATM 1124 O O   . HOH B 2 .   ? -16.222 8.671   -7.159  1.00 74.51  ? 184 HOH A O   1 
HETATM 1125 O O   . HOH B 2 .   ? -18.085 9.695   -2.354  1.00 72.05  ? 185 HOH A O   1 
HETATM 1126 O O   . HOH B 2 .   ? -8.235  -8.511  -10.970 1.00 76.16  ? 186 HOH A O   1 
HETATM 1127 O O   . HOH B 2 .   ? -24.486 -6.155  -17.772 1.00 75.01  ? 187 HOH A O   1 
HETATM 1128 O O   . HOH B 2 .   ? 22.387  -1.608  8.553   1.00 80.66  ? 188 HOH A O   1 
HETATM 1129 O O   . HOH B 2 .   ? 16.161  7.610   -0.058  1.00 85.95  ? 189 HOH A O   1 
HETATM 1130 O O   . HOH B 2 .   ? -10.689 16.772  -18.994 1.00 91.48  ? 190 HOH A O   1 
HETATM 1131 O O   . HOH B 2 .   ? -5.093  -16.430 24.674  1.00 82.35  ? 191 HOH A O   1 
HETATM 1132 O O   . HOH B 2 .   ? -2.561  10.633  -13.145 1.00 75.70  ? 192 HOH A O   1 
HETATM 1133 O O   . HOH B 2 .   ? -12.521 -1.052  -21.049 1.00 80.24  ? 193 HOH A O   1 
HETATM 1134 O O   . HOH B 2 .   ? -7.527  3.948   -20.592 1.00 88.40  ? 194 HOH A O   1 
HETATM 1135 O O   . HOH B 2 .   ? 7.700   -15.871 17.988  1.00 86.52  ? 195 HOH A O   1 
HETATM 1136 O O   . HOH B 2 .   ? 12.442  -11.185 21.818  1.00 91.51  ? 196 HOH A O   1 
HETATM 1137 O O   . HOH B 2 .   ? -9.737  -20.034 22.112  1.00 82.89  ? 197 HOH A O   1 
HETATM 1138 O O   . HOH B 2 .   ? -10.466 -10.947 -10.256 1.00 89.57  ? 198 HOH A O   1 
HETATM 1139 O O   . HOH B 2 .   ? 1.386   -8.078  -14.727 1.00 88.06  ? 199 HOH A O   1 
HETATM 1140 O O   . HOH B 2 .   ? -22.079 -2.748  -6.991  1.00 96.28  ? 200 HOH A O   1 
HETATM 1141 O O   . HOH B 2 .   ? 0.859   6.797   -14.647 1.00 69.72  ? 201 HOH A O   1 
HETATM 1142 O O   . HOH B 2 .   ? -15.876 3.427   -17.389 1.00 59.41  ? 202 HOH A O   1 
# 
